data_8R3G
#
_entry.id   8R3G
#
_cell.length_a   1.00
_cell.length_b   1.00
_cell.length_c   1.00
_cell.angle_alpha   90.00
_cell.angle_beta   90.00
_cell.angle_gamma   90.00
#
_symmetry.space_group_name_H-M   'P 1'
#
loop_
_entity.id
_entity.type
_entity.pdbx_description
1 polymer 'Central glycolytic genes regulator'
2 polymer 'operator DNA'
3 polymer 'operator DNA'
#
loop_
_entity_poly.entity_id
_entity_poly.type
_entity_poly.pdbx_seq_one_letter_code
_entity_poly.pdbx_strand_id
1 'polypeptide(L)'
;GIDPFT(MSE)NQLIQAQKKLLPDLLLV(MSE)QKRFEILQYIRLTEPIGRRSLSASLGISERVLRGEVQFLKEQNLVDI
KTNG(MSE)TLTEEGYELLSVLEDT(MSE)KDVLGLTLLEKTLKERLNLKDAIIVSGDSDQSPWVKKE(MSE)GRAAVAC
(MSE)KKRFSGKNIVAVTGGTTIEAVAE(MSE)(MSE)TPDSKNRELLFVPARGGLGEDVKNQANTICAH(MSE)AEKAS
GTYRLLFVPGQLSQGAYSSIIEEPSVKEVLNTIKSAS(MSE)LVHGIGEAKT(MSE)AQRRNTPLEDLKKIDDNDAVTEA
FGYYFNADGEVVHKVHSVG(MSE)QLDDIDAIPDIIAVAGGSSKAEAIEAYFKKPRNTVLVTDEGAAKKLLRDE
;
C,A,B,D
2 'polydeoxyribonucleotide'
;(DT)(DT)(DG)(DC)(DT)(DG)(DG)(DA)(DC)(DA)(DT)(DT)(DA)(DT)(DA)(DT)(DG)(DT)(DC)(DC)
(DC)(DG)(DC)(DT)(DA)(DT)(DG)(DA)(DC)(DA)(DA)(DA)(DA)(DA)(DA)(DC)(DG)(DT)(DC)(DC)
(DC)(DG)(DT)(DC)(DA)
;
F
3 'polydeoxyribonucleotide'
;(DT)(DG)(DA)(DC)(DG)(DG)(DG)(DA)(DC)(DG)(DT)(DT)(DT)(DT)(DT)(DT)(DG)(DT)(DC)(DA)
(DT)(DA)(DG)(DC)(DG)(DG)(DG)(DA)(DC)(DA)(DT)(DA)(DT)(DA)(DA)(DT)(DG)(DT)(DC)(DC)
(DA)(DG)(DC)(DA)(DA)
;
E
#
# COMPACT_ATOMS: atom_id res chain seq x y z
N ASN A 8 -17.98 -36.00 3.30
CA ASN A 8 -17.04 -37.00 2.83
C ASN A 8 -17.73 -37.85 1.77
N GLN A 9 -19.02 -38.10 1.89
CA GLN A 9 -19.76 -38.89 0.89
C GLN A 9 -19.79 -38.12 -0.43
N LEU A 10 -20.10 -36.83 -0.40
CA LEU A 10 -20.10 -35.95 -1.60
C LEU A 10 -18.74 -36.03 -2.29
N ILE A 11 -17.67 -35.82 -1.53
CA ILE A 11 -16.27 -35.78 -2.09
C ILE A 11 -15.93 -37.11 -2.74
N GLN A 12 -16.34 -38.23 -2.15
CA GLN A 12 -15.96 -39.57 -2.68
C GLN A 12 -16.73 -39.79 -3.99
N ALA A 13 -18.02 -39.43 -4.04
CA ALA A 13 -18.85 -39.50 -5.26
C ALA A 13 -18.23 -38.62 -6.37
N GLN A 14 -17.77 -37.40 -6.02
CA GLN A 14 -17.13 -36.46 -6.99
C GLN A 14 -15.87 -37.10 -7.56
N LYS A 15 -15.09 -37.79 -6.73
CA LYS A 15 -13.83 -38.43 -7.20
C LYS A 15 -14.13 -39.52 -8.24
N LYS A 16 -15.30 -40.16 -8.22
CA LYS A 16 -15.66 -41.23 -9.19
C LYS A 16 -16.39 -40.67 -10.42
N LEU A 17 -17.30 -39.73 -10.23
CA LEU A 17 -18.19 -39.22 -11.30
C LEU A 17 -17.53 -38.04 -12.05
N LEU A 18 -16.67 -37.26 -11.40
CA LEU A 18 -16.17 -35.97 -11.95
C LEU A 18 -14.65 -35.82 -11.87
N PRO A 19 -13.82 -36.86 -12.04
CA PRO A 19 -12.38 -36.67 -11.92
C PRO A 19 -11.82 -35.69 -12.97
N ASP A 20 -12.42 -35.62 -14.17
CA ASP A 20 -12.00 -34.66 -15.23
C ASP A 20 -12.21 -33.23 -14.69
N LEU A 21 -13.37 -32.97 -14.11
CA LEU A 21 -13.67 -31.65 -13.48
C LEU A 21 -12.75 -31.43 -12.26
N LEU A 22 -12.44 -32.47 -11.48
CA LEU A 22 -11.56 -32.27 -10.30
C LEU A 22 -10.15 -31.87 -10.75
N LEU A 23 -9.71 -32.35 -11.90
CA LEU A 23 -8.36 -32.03 -12.44
C LEU A 23 -8.28 -30.56 -12.82
N VAL A 24 -9.26 -30.06 -13.55
CA VAL A 24 -9.33 -28.61 -13.90
C VAL A 24 -9.29 -27.78 -12.62
N GLN A 26 -8.16 -28.50 -9.63
CA GLN A 26 -6.87 -28.54 -8.96
C GLN A 26 -5.86 -27.65 -9.69
N LYS A 27 -5.80 -27.70 -11.03
CA LYS A 27 -4.86 -26.84 -11.80
C LYS A 27 -5.16 -25.37 -11.49
N ARG A 28 -6.43 -24.97 -11.48
CA ARG A 28 -6.78 -23.54 -11.21
C ARG A 28 -6.45 -23.18 -9.75
N PHE A 29 -6.65 -24.11 -8.83
CA PHE A 29 -6.31 -23.91 -7.40
C PHE A 29 -4.80 -23.73 -7.27
N GLU A 30 -3.98 -24.50 -8.01
CA GLU A 30 -2.50 -24.39 -7.99
C GLU A 30 -2.08 -22.99 -8.47
N ILE A 31 -2.75 -22.47 -9.49
CA ILE A 31 -2.46 -21.09 -9.99
C ILE A 31 -2.68 -20.09 -8.85
N LEU A 32 -3.79 -20.20 -8.13
CA LEU A 32 -4.10 -19.27 -7.00
C LEU A 32 -3.02 -19.38 -5.92
N GLN A 33 -2.58 -20.60 -5.56
CA GLN A 33 -1.52 -20.82 -4.53
C GLN A 33 -0.22 -20.13 -4.96
N TYR A 34 0.14 -20.24 -6.23
CA TYR A 34 1.46 -19.69 -6.64
C TYR A 34 1.34 -18.17 -6.73
N ILE A 35 0.15 -17.66 -7.07
CA ILE A 35 -0.01 -16.18 -7.05
C ILE A 35 0.09 -15.69 -5.60
N ARG A 36 -0.48 -16.43 -4.64
CA ARG A 36 -0.45 -16.00 -3.21
C ARG A 36 1.00 -15.86 -2.78
N LEU A 37 1.84 -16.79 -3.21
CA LEU A 37 3.28 -16.86 -2.84
C LEU A 37 4.06 -15.71 -3.48
N THR A 38 3.78 -15.34 -4.73
CA THR A 38 4.70 -14.49 -5.53
C THR A 38 4.08 -13.17 -5.98
N GLU A 39 2.83 -12.88 -5.65
CA GLU A 39 2.19 -11.63 -6.16
C GLU A 39 3.02 -10.41 -5.78
N PRO A 40 3.00 -9.32 -6.58
CA PRO A 40 2.45 -9.35 -7.93
C PRO A 40 3.38 -10.10 -8.89
N ILE A 41 2.80 -10.89 -9.80
CA ILE A 41 3.58 -11.68 -10.80
C ILE A 41 2.84 -11.62 -12.13
N GLY A 42 3.59 -11.62 -13.23
CA GLY A 42 3.01 -11.50 -14.59
C GLY A 42 3.00 -12.85 -15.26
N ARG A 43 2.31 -12.94 -16.39
CA ARG A 43 1.99 -14.24 -17.03
C ARG A 43 3.28 -14.94 -17.52
N ARG A 44 4.30 -14.20 -17.92
CA ARG A 44 5.58 -14.80 -18.38
C ARG A 44 6.28 -15.50 -17.21
N SER A 45 6.49 -14.80 -16.09
CA SER A 45 7.14 -15.40 -14.89
C SER A 45 6.27 -16.51 -14.29
N LEU A 46 4.98 -16.29 -14.12
CA LEU A 46 4.08 -17.33 -13.55
C LEU A 46 4.03 -18.59 -14.46
N SER A 47 3.93 -18.47 -15.79
CA SER A 47 3.90 -19.65 -16.69
C SER A 47 5.23 -20.43 -16.56
N ALA A 48 6.37 -19.74 -16.55
CA ALA A 48 7.70 -20.37 -16.37
C ALA A 48 7.75 -21.10 -15.03
N SER A 49 7.30 -20.47 -13.95
CA SER A 49 7.28 -21.03 -12.57
C SER A 49 6.46 -22.34 -12.55
N LEU A 50 5.28 -22.35 -13.16
CA LEU A 50 4.55 -23.62 -13.44
C LEU A 50 5.19 -24.28 -14.66
N GLY A 51 4.76 -25.46 -15.07
CA GLY A 51 5.43 -26.08 -16.22
C GLY A 51 4.67 -25.84 -17.51
N ILE A 52 3.96 -24.72 -17.64
CA ILE A 52 2.94 -24.57 -18.73
C ILE A 52 3.27 -23.38 -19.61
N SER A 53 2.71 -23.37 -20.81
CA SER A 53 2.96 -22.28 -21.77
C SER A 53 2.23 -21.01 -21.31
N GLU A 54 2.77 -19.87 -21.69
CA GLU A 54 2.19 -18.52 -21.43
C GLU A 54 0.73 -18.54 -21.90
N ARG A 55 0.45 -19.12 -23.06
CA ARG A 55 -0.88 -19.02 -23.69
C ARG A 55 -1.91 -19.82 -22.87
N VAL A 56 -1.54 -21.00 -22.38
CA VAL A 56 -2.42 -21.86 -21.52
C VAL A 56 -2.69 -21.10 -20.22
N LEU A 57 -1.66 -20.58 -19.58
CA LEU A 57 -1.83 -19.80 -18.33
C LEU A 57 -2.81 -18.64 -18.60
N ARG A 58 -2.67 -17.99 -19.74
CA ARG A 58 -3.40 -16.72 -20.01
C ARG A 58 -4.90 -17.03 -20.10
N GLY A 59 -5.26 -18.16 -20.70
CA GLY A 59 -6.62 -18.72 -20.69
C GLY A 59 -7.14 -18.93 -19.26
N GLU A 60 -6.40 -19.62 -18.40
CA GLU A 60 -6.81 -19.89 -16.99
C GLU A 60 -6.93 -18.57 -16.21
N VAL A 61 -5.96 -17.69 -16.36
CA VAL A 61 -5.92 -16.43 -15.56
C VAL A 61 -7.12 -15.55 -15.99
N GLN A 62 -7.52 -15.62 -17.25
CA GLN A 62 -8.64 -14.76 -17.72
C GLN A 62 -9.92 -15.30 -17.07
N PHE A 63 -10.04 -16.63 -16.96
CA PHE A 63 -11.16 -17.27 -16.24
C PHE A 63 -11.18 -16.76 -14.79
N LEU A 64 -10.05 -16.85 -14.09
CA LEU A 64 -9.94 -16.45 -12.66
C LEU A 64 -10.31 -14.97 -12.47
N LYS A 65 -9.91 -14.12 -13.41
CA LYS A 65 -10.28 -12.68 -13.36
C LYS A 65 -11.80 -12.53 -13.49
N GLU A 66 -12.40 -13.21 -14.46
CA GLU A 66 -13.88 -13.20 -14.67
C GLU A 66 -14.61 -13.66 -13.41
N GLN A 67 -14.05 -14.60 -12.61
CA GLN A 67 -14.66 -15.08 -11.35
C GLN A 67 -14.33 -14.16 -10.16
N ASN A 68 -13.59 -13.07 -10.40
CA ASN A 68 -13.20 -12.03 -9.41
C ASN A 68 -12.30 -12.65 -8.34
N LEU A 69 -11.46 -13.59 -8.73
CA LEU A 69 -10.51 -14.25 -7.80
C LEU A 69 -9.13 -13.61 -7.92
N VAL A 70 -8.81 -12.99 -9.05
CA VAL A 70 -7.50 -12.29 -9.24
C VAL A 70 -7.75 -10.92 -9.86
N ASP A 71 -6.87 -9.98 -9.56
CA ASP A 71 -6.83 -8.64 -10.16
C ASP A 71 -5.60 -8.61 -11.06
N ILE A 72 -5.75 -8.04 -12.25
CA ILE A 72 -4.65 -7.89 -13.25
C ILE A 72 -4.36 -6.40 -13.40
N LYS A 73 -3.17 -5.99 -12.95
CA LYS A 73 -2.73 -4.58 -12.98
C LYS A 73 -1.47 -4.48 -13.85
N THR A 74 -1.02 -3.26 -14.10
CA THR A 74 0.14 -2.99 -14.99
C THR A 74 1.37 -3.72 -14.42
N ASN A 75 1.45 -3.98 -13.11
CA ASN A 75 2.61 -4.66 -12.46
C ASN A 75 2.34 -6.16 -12.25
N GLY A 76 1.24 -6.68 -12.76
CA GLY A 76 0.96 -8.15 -12.76
C GLY A 76 -0.29 -8.49 -11.96
N THR A 78 -2.48 -10.10 -8.68
CA THR A 78 -2.67 -10.34 -7.26
C THR A 78 -4.01 -11.02 -6.98
N LEU A 79 -4.18 -11.64 -5.81
CA LEU A 79 -5.48 -12.23 -5.41
C LEU A 79 -6.43 -11.15 -4.94
N THR A 80 -7.70 -11.33 -5.16
CA THR A 80 -8.74 -10.51 -4.54
C THR A 80 -9.02 -11.07 -3.14
N GLU A 81 -9.86 -10.37 -2.39
CA GLU A 81 -10.39 -10.90 -1.11
C GLU A 81 -11.02 -12.27 -1.37
N GLU A 82 -11.89 -12.38 -2.38
CA GLU A 82 -12.57 -13.66 -2.74
C GLU A 82 -11.53 -14.75 -3.03
N GLY A 83 -10.40 -14.43 -3.67
CA GLY A 83 -9.35 -15.41 -3.93
C GLY A 83 -8.71 -15.94 -2.65
N TYR A 84 -8.35 -15.06 -1.72
CA TYR A 84 -7.76 -15.46 -0.41
C TYR A 84 -8.78 -16.33 0.35
N GLU A 85 -10.04 -15.90 0.42
CA GLU A 85 -11.12 -16.66 1.09
C GLU A 85 -11.16 -18.08 0.48
N LEU A 86 -11.23 -18.19 -0.85
CA LEU A 86 -11.38 -19.50 -1.54
C LEU A 86 -10.24 -20.43 -1.14
N LEU A 87 -9.03 -19.92 -1.02
CA LEU A 87 -7.86 -20.77 -0.67
C LEU A 87 -8.07 -21.34 0.73
N SER A 88 -8.63 -20.58 1.69
CA SER A 88 -8.85 -21.06 3.07
C SER A 88 -9.99 -22.09 3.09
N VAL A 89 -11.07 -21.85 2.36
CA VAL A 89 -12.26 -22.77 2.31
C VAL A 89 -11.89 -24.12 1.69
N LEU A 90 -11.10 -24.16 0.62
CA LEU A 90 -10.86 -25.42 -0.11
C LEU A 90 -9.56 -26.10 0.37
N GLU A 91 -8.82 -25.50 1.29
CA GLU A 91 -7.43 -25.94 1.60
C GLU A 91 -7.42 -27.45 1.85
N ASP A 92 -8.27 -27.98 2.75
CA ASP A 92 -8.17 -29.39 3.24
C ASP A 92 -8.68 -30.37 2.18
N THR A 93 -9.86 -30.11 1.61
CA THR A 93 -10.48 -31.03 0.61
C THR A 93 -9.60 -31.14 -0.64
N LYS A 95 -6.45 -31.38 -0.75
CA LYS A 95 -5.37 -32.33 -0.42
C LYS A 95 -5.90 -33.76 -0.51
N ASP A 96 -7.19 -33.96 -0.28
CA ASP A 96 -7.78 -35.32 -0.39
C ASP A 96 -7.57 -35.88 -1.81
N VAL A 97 -7.82 -35.07 -2.84
CA VAL A 97 -7.68 -35.56 -4.24
C VAL A 97 -6.20 -35.48 -4.62
N LEU A 98 -5.43 -34.54 -4.07
CA LEU A 98 -3.97 -34.53 -4.34
C LEU A 98 -3.38 -35.83 -3.79
N GLY A 99 -4.16 -36.60 -3.01
CA GLY A 99 -3.69 -37.89 -2.48
C GLY A 99 -2.81 -37.72 -1.25
N LEU A 100 -2.74 -36.50 -0.71
CA LEU A 100 -1.85 -36.21 0.44
C LEU A 100 -2.44 -36.82 1.73
N THR A 101 -3.77 -36.93 1.82
CA THR A 101 -4.44 -37.43 3.03
C THR A 101 -4.01 -38.88 3.34
N LEU A 102 -4.21 -39.77 2.38
CA LEU A 102 -3.75 -41.16 2.51
C LEU A 102 -2.25 -41.24 2.77
N LEU A 103 -1.48 -40.41 2.08
CA LEU A 103 -0.04 -40.39 2.30
C LEU A 103 0.37 -39.99 3.74
N GLU A 104 -0.22 -38.92 4.26
CA GLU A 104 0.03 -38.49 5.65
C GLU A 104 -0.36 -39.61 6.65
N LYS A 105 -1.46 -40.32 6.39
CA LYS A 105 -1.88 -41.40 7.30
C LYS A 105 -0.82 -42.48 7.37
N THR A 106 -0.22 -42.75 6.22
CA THR A 106 0.71 -43.84 6.12
C THR A 106 2.04 -43.39 6.72
N LEU A 107 2.45 -42.13 6.47
CA LEU A 107 3.71 -41.62 7.00
C LEU A 107 3.71 -41.64 8.53
N LYS A 108 2.55 -41.35 9.11
CA LYS A 108 2.37 -41.44 10.55
C LYS A 108 2.34 -42.90 11.09
N GLU A 109 1.93 -43.88 10.28
CA GLU A 109 2.04 -45.33 10.63
C GLU A 109 3.49 -45.84 10.62
N ARG A 110 4.31 -45.18 9.81
CA ARG A 110 5.67 -45.62 9.52
C ARG A 110 6.65 -44.99 10.51
N LEU A 111 6.53 -43.68 10.69
CA LEU A 111 7.47 -42.96 11.53
C LEU A 111 6.92 -42.71 12.91
N ASN A 112 7.80 -42.32 13.83
CA ASN A 112 7.38 -41.93 15.14
C ASN A 112 6.95 -40.48 15.02
N LEU A 113 5.64 -40.24 14.82
CA LEU A 113 5.11 -38.86 14.56
C LEU A 113 3.81 -38.56 15.29
N LYS A 114 3.72 -37.37 15.87
CA LYS A 114 2.45 -36.93 16.44
C LYS A 114 1.45 -36.66 15.33
N ASP A 115 1.93 -36.10 14.23
CA ASP A 115 1.11 -35.90 13.03
C ASP A 115 2.05 -35.62 11.88
N ALA A 116 1.54 -35.76 10.67
CA ALA A 116 2.29 -35.47 9.47
C ALA A 116 1.50 -34.47 8.63
N ILE A 117 2.21 -33.47 8.11
CA ILE A 117 1.65 -32.47 7.21
C ILE A 117 2.53 -32.49 5.99
N ILE A 118 1.95 -32.85 4.85
CA ILE A 118 2.74 -33.00 3.62
C ILE A 118 2.17 -32.07 2.57
N VAL A 119 3.03 -31.23 2.02
CA VAL A 119 2.68 -30.39 0.88
C VAL A 119 3.14 -31.05 -0.42
N SER A 120 2.51 -30.65 -1.53
CA SER A 120 2.84 -31.17 -2.84
C SER A 120 4.25 -30.81 -3.29
N GLY A 121 4.84 -31.71 -4.07
CA GLY A 121 6.07 -31.42 -4.78
C GLY A 121 7.31 -31.85 -4.07
N ASP A 122 8.44 -31.64 -4.73
CA ASP A 122 9.75 -32.00 -4.22
C ASP A 122 10.58 -30.74 -4.20
N SER A 123 10.88 -30.26 -2.99
CA SER A 123 11.61 -29.01 -2.79
C SER A 123 13.04 -29.05 -3.36
N ASP A 124 13.56 -30.25 -3.63
CA ASP A 124 14.88 -30.36 -4.27
C ASP A 124 14.82 -29.96 -5.74
N GLN A 125 13.64 -30.10 -6.33
CA GLN A 125 13.43 -29.78 -7.75
C GLN A 125 12.78 -28.41 -7.92
N SER A 126 11.87 -28.08 -7.00
CA SER A 126 11.01 -26.90 -7.13
C SER A 126 11.15 -26.02 -5.90
N PRO A 127 12.00 -24.98 -5.98
CA PRO A 127 12.35 -24.18 -4.80
C PRO A 127 11.15 -23.61 -4.01
N TRP A 128 10.12 -23.19 -4.72
CA TRP A 128 8.95 -22.62 -4.07
C TRP A 128 8.27 -23.59 -3.10
N VAL A 129 8.56 -24.89 -3.22
CA VAL A 129 7.96 -25.89 -2.32
C VAL A 129 8.42 -25.61 -0.88
N LYS A 130 9.64 -25.10 -0.70
CA LYS A 130 10.09 -24.69 0.65
C LYS A 130 9.17 -23.63 1.27
N LYS A 131 8.65 -22.74 0.43
CA LYS A 131 7.72 -21.68 0.87
C LYS A 131 6.37 -22.22 1.28
N GLU A 132 5.90 -23.26 0.56
CA GLU A 132 4.64 -23.92 0.95
C GLU A 132 4.79 -24.74 2.24
N GLY A 134 6.80 -23.76 4.55
CA GLY A 134 6.77 -22.59 5.44
C GLY A 134 5.35 -22.20 5.79
N ARG A 135 4.51 -22.01 4.76
CA ARG A 135 3.12 -21.65 4.97
C ARG A 135 2.41 -22.64 5.91
N ALA A 136 2.62 -23.92 5.63
CA ALA A 136 1.95 -24.98 6.37
C ALA A 136 2.42 -25.00 7.83
N ALA A 137 3.71 -24.79 8.03
CA ALA A 137 4.30 -24.80 9.37
C ALA A 137 3.73 -23.65 10.19
N VAL A 138 3.65 -22.45 9.60
CA VAL A 138 3.08 -21.30 10.30
C VAL A 138 1.65 -21.55 10.74
N ALA A 139 0.87 -22.14 9.84
CA ALA A 139 -0.53 -22.41 10.13
C ALA A 139 -0.61 -23.43 11.29
N CYS A 140 0.29 -24.42 11.27
CA CYS A 140 0.37 -25.42 12.34
C CYS A 140 0.76 -24.74 13.67
N LYS A 142 0.23 -21.80 14.63
CA LYS A 142 -0.84 -20.94 15.15
C LYS A 142 -1.94 -21.80 15.74
N LYS A 143 -2.19 -22.99 15.20
CA LYS A 143 -3.17 -23.86 15.85
C LYS A 143 -2.76 -24.35 17.27
N ARG A 144 -1.45 -24.40 17.55
CA ARG A 144 -0.94 -24.91 18.82
C ARG A 144 -0.65 -23.82 19.87
N PHE A 145 -0.62 -22.54 19.47
CA PHE A 145 -0.31 -21.49 20.45
C PHE A 145 -1.27 -21.50 21.64
N SER A 146 -0.72 -21.34 22.85
CA SER A 146 -1.55 -21.02 24.03
C SER A 146 -1.60 -19.49 24.22
N GLY A 147 -2.14 -19.05 25.36
CA GLY A 147 -2.30 -17.62 25.60
C GLY A 147 -0.97 -16.94 25.61
N LYS A 148 0.04 -17.68 26.12
CA LYS A 148 1.41 -17.19 26.20
C LYS A 148 2.36 -18.25 25.67
N ASN A 149 3.38 -17.82 24.93
CA ASN A 149 4.21 -18.74 24.16
C ASN A 149 5.67 -18.30 24.16
N ILE A 150 6.55 -19.26 24.36
CA ILE A 150 8.00 -19.02 24.16
C ILE A 150 8.40 -20.00 23.09
N VAL A 151 8.81 -19.49 21.92
CA VAL A 151 9.04 -20.34 20.76
C VAL A 151 10.52 -20.40 20.45
N ALA A 152 11.12 -21.59 20.58
CA ALA A 152 12.55 -21.75 20.28
C ALA A 152 12.69 -22.17 18.83
N VAL A 153 13.65 -21.59 18.11
CA VAL A 153 13.82 -21.90 16.68
C VAL A 153 15.29 -22.19 16.32
N THR A 154 15.48 -23.03 15.31
CA THR A 154 16.82 -23.28 14.72
C THR A 154 17.06 -22.37 13.50
N GLY A 155 18.25 -22.45 12.91
CA GLY A 155 18.68 -21.43 11.95
C GLY A 155 18.86 -21.78 10.48
N GLY A 156 18.40 -22.95 10.08
CA GLY A 156 18.61 -23.43 8.70
C GLY A 156 17.70 -22.81 7.66
N THR A 157 17.93 -23.10 6.39
CA THR A 157 17.15 -22.43 5.33
C THR A 157 15.68 -22.78 5.26
N THR A 158 15.30 -23.92 5.82
CA THR A 158 13.89 -24.25 5.77
C THR A 158 13.17 -23.47 6.87
N ILE A 159 13.79 -23.38 8.04
CA ILE A 159 13.20 -22.53 9.08
C ILE A 159 13.17 -21.05 8.65
N GLU A 160 14.14 -20.62 7.84
CA GLU A 160 14.10 -19.25 7.29
C GLU A 160 12.81 -19.07 6.47
N ALA A 161 12.43 -20.12 5.74
CA ALA A 161 11.23 -20.09 4.90
C ALA A 161 9.99 -19.99 5.80
N VAL A 162 10.04 -20.59 6.99
CA VAL A 162 8.93 -20.49 7.94
C VAL A 162 8.84 -19.01 8.41
N ALA A 163 9.97 -18.43 8.76
CA ALA A 163 10.01 -17.02 9.16
C ALA A 163 9.45 -16.09 8.09
N GLU A 164 9.83 -16.32 6.84
CA GLU A 164 9.37 -15.48 5.73
C GLU A 164 7.85 -15.52 5.56
N THR A 167 3.06 -14.50 9.78
CA THR A 167 2.15 -13.35 9.85
C THR A 167 1.69 -13.20 11.28
N PRO A 168 1.25 -11.98 11.68
CA PRO A 168 0.69 -11.77 13.01
C PRO A 168 -0.45 -12.73 13.34
N ASP A 169 -0.57 -13.04 14.62
CA ASP A 169 -1.60 -13.98 15.09
C ASP A 169 -2.99 -13.31 15.16
N SER A 170 -3.95 -13.83 14.40
CA SER A 170 -5.32 -13.32 14.45
C SER A 170 -5.88 -13.25 15.89
N LYS A 171 -5.48 -14.21 16.73
CA LYS A 171 -5.94 -14.26 18.12
C LYS A 171 -5.12 -13.38 19.07
N ASN A 172 -4.06 -12.75 18.54
CA ASN A 172 -3.18 -11.88 19.33
C ASN A 172 -2.67 -12.52 20.63
N ARG A 173 -2.23 -13.78 20.52
CA ARG A 173 -1.64 -14.45 21.67
C ARG A 173 -0.25 -13.90 21.90
N GLU A 174 0.28 -14.05 23.12
CA GLU A 174 1.61 -13.47 23.43
C GLU A 174 2.70 -14.39 22.89
N LEU A 175 3.66 -13.83 22.14
CA LEU A 175 4.66 -14.59 21.38
C LEU A 175 6.08 -14.05 21.66
N LEU A 176 6.93 -14.84 22.33
CA LEU A 176 8.35 -14.44 22.49
C LEU A 176 9.16 -15.50 21.79
N PHE A 177 10.08 -15.09 20.91
CA PHE A 177 10.90 -16.03 20.14
C PHE A 177 12.32 -16.04 20.68
N VAL A 178 12.96 -17.21 20.70
CA VAL A 178 14.38 -17.33 21.09
C VAL A 178 15.06 -18.35 20.18
N PRO A 179 16.40 -18.29 20.02
CA PRO A 179 17.15 -19.26 19.21
C PRO A 179 17.68 -20.47 20.00
N ALA A 180 17.08 -21.64 19.82
CA ALA A 180 17.60 -22.85 20.49
C ALA A 180 18.98 -23.23 19.91
N ARG A 181 19.01 -23.38 18.59
CA ARG A 181 20.34 -23.51 17.96
C ARG A 181 20.86 -22.09 18.16
N GLY A 182 22.15 -21.89 18.12
CA GLY A 182 22.64 -20.52 18.41
C GLY A 182 23.12 -20.01 17.06
N GLY A 183 23.66 -20.90 16.22
CA GLY A 183 24.01 -20.49 14.85
C GLY A 183 25.46 -20.64 14.40
N LEU A 184 25.69 -20.61 13.09
CA LEU A 184 27.06 -20.72 12.48
C LEU A 184 26.95 -20.10 11.09
N GLY A 185 28.04 -19.55 10.51
CA GLY A 185 27.88 -18.85 9.23
C GLY A 185 28.31 -19.71 8.05
N LYS A 189 25.09 -16.12 7.95
CA LYS A 189 24.03 -15.14 8.29
C LYS A 189 22.75 -15.87 8.68
N ASN A 190 22.56 -17.11 8.21
CA ASN A 190 21.40 -17.94 8.61
C ASN A 190 21.77 -18.59 9.95
N GLN A 191 21.87 -17.77 11.00
CA GLN A 191 22.14 -18.27 12.36
C GLN A 191 20.79 -18.14 13.04
N ALA A 192 20.50 -18.97 14.01
CA ALA A 192 19.22 -18.98 14.74
C ALA A 192 18.81 -17.60 15.26
N ASN A 193 19.81 -16.79 15.66
CA ASN A 193 19.51 -15.44 16.09
C ASN A 193 18.83 -14.65 14.97
N THR A 194 19.36 -14.71 13.77
CA THR A 194 18.78 -14.02 12.61
C THR A 194 17.34 -14.43 12.36
N ILE A 195 17.12 -15.75 12.33
CA ILE A 195 15.79 -16.33 12.12
C ILE A 195 14.81 -15.91 13.21
N CYS A 196 15.32 -16.08 14.46
CA CYS A 196 14.51 -15.77 15.63
C CYS A 196 13.98 -14.33 15.54
N ALA A 197 14.88 -13.38 15.24
CA ALA A 197 14.48 -11.97 15.11
C ALA A 197 13.48 -11.79 13.96
N HIS A 198 13.77 -12.34 12.78
CA HIS A 198 12.92 -12.16 11.59
C HIS A 198 11.53 -12.70 11.84
N ALA A 200 10.06 -12.95 14.71
CA ALA A 200 9.37 -12.13 15.72
C ALA A 200 8.84 -10.84 15.13
N GLU A 201 9.66 -10.20 14.30
CA GLU A 201 9.21 -9.04 13.56
C GLU A 201 8.00 -9.39 12.68
N LYS A 202 8.05 -10.52 11.99
CA LYS A 202 6.93 -10.90 11.11
C LYS A 202 5.65 -11.21 11.90
N ALA A 203 5.80 -11.74 13.12
CA ALA A 203 4.66 -12.09 13.99
C ALA A 203 4.19 -10.93 14.89
N SER A 204 4.91 -9.81 14.86
CA SER A 204 4.70 -8.71 15.82
C SER A 204 4.84 -9.23 17.27
N GLY A 205 5.79 -10.13 17.46
CA GLY A 205 6.13 -10.62 18.78
C GLY A 205 7.40 -9.95 19.27
N THR A 206 7.92 -10.53 20.34
CA THR A 206 9.21 -10.05 20.89
C THR A 206 10.20 -11.20 20.75
N TYR A 207 11.46 -10.93 21.01
CA TYR A 207 12.51 -11.94 20.96
C TYR A 207 13.66 -11.62 21.90
N ARG A 208 14.39 -12.70 22.25
CA ARG A 208 15.63 -12.60 23.08
C ARG A 208 16.72 -13.30 22.26
N LEU A 209 18.01 -12.99 22.44
CA LEU A 209 19.16 -13.46 21.59
C LEU A 209 20.40 -13.90 22.41
N LEU A 210 21.42 -14.43 21.73
CA LEU A 210 22.63 -15.14 22.28
C LEU A 210 23.82 -14.92 21.32
N PHE A 211 24.92 -15.65 21.56
CA PHE A 211 26.18 -15.50 20.79
C PHE A 211 26.30 -16.71 19.83
N VAL A 212 27.23 -16.72 18.86
CA VAL A 212 27.24 -17.95 18.02
C VAL A 212 28.14 -18.99 18.68
N PRO A 213 27.64 -20.16 19.09
CA PRO A 213 28.49 -21.11 19.77
C PRO A 213 29.61 -21.62 18.86
N GLY A 214 29.33 -22.15 17.66
CA GLY A 214 30.33 -22.83 16.81
C GLY A 214 30.85 -24.08 17.49
N GLN A 215 32.16 -24.33 17.42
CA GLN A 215 32.75 -25.47 18.17
C GLN A 215 33.82 -24.89 19.10
N LEU A 216 33.74 -25.19 20.40
CA LEU A 216 34.69 -24.62 21.39
C LEU A 216 34.84 -25.57 22.57
N SER A 217 35.80 -25.30 23.46
CA SER A 217 35.96 -26.13 24.68
C SER A 217 34.71 -26.01 25.55
N GLN A 218 34.30 -27.09 26.20
CA GLN A 218 33.08 -27.09 27.06
C GLN A 218 33.27 -26.07 28.18
N GLY A 219 34.49 -25.95 28.72
CA GLY A 219 34.75 -25.01 29.82
C GLY A 219 34.46 -23.57 29.41
N ALA A 220 34.80 -23.20 28.17
CA ALA A 220 34.48 -21.83 27.69
C ALA A 220 32.95 -21.64 27.67
N TYR A 221 32.21 -22.64 27.18
CA TYR A 221 30.73 -22.55 27.21
C TYR A 221 30.25 -22.45 28.65
N SER A 222 30.85 -23.23 29.56
CA SER A 222 30.40 -23.25 30.98
C SER A 222 30.56 -21.86 31.61
N SER A 223 31.64 -21.16 31.28
CA SER A 223 31.81 -19.77 31.79
C SER A 223 30.67 -18.90 31.27
N ILE A 224 30.30 -19.04 29.97
CA ILE A 224 29.17 -18.26 29.38
C ILE A 224 27.89 -18.67 30.11
N ILE A 225 27.71 -19.98 30.35
CA ILE A 225 26.51 -20.49 31.11
C ILE A 225 26.51 -19.92 32.54
N GLU A 226 27.67 -19.85 33.21
CA GLU A 226 27.75 -19.31 34.59
C GLU A 226 27.31 -17.84 34.61
N GLU A 227 27.34 -17.10 33.49
CA GLU A 227 27.06 -15.63 33.49
C GLU A 227 25.58 -15.25 33.66
N PRO A 228 25.26 -14.18 34.43
CA PRO A 228 23.88 -13.75 34.71
C PRO A 228 22.92 -13.27 33.60
N SER A 229 23.25 -12.21 32.85
CA SER A 229 22.31 -11.67 31.82
C SER A 229 22.21 -12.80 30.79
N VAL A 230 23.25 -13.62 30.70
CA VAL A 230 23.26 -14.78 29.80
C VAL A 230 22.36 -15.89 30.34
N LYS A 231 22.48 -16.14 31.64
CA LYS A 231 21.70 -17.17 32.30
C LYS A 231 20.21 -16.93 32.10
N GLU A 232 19.79 -15.66 32.11
CA GLU A 232 18.39 -15.31 31.92
C GLU A 232 17.87 -15.77 30.56
N VAL A 233 18.67 -15.57 29.50
CA VAL A 233 18.26 -16.07 28.18
C VAL A 233 18.27 -17.61 28.12
N LEU A 234 19.28 -18.24 28.70
CA LEU A 234 19.25 -19.72 28.76
C LEU A 234 18.06 -20.29 29.53
N ASN A 235 17.66 -19.64 30.61
CA ASN A 235 16.50 -20.10 31.36
C ASN A 235 15.22 -19.90 30.56
N THR A 236 15.21 -18.89 29.70
CA THR A 236 14.04 -18.66 28.85
C THR A 236 13.93 -19.76 27.83
N ILE A 237 15.07 -20.12 27.21
CA ILE A 237 15.10 -21.24 26.30
C ILE A 237 14.65 -22.53 27.01
N LYS A 238 15.07 -22.73 28.25
CA LYS A 238 14.62 -23.94 29.01
C LYS A 238 13.10 -23.95 29.22
N SER A 239 12.50 -22.76 29.22
CA SER A 239 11.05 -22.64 29.43
C SER A 239 10.25 -22.67 28.13
N ALA A 240 10.91 -22.90 27.01
CA ALA A 240 10.20 -22.96 25.72
C ALA A 240 8.92 -23.81 25.73
N SER A 241 7.85 -23.23 25.20
CA SER A 241 6.61 -23.94 25.00
C SER A 241 6.51 -24.59 23.63
N LEU A 243 9.12 -25.74 20.08
CA LEU A 243 10.39 -25.79 19.32
C LEU A 243 10.09 -25.97 17.87
N VAL A 244 10.71 -25.17 16.99
CA VAL A 244 10.54 -25.30 15.54
C VAL A 244 11.92 -25.52 15.01
N HIS A 245 12.14 -26.69 14.42
CA HIS A 245 13.49 -27.06 14.00
C HIS A 245 13.58 -27.74 12.64
N GLY A 246 14.75 -27.72 12.01
CA GLY A 246 14.97 -28.43 10.76
C GLY A 246 15.59 -29.79 11.02
N ILE A 247 15.71 -30.56 9.94
CA ILE A 247 16.40 -31.85 9.96
C ILE A 247 17.31 -31.84 8.74
N GLY A 248 18.58 -32.16 8.96
CA GLY A 248 19.56 -32.15 7.89
C GLY A 248 20.27 -33.49 7.68
N GLU A 249 20.88 -33.65 6.51
CA GLU A 249 21.86 -34.75 6.28
C GLU A 249 23.10 -34.49 7.14
N ALA A 250 23.62 -35.51 7.81
CA ALA A 250 24.74 -35.28 8.72
C ALA A 250 26.01 -34.77 8.03
N LYS A 251 26.40 -35.40 6.94
CA LYS A 251 27.67 -35.02 6.29
C LYS A 251 27.59 -33.59 5.78
N THR A 252 26.43 -33.23 5.23
CA THR A 252 26.20 -31.88 4.69
C THR A 252 26.33 -30.82 5.78
N ALA A 254 27.84 -31.18 8.79
CA ALA A 254 29.18 -31.15 9.40
C ALA A 254 30.21 -30.44 8.52
N GLN A 255 30.10 -30.61 7.20
CA GLN A 255 31.03 -29.95 6.25
C GLN A 255 30.69 -28.46 6.10
N ARG A 256 29.41 -28.09 6.20
CA ARG A 256 28.97 -26.68 6.09
C ARG A 256 29.53 -25.83 7.25
N ARG A 257 29.53 -26.43 8.46
CA ARG A 257 30.08 -25.85 9.66
C ARG A 257 31.62 -25.93 9.61
N ASN A 258 32.30 -25.35 10.60
CA ASN A 258 33.77 -25.51 10.64
C ASN A 258 34.12 -26.70 11.54
N THR A 259 33.55 -27.89 11.27
CA THR A 259 33.82 -29.07 12.11
C THR A 259 35.29 -29.46 12.20
N PRO A 260 35.84 -29.57 13.42
CA PRO A 260 37.21 -30.06 13.65
C PRO A 260 37.40 -31.41 12.97
N LEU A 261 38.59 -31.66 12.43
CA LEU A 261 38.90 -32.92 11.78
C LEU A 261 38.71 -34.12 12.69
N GLU A 262 39.12 -34.01 13.96
CA GLU A 262 38.79 -35.05 14.95
C GLU A 262 37.28 -35.40 15.04
N ASP A 263 36.42 -34.39 14.96
CA ASP A 263 34.98 -34.64 15.08
C ASP A 263 34.40 -35.13 13.78
N LEU A 264 34.97 -34.70 12.65
CA LEU A 264 34.51 -35.26 11.37
C LEU A 264 34.72 -36.79 11.34
N LYS A 265 35.87 -37.24 11.86
CA LYS A 265 36.22 -38.66 11.87
C LYS A 265 35.27 -39.40 12.78
N LYS A 266 34.97 -38.81 13.94
CA LYS A 266 34.00 -39.37 14.89
C LYS A 266 32.66 -39.49 14.21
N ILE A 267 32.25 -38.47 13.49
CA ILE A 267 30.91 -38.45 12.84
C ILE A 267 30.79 -39.52 11.75
N ASP A 268 31.84 -39.65 10.97
CA ASP A 268 31.94 -40.65 9.91
C ASP A 268 32.03 -42.07 10.48
N ASP A 269 32.89 -42.25 11.47
CA ASP A 269 33.17 -43.57 12.01
C ASP A 269 31.99 -44.14 12.75
N ASN A 270 31.12 -43.27 13.25
CA ASN A 270 29.92 -43.72 13.99
C ASN A 270 28.66 -43.67 13.11
N ASP A 271 28.88 -43.49 11.82
CA ASP A 271 27.83 -43.65 10.81
C ASP A 271 26.67 -42.68 11.07
N ALA A 272 26.99 -41.42 11.33
CA ALA A 272 25.91 -40.42 11.48
C ALA A 272 25.23 -40.27 10.14
N VAL A 273 23.91 -40.15 10.15
CA VAL A 273 23.19 -39.92 8.91
C VAL A 273 22.30 -38.68 8.95
N THR A 274 21.89 -38.23 10.14
CA THR A 274 20.96 -37.12 10.27
C THR A 274 21.47 -36.13 11.32
N GLU A 275 21.00 -34.89 11.20
CA GLU A 275 21.36 -33.84 12.15
C GLU A 275 20.08 -33.04 12.53
N ALA A 276 19.95 -32.70 13.80
CA ALA A 276 18.91 -31.78 14.24
C ALA A 276 19.37 -31.09 15.53
N PHE A 277 19.15 -29.77 15.55
CA PHE A 277 19.43 -28.88 16.67
C PHE A 277 20.73 -29.22 17.35
N GLY A 278 21.76 -29.39 16.55
CA GLY A 278 23.12 -29.46 17.09
C GLY A 278 23.55 -30.84 17.49
N TYR A 279 22.76 -31.84 17.13
CA TYR A 279 23.09 -33.23 17.42
C TYR A 279 23.16 -34.02 16.12
N TYR A 280 24.05 -35.05 16.09
CA TYR A 280 24.13 -35.94 14.90
C TYR A 280 23.69 -37.29 15.40
N PHE A 281 22.89 -37.96 14.59
CA PHE A 281 22.29 -39.26 14.94
C PHE A 281 22.58 -40.30 13.89
N ASN A 282 22.62 -41.56 14.32
CA ASN A 282 22.84 -42.64 13.39
C ASN A 282 21.51 -43.10 12.81
N ALA A 283 21.57 -44.15 11.99
CA ALA A 283 20.37 -44.67 11.31
C ALA A 283 19.24 -45.19 12.23
N ASP A 284 19.61 -45.53 13.46
CA ASP A 284 18.66 -45.91 14.48
C ASP A 284 18.19 -44.74 15.33
N GLY A 285 18.57 -43.51 14.95
CA GLY A 285 18.14 -42.31 15.67
C GLY A 285 18.83 -42.09 17.03
N GLU A 286 19.96 -42.77 17.25
CA GLU A 286 20.78 -42.60 18.46
C GLU A 286 21.81 -41.48 18.29
N VAL A 287 21.96 -40.62 19.30
CA VAL A 287 22.99 -39.58 19.24
C VAL A 287 24.37 -40.20 19.08
N VAL A 288 25.13 -39.73 18.09
CA VAL A 288 26.53 -40.14 17.99
C VAL A 288 27.55 -39.03 18.24
N HIS A 289 27.10 -37.78 18.13
CA HIS A 289 27.95 -36.64 18.39
C HIS A 289 27.06 -35.43 18.63
N LYS A 290 27.51 -34.55 19.52
CA LYS A 290 26.82 -33.30 19.82
C LYS A 290 27.80 -32.11 19.61
N VAL A 291 27.39 -31.16 18.75
CA VAL A 291 28.21 -29.93 18.63
C VAL A 291 27.82 -29.13 19.86
N HIS A 292 28.71 -29.00 20.84
CA HIS A 292 28.36 -28.32 22.12
C HIS A 292 27.84 -26.91 21.85
N SER A 293 26.68 -26.55 22.41
CA SER A 293 26.15 -25.17 22.24
C SER A 293 25.47 -24.72 23.53
N VAL A 294 25.45 -23.41 23.78
CA VAL A 294 24.69 -22.92 24.97
C VAL A 294 23.22 -22.90 24.59
N GLY A 295 22.42 -23.70 25.30
CA GLY A 295 21.00 -23.74 25.04
C GLY A 295 20.46 -25.15 25.15
N GLN A 297 19.18 -28.88 25.04
CA GLN A 297 19.74 -30.21 25.01
C GLN A 297 18.66 -31.21 24.62
N LEU A 298 19.06 -32.35 24.05
CA LEU A 298 18.10 -33.37 23.61
C LEU A 298 17.17 -33.79 24.74
N ASP A 299 17.69 -33.90 25.96
CA ASP A 299 16.80 -34.27 27.07
C ASP A 299 15.70 -33.24 27.32
N ASP A 300 15.94 -31.97 26.95
CA ASP A 300 14.97 -30.88 27.19
C ASP A 300 13.72 -30.97 26.31
N ILE A 301 13.80 -31.63 25.15
CA ILE A 301 12.64 -31.65 24.21
C ILE A 301 11.40 -32.36 24.77
N ASP A 302 11.67 -33.33 25.64
CA ASP A 302 10.63 -34.09 26.31
C ASP A 302 9.61 -33.17 26.99
N ALA A 303 10.10 -32.10 27.61
CA ALA A 303 9.26 -31.18 28.38
C ALA A 303 8.62 -30.06 27.54
N ILE A 304 8.91 -29.98 26.25
CA ILE A 304 8.31 -28.97 25.39
C ILE A 304 6.99 -29.50 24.85
N PRO A 305 5.86 -28.82 25.13
CA PRO A 305 4.58 -29.33 24.68
C PRO A 305 4.40 -29.55 23.18
N ASP A 306 4.94 -28.62 22.37
CA ASP A 306 4.77 -28.64 20.91
C ASP A 306 6.09 -28.55 20.18
N ILE A 307 6.38 -29.56 19.37
CA ILE A 307 7.61 -29.55 18.58
C ILE A 307 7.19 -29.75 17.14
N ILE A 308 7.69 -28.92 16.26
CA ILE A 308 7.34 -28.98 14.84
C ILE A 308 8.66 -29.04 14.11
N ALA A 309 8.89 -30.11 13.36
CA ALA A 309 10.06 -30.28 12.51
C ALA A 309 9.63 -29.93 11.10
N VAL A 310 10.43 -29.14 10.40
CA VAL A 310 10.06 -28.74 9.04
C VAL A 310 11.23 -29.11 8.14
N ALA A 311 10.99 -30.07 7.25
CA ALA A 311 12.09 -30.64 6.49
C ALA A 311 11.54 -31.42 5.35
N GLY A 312 12.13 -31.26 4.16
CA GLY A 312 11.63 -31.99 3.00
C GLY A 312 12.65 -32.07 1.89
N GLY A 313 12.20 -32.51 0.73
CA GLY A 313 13.10 -32.78 -0.41
C GLY A 313 13.51 -34.25 -0.44
N SER A 314 13.58 -34.83 -1.63
CA SER A 314 13.97 -36.24 -1.76
C SER A 314 15.34 -36.57 -1.15
N SER A 315 16.28 -35.61 -1.16
CA SER A 315 17.61 -35.86 -0.58
C SER A 315 17.61 -36.04 0.94
N LYS A 316 16.51 -35.66 1.59
CA LYS A 316 16.44 -35.78 3.03
C LYS A 316 15.65 -36.95 3.52
N ALA A 317 15.16 -37.80 2.61
CA ALA A 317 14.30 -38.90 3.02
C ALA A 317 14.98 -39.78 4.08
N GLU A 318 16.22 -40.17 3.82
CA GLU A 318 16.99 -41.02 4.75
C GLU A 318 17.23 -40.35 6.12
N ALA A 319 17.62 -39.07 6.12
CA ALA A 319 17.80 -38.32 7.36
C ALA A 319 16.51 -38.22 8.18
N ILE A 320 15.40 -37.99 7.48
CA ILE A 320 14.12 -37.81 8.14
C ILE A 320 13.69 -39.14 8.74
N GLU A 321 13.81 -40.21 7.97
CA GLU A 321 13.51 -41.55 8.49
C GLU A 321 14.35 -41.88 9.75
N ALA A 322 15.63 -41.57 9.72
CA ALA A 322 16.54 -41.91 10.85
C ALA A 322 16.17 -41.12 12.09
N TYR A 323 15.94 -39.81 11.92
CA TYR A 323 15.62 -38.97 13.04
C TYR A 323 14.41 -39.49 13.78
N PHE A 324 13.42 -39.96 13.03
CA PHE A 324 12.14 -40.42 13.66
C PHE A 324 12.09 -41.92 13.93
N LYS A 325 13.27 -42.56 13.97
CA LYS A 325 13.36 -43.94 14.45
C LYS A 325 13.08 -44.06 15.95
N LYS A 326 13.17 -42.95 16.66
CA LYS A 326 12.77 -42.86 18.07
C LYS A 326 11.58 -41.90 18.22
N PRO A 327 10.73 -42.09 19.24
CA PRO A 327 9.66 -41.14 19.50
C PRO A 327 10.18 -39.76 19.87
N ARG A 328 9.64 -38.74 19.23
CA ARG A 328 10.03 -37.38 19.47
C ARG A 328 8.83 -36.51 19.80
N ASN A 329 7.63 -37.11 19.79
CA ASN A 329 6.35 -36.39 20.04
C ASN A 329 6.25 -35.15 19.15
N THR A 330 6.68 -35.29 17.90
CA THR A 330 6.84 -34.15 16.99
C THR A 330 5.86 -34.19 15.81
N VAL A 331 5.42 -33.01 15.34
CA VAL A 331 4.60 -32.96 14.13
C VAL A 331 5.62 -32.67 13.01
N LEU A 332 5.60 -33.46 11.95
CA LEU A 332 6.49 -33.19 10.82
C LEU A 332 5.77 -32.49 9.68
N VAL A 333 6.34 -31.37 9.24
CA VAL A 333 5.89 -30.68 8.02
C VAL A 333 6.89 -31.01 6.95
N THR A 334 6.42 -31.69 5.92
CA THR A 334 7.36 -32.18 4.89
C THR A 334 6.69 -32.04 3.50
N ASP A 335 7.32 -32.62 2.47
CA ASP A 335 6.78 -32.54 1.12
C ASP A 335 6.72 -33.92 0.49
N GLU A 336 6.07 -34.03 -0.67
CA GLU A 336 6.01 -35.31 -1.36
C GLU A 336 7.38 -35.85 -1.75
N GLY A 337 8.30 -34.94 -2.08
CA GLY A 337 9.67 -35.32 -2.40
C GLY A 337 10.16 -36.32 -1.37
N ALA A 338 10.15 -35.90 -0.11
CA ALA A 338 10.65 -36.74 0.95
C ALA A 338 9.70 -37.89 1.28
N ALA A 339 8.41 -37.60 1.42
CA ALA A 339 7.44 -38.62 1.87
C ALA A 339 7.30 -39.81 0.91
N LYS A 340 7.24 -39.55 -0.39
CA LYS A 340 7.09 -40.62 -1.38
C LYS A 340 8.36 -41.44 -1.54
N LYS A 341 9.52 -40.78 -1.45
CA LYS A 341 10.78 -41.49 -1.49
C LYS A 341 10.94 -42.40 -0.29
N LEU A 342 10.48 -41.94 0.88
CA LEU A 342 10.56 -42.71 2.10
C LEU A 342 9.62 -43.92 2.02
N LEU A 343 8.39 -43.69 1.55
CA LEU A 343 7.34 -44.70 1.59
C LEU A 343 7.31 -45.63 0.38
N ARG A 344 8.11 -45.33 -0.66
CA ARG A 344 8.16 -46.17 -1.88
C ARG A 344 9.43 -45.84 -2.67
N ASN B 8 19.40 28.70 7.70
CA ASN B 8 20.02 27.39 7.81
C ASN B 8 19.15 26.35 7.09
N GLN B 9 17.83 26.46 7.24
CA GLN B 9 16.87 25.49 6.65
C GLN B 9 16.93 25.60 5.13
N LEU B 10 16.88 26.82 4.59
CA LEU B 10 16.94 27.09 3.13
C LEU B 10 18.23 26.52 2.52
N ILE B 11 19.37 26.77 3.15
CA ILE B 11 20.69 26.34 2.59
C ILE B 11 20.74 24.81 2.58
N GLN B 12 20.21 24.18 3.62
CA GLN B 12 20.29 22.70 3.78
C GLN B 12 19.44 22.06 2.66
N ALA B 13 18.27 22.63 2.37
CA ALA B 13 17.40 22.21 1.25
C ALA B 13 18.09 22.45 -0.10
N GLN B 14 18.72 23.61 -0.29
CA GLN B 14 19.38 24.01 -1.57
C GLN B 14 20.55 23.09 -1.87
N LYS B 15 21.35 22.75 -0.87
CA LYS B 15 22.47 21.79 -1.05
C LYS B 15 22.02 20.40 -1.55
N LYS B 16 20.75 19.99 -1.34
CA LYS B 16 20.25 18.69 -1.87
C LYS B 16 20.24 18.73 -3.40
N LEU B 17 19.89 19.88 -3.99
CA LEU B 17 19.84 20.07 -5.46
C LEU B 17 21.21 20.52 -5.97
N LEU B 18 22.03 21.17 -5.14
CA LEU B 18 23.30 21.81 -5.57
C LEU B 18 24.38 21.57 -4.52
N PRO B 19 24.96 20.37 -4.45
CA PRO B 19 25.78 20.01 -3.30
C PRO B 19 26.95 20.95 -3.02
N ASP B 20 27.55 21.60 -4.03
CA ASP B 20 28.70 22.51 -3.79
C ASP B 20 28.26 23.97 -4.01
N LEU B 21 27.01 24.30 -3.68
CA LEU B 21 26.50 25.70 -3.63
C LEU B 21 27.43 26.60 -2.79
N LEU B 22 27.78 26.20 -1.58
CA LEU B 22 28.56 27.07 -0.66
C LEU B 22 29.96 27.26 -1.25
N LEU B 23 30.50 26.24 -1.93
CA LEU B 23 31.83 26.31 -2.58
C LEU B 23 31.81 27.37 -3.67
N VAL B 24 30.83 27.31 -4.58
CA VAL B 24 30.75 28.31 -5.68
C VAL B 24 30.57 29.69 -5.06
N GLN B 26 31.43 30.92 -2.14
CA GLN B 26 32.62 31.38 -1.46
C GLN B 26 33.68 31.78 -2.51
N LYS B 27 33.89 30.95 -3.52
CA LYS B 27 34.91 31.20 -4.58
C LYS B 27 34.56 32.53 -5.27
N ARG B 28 33.30 32.75 -5.62
CA ARG B 28 32.91 33.99 -6.34
C ARG B 28 33.04 35.21 -5.41
N PHE B 29 32.71 35.04 -4.14
CA PHE B 29 32.86 36.10 -3.12
C PHE B 29 34.34 36.48 -3.03
N GLU B 30 35.24 35.51 -2.94
CA GLU B 30 36.71 35.76 -2.83
C GLU B 30 37.22 36.52 -4.06
N ILE B 31 36.78 36.16 -5.27
CA ILE B 31 37.15 36.87 -6.52
C ILE B 31 36.75 38.34 -6.36
N LEU B 32 35.53 38.62 -5.91
CA LEU B 32 35.02 40.02 -5.85
C LEU B 32 35.82 40.80 -4.79
N GLN B 33 36.10 40.21 -3.62
CA GLN B 33 36.93 40.82 -2.54
C GLN B 33 38.31 41.17 -3.08
N TYR B 34 38.93 40.24 -3.81
CA TYR B 34 40.32 40.44 -4.28
C TYR B 34 40.35 41.51 -5.36
N ILE B 35 39.33 41.57 -6.20
CA ILE B 35 39.26 42.67 -7.20
C ILE B 35 39.08 44.00 -6.46
N ARG B 36 38.27 44.07 -5.40
CA ARG B 36 37.99 45.37 -4.74
C ARG B 36 39.30 45.90 -4.17
N LEU B 37 40.12 45.01 -3.64
CA LEU B 37 41.42 45.31 -3.02
C LEU B 37 42.45 45.78 -4.04
N THR B 38 42.48 45.22 -5.27
CA THR B 38 43.63 45.37 -6.20
C THR B 38 43.24 45.98 -7.55
N GLU B 39 41.99 46.34 -7.79
CA GLU B 39 41.61 46.82 -9.13
C GLU B 39 42.46 48.03 -9.53
N PRO B 40 42.75 48.23 -10.84
CA PRO B 40 42.50 47.22 -11.87
C PRO B 40 43.51 46.08 -11.78
N ILE B 41 43.06 44.84 -11.99
CA ILE B 41 43.94 43.64 -12.01
C ILE B 41 43.52 42.74 -13.18
N GLY B 42 44.48 42.07 -13.80
CA GLY B 42 44.25 41.19 -14.94
C GLY B 42 44.20 39.75 -14.52
N ARG B 43 43.79 38.89 -15.46
CA ARG B 43 43.49 37.46 -15.22
C ARG B 43 44.74 36.68 -14.76
N ARG B 44 45.93 37.07 -15.21
CA ARG B 44 47.19 36.36 -14.88
C ARG B 44 47.51 36.63 -13.41
N SER B 45 47.50 37.90 -12.99
CA SER B 45 47.80 38.29 -11.58
C SER B 45 46.72 37.76 -10.65
N LEU B 46 45.44 37.93 -11.00
CA LEU B 46 44.33 37.51 -10.12
C LEU B 46 44.34 35.99 -9.94
N SER B 47 44.57 35.22 -10.99
CA SER B 47 44.61 33.74 -10.90
C SER B 47 45.75 33.33 -9.95
N ALA B 48 46.94 33.90 -10.13
CA ALA B 48 48.14 33.60 -9.32
C ALA B 48 47.84 33.89 -7.84
N SER B 49 47.32 35.08 -7.55
CA SER B 49 47.05 35.55 -6.17
C SER B 49 46.06 34.61 -5.46
N LEU B 50 45.06 34.08 -6.15
CA LEU B 50 44.02 33.19 -5.55
C LEU B 50 44.38 31.71 -5.71
N GLY B 51 45.46 31.36 -6.42
CA GLY B 51 45.86 29.95 -6.61
C GLY B 51 44.82 29.18 -7.40
N ILE B 52 44.17 29.83 -8.38
CA ILE B 52 43.19 29.25 -9.33
C ILE B 52 43.86 29.25 -10.72
N SER B 53 43.57 28.26 -11.55
CA SER B 53 44.17 28.17 -12.91
C SER B 53 43.63 29.36 -13.70
N GLU B 54 44.45 29.93 -14.57
CA GLU B 54 44.03 31.13 -15.34
C GLU B 54 42.76 30.84 -16.13
N ARG B 55 42.67 29.66 -16.73
CA ARG B 55 41.51 29.26 -17.58
C ARG B 55 40.21 29.24 -16.77
N VAL B 56 40.24 28.65 -15.57
CA VAL B 56 39.06 28.61 -14.66
C VAL B 56 38.71 30.04 -14.25
N LEU B 57 39.69 30.82 -13.77
CA LEU B 57 39.45 32.20 -13.29
C LEU B 57 38.84 33.04 -14.43
N ARG B 58 39.33 32.84 -15.65
CA ARG B 58 38.91 33.62 -16.85
C ARG B 58 37.43 33.39 -17.13
N GLY B 59 36.99 32.11 -17.06
CA GLY B 59 35.58 31.71 -17.16
C GLY B 59 34.72 32.35 -16.06
N GLU B 60 35.15 32.31 -14.81
CA GLU B 60 34.39 32.92 -13.68
C GLU B 60 34.29 34.45 -13.86
N VAL B 61 35.38 35.12 -14.26
CA VAL B 61 35.29 36.60 -14.33
C VAL B 61 34.45 36.98 -15.56
N GLN B 62 34.45 36.18 -16.62
CA GLN B 62 33.63 36.48 -17.83
C GLN B 62 32.16 36.33 -17.44
N PHE B 63 31.85 35.36 -16.57
CA PHE B 63 30.48 35.17 -16.00
C PHE B 63 30.10 36.39 -15.17
N LEU B 64 30.95 36.81 -14.24
CA LEU B 64 30.69 37.99 -13.37
C LEU B 64 30.47 39.25 -14.23
N LYS B 65 31.22 39.40 -15.32
CA LYS B 65 31.06 40.53 -16.27
C LYS B 65 29.67 40.48 -16.95
N GLU B 66 29.23 39.32 -17.39
CA GLU B 66 27.88 39.10 -17.95
C GLU B 66 26.80 39.44 -16.90
N GLN B 67 27.03 39.20 -15.61
CA GLN B 67 26.08 39.58 -14.53
C GLN B 67 26.24 41.05 -14.14
N ASN B 68 27.08 41.80 -14.84
CA ASN B 68 27.30 43.26 -14.68
C ASN B 68 27.87 43.55 -13.28
N LEU B 69 28.72 42.65 -12.75
CA LEU B 69 29.36 42.82 -11.44
C LEU B 69 30.78 43.34 -11.60
N VAL B 70 31.45 43.03 -12.71
CA VAL B 70 32.85 43.46 -12.98
C VAL B 70 32.92 44.04 -14.39
N ASP B 71 33.76 45.05 -14.58
CA ASP B 71 34.09 45.63 -15.89
C ASP B 71 35.47 45.08 -16.29
N ILE B 72 35.57 44.59 -17.52
CA ILE B 72 36.79 44.00 -18.11
C ILE B 72 37.27 44.95 -19.21
N LYS B 73 38.34 45.69 -18.94
CA LYS B 73 38.81 46.79 -19.81
C LYS B 73 40.26 46.46 -20.19
N THR B 74 40.84 47.28 -21.07
CA THR B 74 42.20 47.10 -21.62
C THR B 74 43.20 46.88 -20.48
N ASN B 75 43.05 47.65 -19.40
CA ASN B 75 44.02 47.63 -18.26
C ASN B 75 43.58 46.64 -17.16
N GLY B 76 42.55 45.82 -17.39
CA GLY B 76 42.16 44.78 -16.41
C GLY B 76 40.77 45.01 -15.84
N THR B 78 37.78 45.84 -12.91
CA THR B 78 37.29 46.63 -11.81
C THR B 78 35.86 46.19 -11.47
N LEU B 79 35.37 46.54 -10.27
CA LEU B 79 33.95 46.26 -9.88
C LEU B 79 33.06 47.31 -10.49
N THR B 80 31.83 46.95 -10.81
CA THR B 80 30.77 47.91 -11.19
C THR B 80 30.14 48.43 -9.90
N GLU B 81 29.25 49.41 -10.04
CA GLU B 81 28.39 49.92 -8.93
C GLU B 81 27.68 48.70 -8.33
N GLU B 82 27.03 47.88 -9.19
CA GLU B 82 26.30 46.67 -8.77
C GLU B 82 27.24 45.74 -8.00
N GLY B 83 28.49 45.63 -8.43
CA GLY B 83 29.48 44.73 -7.81
C GLY B 83 29.82 45.17 -6.41
N TYR B 84 30.04 46.48 -6.20
CA TYR B 84 30.37 47.04 -4.87
C TYR B 84 29.22 46.79 -3.91
N GLU B 85 27.99 47.12 -4.34
CA GLU B 85 26.74 46.90 -3.56
C GLU B 85 26.65 45.41 -3.21
N LEU B 86 26.75 44.51 -4.20
CA LEU B 86 26.63 43.06 -3.94
C LEU B 86 27.70 42.66 -2.92
N LEU B 87 28.92 43.15 -3.07
CA LEU B 87 30.02 42.70 -2.19
C LEU B 87 29.72 43.14 -0.75
N SER B 88 29.07 44.30 -0.57
CA SER B 88 28.71 44.84 0.76
C SER B 88 27.64 43.95 1.41
N VAL B 89 26.61 43.58 0.63
CA VAL B 89 25.57 42.59 1.06
C VAL B 89 26.20 41.23 1.46
N LEU B 90 27.13 40.70 0.67
CA LEU B 90 27.75 39.36 0.94
C LEU B 90 28.61 39.39 2.20
N GLU B 91 29.21 40.53 2.53
CA GLU B 91 30.05 40.65 3.77
C GLU B 91 29.18 40.28 4.97
N ASP B 92 27.94 40.76 4.99
CA ASP B 92 26.96 40.48 6.07
C ASP B 92 26.47 39.03 5.97
N THR B 93 25.84 38.66 4.86
CA THR B 93 25.24 37.32 4.62
C THR B 93 26.25 36.17 4.83
N LYS B 95 29.01 35.39 6.12
CA LYS B 95 29.51 34.88 7.42
C LYS B 95 28.34 34.03 7.94
N ASP B 96 27.10 34.50 7.78
CA ASP B 96 25.92 33.66 8.09
C ASP B 96 25.78 32.58 7.01
N VAL B 97 26.13 32.88 5.75
CA VAL B 97 26.08 31.79 4.73
C VAL B 97 27.13 30.75 5.11
N LEU B 98 28.27 31.17 5.64
CA LEU B 98 29.35 30.19 5.88
C LEU B 98 29.61 30.27 7.39
N GLY B 99 28.59 30.18 8.24
CA GLY B 99 28.83 30.11 9.70
C GLY B 99 29.39 28.72 9.97
N LEU B 100 29.14 27.79 9.05
CA LEU B 100 29.67 26.40 9.14
C LEU B 100 31.16 26.23 8.84
N THR B 101 31.68 26.58 7.64
CA THR B 101 33.11 26.31 7.38
C THR B 101 33.82 27.01 8.55
N LEU B 102 33.20 28.07 9.08
CA LEU B 102 33.78 28.82 10.22
C LEU B 102 33.67 27.94 11.47
N LEU B 103 32.48 27.38 11.72
CA LEU B 103 32.29 26.50 12.87
C LEU B 103 33.20 25.26 12.88
N GLU B 104 33.29 24.56 11.75
CA GLU B 104 34.20 23.41 11.63
C GLU B 104 35.67 23.83 11.89
N LYS B 105 36.08 25.01 11.41
CA LYS B 105 37.46 25.48 11.62
C LYS B 105 37.74 25.62 13.10
N THR B 106 36.74 26.11 13.82
CA THR B 106 36.92 26.41 15.22
C THR B 106 36.87 25.11 16.01
N LEU B 107 35.97 24.19 15.64
CA LEU B 107 35.84 22.92 16.34
C LEU B 107 37.15 22.10 16.25
N LYS B 108 37.80 22.20 15.11
CA LYS B 108 39.10 21.59 14.91
C LYS B 108 40.26 22.30 15.70
N GLU B 109 40.14 23.60 15.98
CA GLU B 109 41.08 24.33 16.87
C GLU B 109 40.93 23.94 18.35
N ARG B 110 39.73 23.50 18.70
CA ARG B 110 39.33 23.27 20.08
C ARG B 110 39.61 21.81 20.45
N LEU B 111 39.19 20.89 19.59
CA LEU B 111 39.30 19.48 19.89
C LEU B 111 40.50 18.86 19.22
N ASN B 112 40.86 17.66 19.67
CA ASN B 112 41.90 16.91 19.02
C ASN B 112 41.22 16.22 17.84
N LEU B 113 41.28 16.83 16.65
CA LEU B 113 40.55 16.31 15.43
C LEU B 113 41.38 16.38 14.16
N LYS B 114 41.33 15.32 13.36
CA LYS B 114 41.94 15.37 12.05
C LYS B 114 41.15 16.30 11.14
N ASP B 115 39.84 16.26 11.28
CA ASP B 115 38.93 17.18 10.57
C ASP B 115 37.59 17.11 11.24
N ALA B 116 36.77 18.12 10.98
CA ALA B 116 35.41 18.18 11.51
C ALA B 116 34.45 18.36 10.35
N ILE B 117 33.36 17.60 10.39
CA ILE B 117 32.27 17.69 9.41
C ILE B 117 31.02 17.91 10.23
N ILE B 118 30.38 19.06 10.04
CA ILE B 118 29.21 19.41 10.83
C ILE B 118 28.04 19.63 9.90
N VAL B 119 26.96 18.92 10.17
CA VAL B 119 25.69 19.13 9.47
C VAL B 119 24.78 20.04 10.30
N SER B 120 23.82 20.69 9.63
CA SER B 120 22.87 21.56 10.28
C SER B 120 21.96 20.85 11.26
N GLY B 121 21.57 21.57 12.30
CA GLY B 121 20.51 21.12 13.19
C GLY B 121 20.99 20.40 14.41
N ASP B 122 20.03 20.03 15.25
CA ASP B 122 20.29 19.33 16.50
C ASP B 122 19.50 18.05 16.44
N SER B 123 20.22 16.92 16.34
CA SER B 123 19.59 15.60 16.22
C SER B 123 18.77 15.20 17.45
N ASP B 124 18.96 15.89 18.58
CA ASP B 124 18.13 15.63 19.75
C ASP B 124 16.71 16.17 19.57
N GLN B 125 16.59 17.19 18.72
CA GLN B 125 15.31 17.83 18.46
C GLN B 125 14.69 17.34 17.15
N SER B 126 15.54 17.09 16.16
CA SER B 126 15.11 16.80 14.80
C SER B 126 15.70 15.48 14.33
N PRO B 127 14.92 14.39 14.43
CA PRO B 127 15.46 13.04 14.19
C PRO B 127 16.17 12.85 12.85
N TRP B 128 15.64 13.48 11.80
CA TRP B 128 16.23 13.34 10.47
C TRP B 128 17.67 13.83 10.41
N VAL B 129 18.12 14.62 11.40
CA VAL B 129 19.50 15.11 11.43
C VAL B 129 20.46 13.93 11.56
N LYS B 130 20.05 12.86 12.25
CA LYS B 130 20.89 11.63 12.29
C LYS B 130 21.14 11.06 10.89
N LYS B 131 20.15 11.17 10.01
CA LYS B 131 20.27 10.69 8.61
C LYS B 131 21.23 11.54 7.80
N GLU B 132 21.23 12.87 8.04
CA GLU B 132 22.20 13.74 7.37
C GLU B 132 23.64 13.52 7.89
N GLY B 134 24.61 10.60 8.82
CA GLY B 134 24.81 9.37 8.08
C GLY B 134 25.29 9.64 6.67
N ARG B 135 24.56 10.48 5.93
CA ARG B 135 24.93 10.85 4.57
C ARG B 135 26.36 11.38 4.51
N ALA B 136 26.68 12.28 5.43
CA ALA B 136 27.97 12.95 5.43
C ALA B 136 29.09 11.94 5.74
N ALA B 137 28.82 11.02 6.66
CA ALA B 137 29.81 10.03 7.07
C ALA B 137 30.11 9.09 5.89
N VAL B 138 29.08 8.65 5.17
CA VAL B 138 29.27 7.79 4.00
C VAL B 138 30.13 8.46 2.96
N ALA B 139 29.86 9.72 2.71
CA ALA B 139 30.60 10.47 1.71
C ALA B 139 32.08 10.58 2.14
N CYS B 140 32.28 10.79 3.45
CA CYS B 140 33.64 10.86 4.02
C CYS B 140 34.34 9.50 3.87
N LYS B 142 33.91 7.27 1.69
CA LYS B 142 34.23 6.97 0.30
C LYS B 142 35.42 7.78 -0.15
N LYS B 143 35.58 9.00 0.37
CA LYS B 143 36.80 9.74 0.01
C LYS B 143 38.12 9.11 0.54
N ARG B 144 38.03 8.33 1.63
CA ARG B 144 39.21 7.73 2.26
C ARG B 144 39.51 6.28 1.81
N PHE B 145 38.56 5.63 1.12
CA PHE B 145 38.82 4.23 0.72
C PHE B 145 40.06 4.10 -0.15
N SER B 146 40.87 3.06 0.14
CA SER B 146 41.94 2.64 -0.80
C SER B 146 41.39 1.53 -1.73
N GLY B 147 42.29 0.90 -2.49
CA GLY B 147 41.87 -0.11 -3.45
C GLY B 147 41.21 -1.25 -2.74
N LYS B 148 41.71 -1.53 -1.54
CA LYS B 148 41.20 -2.61 -0.70
C LYS B 148 40.99 -2.10 0.73
N ASN B 149 39.90 -2.52 1.36
CA ASN B 149 39.47 -1.90 2.61
C ASN B 149 38.88 -2.94 3.55
N ILE B 150 39.26 -2.86 4.81
CA ILE B 150 38.61 -3.66 5.87
C ILE B 150 38.05 -2.63 6.83
N VAL B 151 36.72 -2.55 6.94
CA VAL B 151 36.08 -1.48 7.69
C VAL B 151 35.45 -2.04 8.95
N ALA B 152 35.97 -1.61 10.11
CA ALA B 152 35.42 -2.07 11.39
C ALA B 152 34.35 -1.08 11.84
N VAL B 153 33.22 -1.58 12.34
CA VAL B 153 32.11 -0.71 12.74
C VAL B 153 31.57 -1.07 14.14
N THR B 154 31.05 -0.05 14.84
CA THR B 154 30.32 -0.25 16.10
C THR B 154 28.81 -0.34 15.86
N GLY B 155 28.03 -0.58 16.91
CA GLY B 155 26.63 -0.99 16.75
C GLY B 155 25.51 -0.06 17.19
N GLY B 156 25.83 1.19 17.50
CA GLY B 156 24.84 2.13 18.04
C GLY B 156 23.92 2.74 17.01
N THR B 157 22.91 3.49 17.44
CA THR B 157 21.91 4.00 16.49
C THR B 157 22.41 5.03 15.49
N THR B 158 23.52 5.70 15.79
CA THR B 158 23.99 6.66 14.83
C THR B 158 24.74 5.93 13.73
N ILE B 159 25.52 4.91 14.11
CA ILE B 159 26.17 4.09 13.07
C ILE B 159 25.11 3.35 12.23
N GLU B 160 23.98 2.99 12.82
CA GLU B 160 22.88 2.39 12.05
C GLU B 160 22.43 3.35 10.94
N ALA B 161 22.42 4.65 11.27
CA ALA B 161 22.02 5.68 10.33
C ALA B 161 23.05 5.76 9.20
N VAL B 162 24.32 5.52 9.52
CA VAL B 162 25.36 5.50 8.48
C VAL B 162 25.09 4.31 7.54
N ALA B 163 24.82 3.15 8.11
CA ALA B 163 24.50 1.97 7.31
C ALA B 163 23.29 2.19 6.39
N GLU B 164 22.25 2.82 6.91
CA GLU B 164 21.04 3.08 6.12
C GLU B 164 21.31 3.98 4.91
N THR B 167 25.65 3.49 0.13
CA THR B 167 25.41 3.14 -1.26
C THR B 167 26.68 2.51 -1.82
N PRO B 168 26.55 1.71 -2.89
CA PRO B 168 27.72 1.13 -3.55
C PRO B 168 28.74 2.19 -3.96
N ASP B 169 30.00 1.79 -3.97
CA ASP B 169 31.12 2.69 -4.29
C ASP B 169 31.21 2.91 -5.81
N SER B 170 31.07 4.16 -6.26
CA SER B 170 31.24 4.49 -7.68
C SER B 170 32.56 3.97 -8.27
N LYS B 171 33.63 3.96 -7.44
CA LYS B 171 34.94 3.47 -7.88
C LYS B 171 35.11 1.96 -7.76
N ASN B 172 34.09 1.28 -7.23
CA ASN B 172 34.11 -0.18 -7.05
C ASN B 172 35.38 -0.70 -6.35
N ARG B 173 35.76 -0.02 -5.27
CA ARG B 173 36.90 -0.48 -4.47
C ARG B 173 36.47 -1.69 -3.67
N GLU B 174 37.42 -2.50 -3.22
CA GLU B 174 37.06 -3.74 -2.48
C GLU B 174 36.75 -3.40 -1.03
N LEU B 175 35.60 -3.86 -0.53
CA LEU B 175 35.07 -3.46 0.78
C LEU B 175 34.66 -4.69 1.62
N LEU B 176 35.37 -4.94 2.71
CA LEU B 176 34.96 -6.03 3.64
C LEU B 176 34.65 -5.36 4.95
N PHE B 177 33.47 -5.64 5.54
CA PHE B 177 33.06 -5.00 6.79
C PHE B 177 33.13 -6.03 7.92
N VAL B 178 33.53 -5.58 9.11
CA VAL B 178 33.55 -6.42 10.32
C VAL B 178 33.07 -5.59 11.52
N PRO B 179 32.56 -6.23 12.59
CA PRO B 179 32.13 -5.54 13.81
C PRO B 179 33.24 -5.42 14.87
N ALA B 180 33.78 -4.21 15.06
CA ALA B 180 34.78 -4.02 16.15
C ALA B 180 34.11 -4.16 17.53
N ARG B 181 33.06 -3.38 17.73
CA ARG B 181 32.24 -3.63 18.92
C ARG B 181 31.61 -4.97 18.53
N GLY B 182 31.14 -5.74 19.47
CA GLY B 182 30.62 -7.07 19.07
C GLY B 182 29.11 -6.93 19.25
N GLY B 183 28.67 -6.16 20.25
CA GLY B 183 27.22 -5.89 20.39
C GLY B 183 26.55 -6.28 21.69
N LEU B 184 25.36 -5.73 21.95
CA LEU B 184 24.55 -6.03 23.16
C LEU B 184 23.11 -5.65 22.82
N GLY B 185 22.09 -6.26 23.43
CA GLY B 185 20.71 -5.97 22.97
C GLY B 185 20.01 -4.99 23.90
N LYS B 189 19.05 -5.71 19.19
CA LYS B 189 19.15 -6.02 17.75
C LYS B 189 20.15 -5.08 17.08
N ASN B 190 20.43 -3.88 17.70
CA ASN B 190 21.47 -2.94 17.19
C ASN B 190 22.79 -3.41 17.78
N GLN B 191 23.27 -4.57 17.32
CA GLN B 191 24.58 -5.10 17.74
C GLN B 191 25.45 -4.85 16.52
N ALA B 192 26.74 -4.67 16.70
CA ALA B 192 27.70 -4.39 15.63
C ALA B 192 27.59 -5.41 14.46
N ASN B 193 27.29 -6.67 14.79
CA ASN B 193 27.09 -7.65 13.75
C ASN B 193 25.96 -7.24 12.80
N THR B 194 24.83 -6.82 13.36
CA THR B 194 23.70 -6.38 12.56
C THR B 194 24.05 -5.23 11.63
N ILE B 195 24.70 -4.22 12.20
CA ILE B 195 25.14 -3.03 11.46
C ILE B 195 26.13 -3.40 10.35
N CYS B 196 27.13 -4.20 10.79
CA CYS B 196 28.18 -4.63 9.87
C CYS B 196 27.56 -5.28 8.63
N ALA B 197 26.63 -6.21 8.84
CA ALA B 197 25.97 -6.90 7.71
C ALA B 197 25.16 -5.90 6.86
N HIS B 198 24.35 -5.04 7.49
CA HIS B 198 23.49 -4.10 6.77
C HIS B 198 24.32 -3.15 5.92
N ALA B 200 27.24 -3.76 4.68
CA ALA B 200 27.89 -4.50 3.59
C ALA B 200 26.92 -4.78 2.45
N GLU B 201 25.72 -5.19 2.81
CA GLU B 201 24.66 -5.34 1.83
C GLU B 201 24.40 -4.03 1.08
N LYS B 202 24.34 -2.92 1.82
CA LYS B 202 24.08 -1.62 1.17
C LYS B 202 25.22 -1.18 0.25
N ALA B 203 26.45 -1.55 0.60
CA ALA B 203 27.65 -1.20 -0.19
C ALA B 203 27.99 -2.22 -1.29
N SER B 204 27.25 -3.33 -1.34
CA SER B 204 27.60 -4.47 -2.19
C SER B 204 29.03 -4.96 -1.88
N GLY B 205 29.36 -4.95 -0.59
CA GLY B 205 30.62 -5.49 -0.12
C GLY B 205 30.38 -6.85 0.50
N THR B 206 31.43 -7.30 1.21
CA THR B 206 31.33 -8.58 1.94
C THR B 206 31.49 -8.24 3.41
N TYR B 207 31.24 -9.20 4.28
CA TYR B 207 31.41 -9.03 5.72
C TYR B 207 31.74 -10.33 6.41
N ARG B 208 32.34 -10.17 7.61
CA ARG B 208 32.67 -11.31 8.51
C ARG B 208 32.03 -10.96 9.86
N LEU B 209 31.70 -11.93 10.72
CA LEU B 209 30.90 -11.74 11.98
C LEU B 209 31.47 -12.51 13.20
N LEU B 210 30.88 -12.31 14.38
CA LEU B 210 31.35 -12.75 15.75
C LEU B 210 30.14 -13.00 16.65
N PHE B 211 30.34 -13.22 17.93
CA PHE B 211 29.28 -13.54 18.92
C PHE B 211 29.02 -12.28 19.77
N VAL B 212 28.01 -12.21 20.62
CA VAL B 212 27.88 -10.93 21.39
C VAL B 212 28.69 -11.05 22.68
N PRO B 213 29.72 -10.23 22.91
CA PRO B 213 30.50 -10.38 24.11
C PRO B 213 29.68 -10.13 25.37
N GLY B 214 28.99 -8.98 25.52
CA GLY B 214 28.33 -8.58 26.78
C GLY B 214 29.35 -8.37 27.87
N GLN B 215 29.07 -8.84 29.09
CA GLN B 215 30.08 -8.77 30.19
C GLN B 215 30.31 -10.20 30.67
N LEU B 216 31.56 -10.64 30.66
CA LEU B 216 31.86 -12.04 31.04
C LEU B 216 33.27 -12.10 31.64
N SER B 217 33.66 -13.26 32.25
CA SER B 217 35.04 -13.43 32.78
C SER B 217 36.04 -13.35 31.62
N GLN B 218 37.20 -12.75 31.88
CA GLN B 218 38.23 -12.59 30.82
C GLN B 218 38.66 -13.97 30.32
N GLY B 219 38.74 -14.96 31.22
CA GLY B 219 39.16 -16.32 30.83
C GLY B 219 38.22 -16.93 29.79
N ALA B 220 36.91 -16.69 29.93
CA ALA B 220 35.95 -17.18 28.91
C ALA B 220 36.24 -16.52 27.57
N TYR B 221 36.50 -15.21 27.56
CA TYR B 221 36.85 -14.53 26.29
C TYR B 221 38.16 -15.11 25.76
N SER B 222 39.13 -15.38 26.63
CA SER B 222 40.46 -15.90 26.19
C SER B 222 40.29 -17.25 25.49
N SER B 223 39.40 -18.10 25.99
CA SER B 223 39.14 -19.39 25.30
C SER B 223 38.59 -19.12 23.90
N ILE B 224 37.66 -18.14 23.76
CA ILE B 224 37.10 -17.79 22.43
C ILE B 224 38.23 -17.23 21.57
N ILE B 225 39.10 -16.39 22.16
CA ILE B 225 40.30 -15.84 21.43
C ILE B 225 41.24 -16.98 21.00
N GLU B 226 41.46 -17.98 21.87
CA GLU B 226 42.35 -19.12 21.54
C GLU B 226 41.80 -19.90 20.35
N GLU B 227 40.49 -19.81 20.00
CA GLU B 227 39.88 -20.67 18.94
C GLU B 227 40.23 -20.26 17.51
N PRO B 228 40.46 -21.22 16.58
CA PRO B 228 40.86 -20.94 15.19
C PRO B 228 39.96 -20.19 14.20
N SER B 229 38.73 -20.67 13.92
CA SER B 229 37.87 -20.01 12.91
C SER B 229 37.56 -18.65 13.52
N VAL B 230 37.59 -18.58 14.86
CA VAL B 230 37.36 -17.32 15.58
C VAL B 230 38.58 -16.41 15.45
N LYS B 231 39.76 -17.00 15.60
CA LYS B 231 41.00 -16.25 15.52
C LYS B 231 41.12 -15.54 14.17
N GLU B 232 40.64 -16.19 13.11
CA GLU B 232 40.68 -15.61 11.76
C GLU B 232 39.89 -14.30 11.69
N VAL B 233 38.70 -14.29 12.30
CA VAL B 233 37.92 -13.04 12.33
C VAL B 233 38.59 -11.97 13.22
N LEU B 234 39.10 -12.36 14.37
CA LEU B 234 39.86 -11.39 15.18
C LEU B 234 41.08 -10.81 14.49
N ASN B 235 41.80 -11.63 13.73
CA ASN B 235 42.95 -11.11 12.99
C ASN B 235 42.51 -10.16 11.88
N THR B 236 41.32 -10.39 11.34
CA THR B 236 40.80 -9.50 10.31
C THR B 236 40.49 -8.14 10.92
N ILE B 237 39.83 -8.16 12.08
CA ILE B 237 39.59 -6.93 12.82
C ILE B 237 40.90 -6.21 13.13
N LYS B 238 41.94 -6.95 13.51
CA LYS B 238 43.26 -6.33 13.79
C LYS B 238 43.84 -5.65 12.54
N SER B 239 43.44 -6.14 11.37
CA SER B 239 43.94 -5.60 10.11
C SER B 239 43.07 -4.47 9.55
N ALA B 240 42.06 -4.05 10.29
CA ALA B 240 41.18 -2.97 9.82
C ALA B 240 41.93 -1.74 9.26
N SER B 241 41.48 -1.31 8.08
CA SER B 241 41.99 -0.08 7.49
C SER B 241 41.17 1.14 7.87
N LEU B 243 38.02 2.47 10.88
CA LEU B 243 37.07 2.26 12.00
C LEU B 243 36.01 3.32 11.94
N VAL B 244 34.73 2.92 12.05
CA VAL B 244 33.61 3.87 12.07
C VAL B 244 32.90 3.60 13.36
N HIS B 245 32.90 4.59 14.25
CA HIS B 245 32.36 4.37 15.59
C HIS B 245 31.50 5.51 16.14
N GLY B 246 30.66 5.22 17.12
CA GLY B 246 29.88 6.27 17.79
C GLY B 246 30.57 6.73 19.06
N ILE B 247 29.99 7.76 19.66
CA ILE B 247 30.43 8.27 20.96
C ILE B 247 29.16 8.45 21.77
N GLY B 248 29.16 7.90 22.98
CA GLY B 248 27.99 7.96 23.85
C GLY B 248 28.26 8.60 25.21
N GLU B 249 27.19 9.04 25.88
CA GLU B 249 27.25 9.40 27.31
C GLU B 249 27.52 8.13 28.12
N ALA B 250 28.44 8.18 29.10
CA ALA B 250 28.81 6.98 29.83
C ALA B 250 27.65 6.35 30.61
N LYS B 251 26.93 7.16 31.38
CA LYS B 251 25.87 6.60 32.23
C LYS B 251 24.78 5.95 31.37
N THR B 252 24.45 6.59 30.25
CA THR B 252 23.43 6.09 29.33
C THR B 252 23.83 4.73 28.76
N ALA B 254 26.13 2.59 30.02
CA ALA B 254 26.28 1.57 31.05
C ALA B 254 24.93 1.03 31.55
N GLN B 255 23.92 1.92 31.64
CA GLN B 255 22.56 1.49 32.08
C GLN B 255 21.84 0.73 30.97
N ARG B 256 22.08 1.09 29.70
CA ARG B 256 21.45 0.41 28.54
C ARG B 256 21.88 -1.07 28.44
N ARG B 257 23.18 -1.30 28.71
CA ARG B 257 23.78 -2.61 28.75
C ARG B 257 23.36 -3.32 30.06
N ASN B 258 23.75 -4.58 30.22
CA ASN B 258 23.47 -5.26 31.52
C ASN B 258 24.70 -5.11 32.43
N THR B 259 25.18 -3.88 32.65
CA THR B 259 26.37 -3.65 33.49
C THR B 259 26.24 -4.19 34.91
N PRO B 260 27.18 -5.05 35.36
CA PRO B 260 27.24 -5.55 36.74
C PRO B 260 27.25 -4.37 37.71
N LEU B 261 26.60 -4.52 38.86
CA LEU B 261 26.56 -3.49 39.87
C LEU B 261 27.95 -3.06 40.35
N GLU B 262 28.85 -4.03 40.55
CA GLU B 262 30.26 -3.68 40.80
C GLU B 262 30.89 -2.73 39.76
N ASP B 263 30.59 -2.93 38.49
CA ASP B 263 31.19 -2.08 37.45
C ASP B 263 30.47 -0.76 37.33
N LEU B 264 29.16 -0.74 37.62
CA LEU B 264 28.46 0.56 37.64
C LEU B 264 29.10 1.49 38.69
N LYS B 265 29.44 0.93 39.85
CA LYS B 265 30.03 1.70 40.95
C LYS B 265 31.39 2.21 40.54
N LYS B 266 32.17 1.34 39.88
CA LYS B 266 33.49 1.71 39.35
C LYS B 266 33.33 2.84 38.36
N ILE B 267 32.35 2.73 37.49
CA ILE B 267 32.15 3.76 36.42
C ILE B 267 31.76 5.12 37.01
N ASP B 268 30.89 5.09 38.00
CA ASP B 268 30.43 6.28 38.71
C ASP B 268 31.56 6.89 39.56
N ASP B 269 32.25 6.04 40.30
CA ASP B 269 33.25 6.50 41.25
C ASP B 269 34.46 7.09 40.56
N ASN B 270 34.69 6.69 39.33
CA ASN B 270 35.84 7.21 38.55
C ASN B 270 35.41 8.28 37.56
N ASP B 271 34.17 8.74 37.71
CA ASP B 271 33.67 9.92 37.00
C ASP B 271 33.74 9.73 35.48
N ALA B 272 33.29 8.57 35.01
CA ALA B 272 33.23 8.37 33.55
C ALA B 272 32.22 9.33 32.99
N VAL B 273 32.52 9.92 31.84
CA VAL B 273 31.54 10.80 31.20
C VAL B 273 31.23 10.39 29.76
N THR B 274 32.13 9.66 29.08
CA THR B 274 31.96 9.33 27.68
C THR B 274 32.26 7.83 27.47
N GLU B 275 31.70 7.30 26.38
CA GLU B 275 31.90 5.91 26.01
C GLU B 275 32.20 5.82 24.50
N ALA B 276 33.14 4.97 24.12
CA ALA B 276 33.35 4.66 22.71
C ALA B 276 33.98 3.27 22.61
N PHE B 277 33.45 2.48 21.67
CA PHE B 277 33.91 1.14 21.32
C PHE B 277 34.30 0.34 22.53
N GLY B 278 33.42 0.35 23.53
CA GLY B 278 33.56 -0.59 24.64
C GLY B 278 34.44 -0.08 25.76
N TYR B 279 34.81 1.18 25.72
CA TYR B 279 35.61 1.81 26.75
C TYR B 279 34.87 2.98 27.35
N TYR B 280 35.09 3.24 28.66
CA TYR B 280 34.48 4.43 29.32
C TYR B 280 35.65 5.31 29.70
N PHE B 281 35.48 6.60 29.47
CA PHE B 281 36.56 7.59 29.70
C PHE B 281 36.09 8.71 30.60
N ASN B 282 37.03 9.30 31.33
CA ASN B 282 36.69 10.42 32.18
C ASN B 282 36.76 11.72 31.40
N ALA B 283 36.55 12.84 32.09
CA ALA B 283 36.53 14.17 31.45
C ALA B 283 37.85 14.59 30.78
N ASP B 284 38.95 13.98 31.19
CA ASP B 284 40.24 14.18 30.56
C ASP B 284 40.53 13.18 29.46
N GLY B 285 39.54 12.36 29.09
CA GLY B 285 39.69 11.38 28.01
C GLY B 285 40.55 10.15 28.36
N GLU B 286 40.77 9.93 29.66
CA GLU B 286 41.49 8.74 30.14
C GLU B 286 40.54 7.55 30.37
N VAL B 287 40.95 6.36 29.94
CA VAL B 287 40.15 5.15 30.18
C VAL B 287 39.94 4.96 31.69
N VAL B 288 38.69 4.77 32.10
CA VAL B 288 38.43 4.39 33.49
C VAL B 288 37.84 2.99 33.67
N HIS B 289 37.28 2.44 32.60
CA HIS B 289 36.75 1.10 32.62
C HIS B 289 36.63 0.60 31.19
N LYS B 290 36.84 -0.69 31.00
CA LYS B 290 36.69 -1.35 29.71
C LYS B 290 35.69 -2.54 29.83
N VAL B 291 34.64 -2.51 29.01
CA VAL B 291 33.74 -3.69 28.99
C VAL B 291 34.50 -4.69 28.13
N HIS B 292 35.04 -5.75 28.73
CA HIS B 292 35.89 -6.71 27.97
C HIS B 292 35.14 -7.26 26.75
N SER B 293 35.75 -7.20 25.56
CA SER B 293 35.10 -7.77 24.36
C SER B 293 36.16 -8.42 23.46
N VAL B 294 35.76 -9.42 22.68
CA VAL B 294 36.72 -10.00 21.71
C VAL B 294 36.79 -9.05 20.51
N GLY B 295 37.97 -8.48 20.27
CA GLY B 295 38.15 -7.60 19.15
C GLY B 295 39.03 -6.43 19.51
N GLN B 297 41.03 -3.20 20.60
CA GLN B 297 41.48 -2.57 21.81
C GLN B 297 41.90 -1.13 21.52
N LEU B 298 41.85 -0.27 22.54
CA LEU B 298 42.22 1.13 22.37
C LEU B 298 43.60 1.30 21.77
N ASP B 299 44.55 0.45 22.19
CA ASP B 299 45.88 0.57 21.60
C ASP B 299 45.91 0.30 20.10
N ASP B 300 44.94 -0.47 19.59
CA ASP B 300 44.88 -0.84 18.16
C ASP B 300 44.52 0.33 17.24
N ILE B 301 43.82 1.35 17.76
CA ILE B 301 43.34 2.45 16.88
C ILE B 301 44.47 3.27 16.24
N ASP B 302 45.58 3.33 16.95
CA ASP B 302 46.79 4.01 16.50
C ASP B 302 47.19 3.54 15.09
N ALA B 303 47.09 2.24 14.85
CA ALA B 303 47.52 1.64 13.59
C ALA B 303 46.47 1.65 12.46
N ILE B 304 45.27 2.15 12.75
CA ILE B 304 44.22 2.24 11.73
C ILE B 304 44.36 3.56 10.98
N PRO B 305 44.57 3.52 9.65
CA PRO B 305 44.77 4.76 8.93
C PRO B 305 43.65 5.80 9.00
N ASP B 306 42.40 5.33 8.97
CA ASP B 306 41.22 6.20 8.93
C ASP B 306 40.22 5.87 10.00
N ILE B 307 39.94 6.83 10.87
CA ILE B 307 38.93 6.62 11.91
C ILE B 307 37.94 7.73 11.77
N ILE B 308 36.66 7.38 11.76
CA ILE B 308 35.59 8.36 11.61
C ILE B 308 34.65 8.12 12.76
N ALA B 309 34.46 9.12 13.61
CA ALA B 309 33.52 9.09 14.72
C ALA B 309 32.28 9.83 14.25
N VAL B 310 31.10 9.25 14.50
CA VAL B 310 29.86 9.90 14.05
C VAL B 310 28.97 10.04 15.28
N ALA B 311 28.74 11.27 15.69
CA ALA B 311 28.07 11.51 16.97
C ALA B 311 27.62 12.93 17.03
N GLY B 312 26.39 13.15 17.50
CA GLY B 312 25.88 14.52 17.57
C GLY B 312 24.71 14.64 18.53
N GLY B 313 24.05 15.79 18.48
CA GLY B 313 22.98 16.12 19.44
C GLY B 313 23.54 16.91 20.62
N SER B 314 22.78 17.90 21.09
CA SER B 314 23.23 18.72 22.21
C SER B 314 23.55 17.91 23.49
N SER B 315 22.84 16.80 23.70
CA SER B 315 23.09 15.97 24.90
C SER B 315 24.46 15.28 24.92
N LYS B 316 25.13 15.24 23.75
CA LYS B 316 26.42 14.58 23.68
C LYS B 316 27.59 15.52 23.67
N ALA B 317 27.35 16.84 23.80
CA ALA B 317 28.43 17.79 23.71
C ALA B 317 29.55 17.47 24.70
N GLU B 318 29.20 17.24 25.96
CA GLU B 318 30.18 16.93 27.00
C GLU B 318 30.96 15.61 26.73
N ALA B 319 30.25 14.55 26.33
CA ALA B 319 30.90 13.29 25.97
C ALA B 319 31.89 13.46 24.80
N ILE B 320 31.49 14.24 23.80
CA ILE B 320 32.29 14.42 22.62
C ILE B 320 33.53 15.21 22.98
N GLU B 321 33.35 16.30 23.74
CA GLU B 321 34.50 17.06 24.24
C GLU B 321 35.50 16.19 25.02
N ALA B 322 34.98 15.34 25.91
CA ALA B 322 35.85 14.50 26.77
C ALA B 322 36.63 13.50 25.94
N TYR B 323 35.94 12.82 25.02
CA TYR B 323 36.56 11.81 24.20
C TYR B 323 37.76 12.40 23.46
N PHE B 324 37.61 13.62 22.96
CA PHE B 324 38.68 14.25 22.15
C PHE B 324 39.63 15.15 22.94
N LYS B 325 39.66 14.95 24.26
CA LYS B 325 40.69 15.57 25.10
C LYS B 325 42.08 14.99 24.85
N LYS B 326 42.13 13.81 24.25
CA LYS B 326 43.38 13.22 23.78
C LYS B 326 43.37 13.09 22.24
N PRO B 327 44.55 13.13 21.59
CA PRO B 327 44.60 12.88 20.16
C PRO B 327 44.12 11.50 19.78
N ARG B 328 43.26 11.42 18.78
CA ARG B 328 42.72 10.18 18.31
C ARG B 328 42.90 10.03 16.81
N ASN B 329 43.48 11.05 16.17
CA ASN B 329 43.70 11.08 14.71
C ASN B 329 42.40 10.78 13.97
N THR B 330 41.30 11.32 14.47
CA THR B 330 39.94 10.96 14.02
C THR B 330 39.22 12.11 13.31
N VAL B 331 38.39 11.80 12.30
CA VAL B 331 37.56 12.82 11.68
C VAL B 331 36.22 12.70 12.42
N LEU B 332 35.70 13.82 12.92
CA LEU B 332 34.39 13.78 13.56
C LEU B 332 33.29 14.28 12.64
N VAL B 333 32.24 13.47 12.50
CA VAL B 333 31.01 13.88 11.80
C VAL B 333 30.00 14.17 12.89
N THR B 334 29.57 15.42 12.96
CA THR B 334 28.68 15.81 14.07
C THR B 334 27.63 16.81 13.54
N ASP B 335 26.86 17.42 14.44
CA ASP B 335 25.82 18.37 14.03
C ASP B 335 25.96 19.66 14.82
N GLU B 336 25.20 20.69 14.41
CA GLU B 336 25.22 21.95 15.14
C GLU B 336 24.79 21.82 16.59
N GLY B 337 23.86 20.91 16.85
CA GLY B 337 23.40 20.64 18.21
C GLY B 337 24.60 20.51 19.12
N ALA B 338 25.47 19.57 18.79
CA ALA B 338 26.63 19.30 19.61
C ALA B 338 27.70 20.40 19.47
N ALA B 339 28.03 20.78 18.25
CA ALA B 339 29.13 21.73 17.99
C ALA B 339 28.92 23.11 18.63
N LYS B 340 27.70 23.66 18.52
CA LYS B 340 27.41 24.99 19.07
C LYS B 340 27.34 24.98 20.58
N LYS B 341 26.81 23.89 21.15
CA LYS B 341 26.76 23.75 22.59
C LYS B 341 28.16 23.64 23.16
N LEU B 342 29.04 22.93 22.45
CA LEU B 342 30.43 22.76 22.87
C LEU B 342 31.16 24.10 22.80
N LEU B 343 30.99 24.83 21.69
CA LEU B 343 31.78 26.03 21.41
C LEU B 343 31.20 27.31 22.00
N ARG B 344 29.97 27.26 22.53
CA ARG B 344 29.32 28.45 23.15
C ARG B 344 28.16 27.99 24.04
N ASN E 8 15.63 37.10 2.85
CA ASN E 8 15.33 37.79 1.61
C ASN E 8 16.63 38.35 1.03
N GLN E 9 17.56 38.77 1.88
CA GLN E 9 18.86 39.30 1.41
C GLN E 9 19.63 38.17 0.72
N LEU E 10 19.70 36.99 1.34
CA LEU E 10 20.37 35.80 0.76
C LEU E 10 19.78 35.50 -0.61
N ILE E 11 18.46 35.42 -0.71
CA ILE E 11 17.76 35.05 -1.97
C ILE E 11 18.06 36.07 -3.06
N GLN E 12 18.12 37.36 -2.72
CA GLN E 12 18.33 38.42 -3.74
C GLN E 12 19.78 38.32 -4.24
N ALA E 13 20.75 38.11 -3.35
CA ALA E 13 22.17 37.89 -3.70
C ALA E 13 22.32 36.65 -4.59
N GLN E 14 21.61 35.56 -4.29
CA GLN E 14 21.63 34.30 -5.08
C GLN E 14 21.11 34.58 -6.49
N LYS E 15 20.06 35.39 -6.62
CA LYS E 15 19.49 35.72 -7.95
C LYS E 15 20.50 36.47 -8.82
N LYS E 16 21.46 37.22 -8.25
CA LYS E 16 22.47 37.97 -9.04
C LYS E 16 23.74 37.14 -9.27
N LEU E 17 24.21 36.43 -8.25
CA LEU E 17 25.51 35.71 -8.28
C LEU E 17 25.36 34.29 -8.88
N LEU E 18 24.19 33.66 -8.74
CA LEU E 18 24.02 32.21 -9.04
C LEU E 18 22.79 31.91 -9.92
N PRO E 19 22.40 32.75 -10.89
CA PRO E 19 21.21 32.45 -11.67
C PRO E 19 21.35 31.14 -12.47
N ASP E 20 22.55 30.79 -12.90
CA ASP E 20 22.80 29.49 -13.63
C ASP E 20 22.46 28.33 -12.68
N LEU E 21 22.94 28.39 -11.44
CA LEU E 21 22.61 27.37 -10.41
C LEU E 21 21.11 27.44 -10.08
N LEU E 22 20.49 28.61 -10.04
CA LEU E 22 19.04 28.69 -9.71
C LEU E 22 18.21 28.01 -10.80
N LEU E 23 18.67 28.07 -12.05
CA LEU E 23 17.95 27.45 -13.20
C LEU E 23 17.96 25.92 -13.07
N VAL E 24 19.12 25.34 -12.79
CA VAL E 24 19.24 23.88 -12.56
C VAL E 24 18.29 23.48 -11.44
N GLN E 26 15.59 24.94 -10.27
CA GLN E 26 14.19 25.03 -10.64
C GLN E 26 13.80 23.85 -11.53
N LYS E 27 14.61 23.49 -12.52
CA LYS E 27 14.30 22.34 -13.40
C LYS E 27 14.16 21.06 -12.55
N ARG E 28 15.07 20.83 -11.61
CA ARG E 28 14.99 19.61 -10.74
C ARG E 28 13.77 19.67 -9.83
N PHE E 29 13.44 20.86 -9.33
CA PHE E 29 12.25 21.07 -8.48
C PHE E 29 10.99 20.76 -9.31
N GLU E 30 10.93 21.17 -10.58
CA GLU E 30 9.78 20.91 -11.49
C GLU E 30 9.61 19.39 -11.67
N ILE E 31 10.71 18.66 -11.79
CA ILE E 31 10.65 17.17 -11.92
C ILE E 31 9.98 16.59 -10.66
N LEU E 32 10.38 17.04 -9.48
CA LEU E 32 9.77 16.55 -8.21
C LEU E 32 8.28 16.86 -8.17
N GLN E 33 7.86 18.07 -8.56
CA GLN E 33 6.41 18.47 -8.59
C GLN E 33 5.62 17.53 -9.51
N TYR E 34 6.17 17.21 -10.68
CA TYR E 34 5.37 16.41 -11.64
C TYR E 34 5.36 14.96 -11.16
N ILE E 35 6.41 14.52 -10.49
CA ILE E 35 6.36 13.14 -9.90
C ILE E 35 5.29 13.12 -8.81
N ARG E 36 5.18 14.16 -7.99
CA ARG E 36 4.20 14.19 -6.87
C ARG E 36 2.81 14.02 -7.45
N LEU E 37 2.55 14.68 -8.59
CA LEU E 37 1.24 14.69 -9.26
C LEU E 37 0.92 13.32 -9.86
N THR E 38 1.88 12.62 -10.46
CA THR E 38 1.60 11.47 -11.35
C THR E 38 2.21 10.15 -10.86
N GLU E 39 2.91 10.12 -9.74
CA GLU E 39 3.59 8.87 -9.31
C GLU E 39 2.57 7.72 -9.21
N PRO E 40 2.97 6.45 -9.42
CA PRO E 40 4.26 6.13 -10.04
C PRO E 40 4.26 6.45 -11.54
N ILE E 41 5.37 6.99 -12.04
CA ILE E 41 5.51 7.34 -13.48
C ILE E 41 6.92 6.96 -13.93
N GLY E 42 7.06 6.53 -15.19
CA GLY E 42 8.35 6.07 -15.74
C GLY E 42 8.94 7.14 -16.61
N ARG E 43 10.20 6.97 -17.00
CA ARG E 43 11.00 8.04 -17.64
C ARG E 43 10.42 8.40 -19.02
N ARG E 44 9.81 7.46 -19.73
CA ARG E 44 9.21 7.74 -21.06
C ARG E 44 8.01 8.68 -20.90
N SER E 45 7.05 8.33 -20.03
CA SER E 45 5.85 9.19 -19.79
C SER E 45 6.26 10.53 -19.15
N LEU E 46 7.11 10.52 -18.12
CA LEU E 46 7.55 11.78 -17.48
C LEU E 46 8.30 12.69 -18.46
N SER E 47 9.22 12.19 -19.30
CA SER E 47 9.95 13.04 -20.27
C SER E 47 8.95 13.66 -21.26
N ALA E 48 8.01 12.88 -21.78
CA ALA E 48 6.95 13.38 -22.70
C ALA E 48 6.13 14.48 -22.01
N SER E 49 5.71 14.25 -20.77
CA SER E 49 4.91 15.21 -19.95
C SER E 49 5.66 16.54 -19.81
N LEU E 50 6.95 16.51 -19.49
CA LEU E 50 7.82 17.71 -19.60
C LEU E 50 8.20 17.88 -21.07
N GLY E 51 8.93 18.92 -21.44
CA GLY E 51 9.23 19.09 -22.87
C GLY E 51 10.60 18.55 -23.24
N ILE E 52 11.10 17.54 -22.53
CA ILE E 52 12.55 17.17 -22.59
C ILE E 52 12.73 15.73 -23.06
N SER E 53 13.92 15.43 -23.54
CA SER E 53 14.23 14.07 -24.05
C SER E 53 14.34 13.11 -22.87
N GLU E 54 14.05 11.85 -23.14
CA GLU E 54 14.17 10.73 -22.18
C GLU E 54 15.58 10.77 -21.57
N ARG E 55 16.59 10.98 -22.39
CA ARG E 55 18.00 10.85 -21.95
C ARG E 55 18.35 11.98 -20.96
N VAL E 56 17.89 13.21 -21.21
CA VAL E 56 18.10 14.37 -20.31
C VAL E 56 17.39 14.08 -18.97
N LEU E 57 16.13 13.68 -19.03
CA LEU E 57 15.37 13.33 -17.80
C LEU E 57 16.16 12.27 -17.01
N ARG E 58 16.70 11.29 -17.70
CA ARG E 58 17.30 10.09 -17.04
C ARG E 58 18.52 10.53 -16.23
N GLY E 59 19.31 11.46 -16.77
CA GLY E 59 20.40 12.14 -16.05
C GLY E 59 19.90 12.83 -14.78
N GLU E 60 18.87 13.68 -14.88
CA GLU E 60 18.32 14.40 -13.70
C GLU E 60 17.75 13.41 -12.67
N VAL E 61 17.00 12.41 -13.12
CA VAL E 61 16.32 11.46 -12.20
C VAL E 61 17.39 10.63 -11.46
N GLN E 62 18.52 10.37 -12.11
CA GLN E 62 19.57 9.54 -11.47
C GLN E 62 20.19 10.40 -10.36
N PHE E 63 20.36 11.69 -10.60
CA PHE E 63 20.83 12.65 -9.58
C PHE E 63 19.85 12.62 -8.39
N LEU E 64 18.55 12.78 -8.64
CA LEU E 64 17.51 12.83 -7.59
C LEU E 64 17.51 11.53 -6.77
N LYS E 65 17.70 10.39 -7.42
CA LYS E 65 17.78 9.09 -6.71
C LYS E 65 19.00 9.08 -5.79
N GLU E 66 20.16 9.50 -6.29
CA GLU E 66 21.43 9.58 -5.49
C GLU E 66 21.22 10.50 -4.27
N GLN E 67 20.38 11.56 -4.36
CA GLN E 67 20.10 12.48 -3.21
C GLN E 67 18.97 11.92 -2.31
N ASN E 68 18.44 10.73 -2.63
CA ASN E 68 17.39 10.01 -1.85
C ASN E 68 16.09 10.81 -1.87
N LEU E 69 15.82 11.50 -2.97
CA LEU E 69 14.57 12.29 -3.13
C LEU E 69 13.53 11.49 -3.90
N VAL E 70 13.94 10.52 -4.72
CA VAL E 70 13.00 9.65 -5.47
C VAL E 70 13.43 8.19 -5.33
N ASP E 71 12.45 7.31 -5.39
CA ASP E 71 12.65 5.84 -5.43
C ASP E 71 12.30 5.40 -6.85
N ILE E 72 13.10 4.52 -7.42
CA ILE E 72 12.90 3.95 -8.78
C ILE E 72 12.60 2.47 -8.62
N LYS E 73 11.36 2.08 -8.94
CA LYS E 73 10.89 0.68 -8.81
C LYS E 73 10.47 0.18 -10.19
N THR E 74 10.15 -1.11 -10.29
CA THR E 74 9.81 -1.77 -11.59
C THR E 74 8.60 -1.04 -12.20
N ASN E 75 7.72 -0.40 -11.39
CA ASN E 75 6.51 0.30 -11.90
C ASN E 75 6.75 1.81 -12.04
N GLY E 76 7.98 2.28 -11.84
CA GLY E 76 8.34 3.69 -12.12
C GLY E 76 8.83 4.41 -10.85
N THR E 78 8.57 7.17 -7.62
CA THR E 78 7.83 7.86 -6.59
C THR E 78 8.75 8.75 -5.73
N LEU E 79 8.19 9.69 -4.98
CA LEU E 79 8.99 10.54 -4.05
C LEU E 79 9.28 9.76 -2.78
N THR E 80 10.42 10.02 -2.18
CA THR E 80 10.71 9.55 -0.82
C THR E 80 10.10 10.53 0.17
N GLU E 81 10.18 10.20 1.45
CA GLU E 81 9.82 11.15 2.54
C GLU E 81 10.62 12.45 2.33
N GLU E 82 11.95 12.34 2.15
CA GLU E 82 12.83 13.52 1.94
C GLU E 82 12.34 14.34 0.74
N GLY E 83 11.87 13.70 -0.33
CA GLY E 83 11.34 14.44 -1.50
C GLY E 83 10.10 15.25 -1.17
N TYR E 84 9.13 14.66 -0.48
CA TYR E 84 7.89 15.37 -0.04
C TYR E 84 8.27 16.54 0.87
N GLU E 85 9.15 16.31 1.86
CA GLU E 85 9.62 17.36 2.79
C GLU E 85 10.20 18.51 1.96
N LEU E 86 11.13 18.21 1.03
CA LEU E 86 11.83 19.26 0.24
C LEU E 86 10.81 20.13 -0.50
N LEU E 87 9.76 19.55 -1.03
CA LEU E 87 8.74 20.32 -1.80
C LEU E 87 8.07 21.32 -0.84
N SER E 88 7.80 20.94 0.41
CA SER E 88 7.13 21.85 1.40
C SER E 88 8.10 22.98 1.82
N VAL E 89 9.36 22.65 2.08
CA VAL E 89 10.39 23.63 2.52
C VAL E 89 10.67 24.68 1.44
N LEU E 90 10.77 24.30 0.17
CA LEU E 90 11.19 25.24 -0.89
C LEU E 90 9.98 25.89 -1.58
N GLU E 91 8.75 25.51 -1.23
CA GLU E 91 7.56 25.85 -2.05
C GLU E 91 7.55 27.37 -2.33
N ASP E 92 7.69 28.22 -1.32
CA ASP E 92 7.47 29.70 -1.47
C ASP E 92 8.64 30.37 -2.19
N THR E 93 9.87 30.09 -1.75
CA THR E 93 11.08 30.72 -2.34
C THR E 93 11.23 30.34 -3.82
N LYS E 95 8.95 30.17 -5.99
CA LYS E 95 8.01 31.06 -6.73
C LYS E 95 8.63 32.43 -6.90
N ASP E 96 9.50 32.85 -5.97
CA ASP E 96 10.17 34.17 -6.09
C ASP E 96 10.98 34.24 -7.39
N VAL E 97 11.74 33.18 -7.71
CA VAL E 97 12.58 33.20 -8.93
C VAL E 97 11.70 32.84 -10.12
N LEU E 98 10.66 32.02 -9.93
CA LEU E 98 9.72 31.77 -11.06
C LEU E 98 9.07 33.11 -11.45
N GLY E 99 9.25 34.15 -10.64
CA GLY E 99 8.70 35.49 -10.95
C GLY E 99 7.23 35.60 -10.61
N LEU E 100 6.69 34.60 -9.89
CA LEU E 100 5.23 34.58 -9.56
C LEU E 100 4.93 35.61 -8.46
N THR E 101 5.90 35.90 -7.59
CA THR E 101 5.68 36.81 -6.45
C THR E 101 5.32 38.23 -6.96
N LEU E 102 6.19 38.80 -7.79
CA LEU E 102 5.92 40.10 -8.41
C LEU E 102 4.63 40.09 -9.20
N LEU E 103 4.38 39.00 -9.93
CA LEU E 103 3.15 38.89 -10.69
C LEU E 103 1.87 38.89 -9.82
N GLU E 104 1.85 38.11 -8.76
CA GLU E 104 0.73 38.10 -7.80
C GLU E 104 0.52 39.51 -7.19
N LYS E 105 1.60 40.23 -6.88
CA LYS E 105 1.47 41.59 -6.31
C LYS E 105 0.73 42.49 -7.25
N THR E 106 1.05 42.33 -8.53
CA THR E 106 0.53 43.22 -9.54
C THR E 106 -0.92 42.82 -9.83
N LEU E 107 -1.21 41.52 -9.88
CA LEU E 107 -2.56 41.06 -10.17
C LEU E 107 -3.55 41.53 -9.08
N LYS E 108 -3.06 41.56 -7.86
CA LYS E 108 -3.84 42.11 -6.74
C LYS E 108 -4.00 43.66 -6.80
N GLU E 109 -3.06 44.39 -7.41
CA GLU E 109 -3.21 45.86 -7.66
C GLU E 109 -4.24 46.17 -8.76
N ARG E 110 -4.42 45.21 -9.65
CA ARG E 110 -5.21 45.38 -10.86
C ARG E 110 -6.66 44.97 -10.60
N LEU E 111 -6.84 43.80 -9.99
CA LEU E 111 -8.16 43.26 -9.79
C LEU E 111 -8.66 43.52 -8.38
N ASN E 112 -9.97 43.33 -8.19
CA ASN E 112 -10.53 43.41 -6.87
C ASN E 112 -10.29 42.04 -6.24
N LEU E 113 -9.20 41.91 -5.47
CA LEU E 113 -8.79 40.58 -4.89
C LEU E 113 -8.31 40.68 -3.45
N LYS E 114 -8.74 39.74 -2.62
CA LYS E 114 -8.20 39.64 -1.28
C LYS E 114 -6.76 39.17 -1.33
N ASP E 115 -6.48 38.25 -2.25
CA ASP E 115 -5.11 37.78 -2.50
C ASP E 115 -5.12 37.05 -3.83
N ALA E 116 -3.94 36.87 -4.39
CA ALA E 116 -3.78 36.15 -5.63
C ALA E 116 -2.76 35.04 -5.42
N ILE E 117 -3.07 33.86 -5.93
CA ILE E 117 -2.18 32.70 -5.90
C ILE E 117 -2.07 32.25 -7.33
N ILE E 118 -0.85 32.32 -7.87
CA ILE E 118 -0.65 31.98 -9.29
C ILE E 118 0.35 30.85 -9.38
N VAL E 119 -0.06 29.79 -10.07
CA VAL E 119 0.84 28.69 -10.38
C VAL E 119 1.41 28.85 -11.80
N SER E 120 2.56 28.21 -12.05
CA SER E 120 3.20 28.27 -13.35
C SER E 120 2.38 27.64 -14.46
N GLY E 121 2.53 28.18 -15.66
CA GLY E 121 2.03 27.55 -16.86
C GLY E 121 0.67 28.03 -17.29
N ASP E 122 0.22 27.50 -18.42
CA ASP E 122 -1.06 27.85 -19.01
C ASP E 122 -1.84 26.56 -19.13
N SER E 123 -2.90 26.44 -18.32
CA SER E 123 -3.73 25.24 -18.28
C SER E 123 -4.45 24.93 -19.60
N ASP E 124 -4.54 25.93 -20.49
CA ASP E 124 -5.11 25.69 -21.82
C ASP E 124 -4.17 24.86 -22.70
N GLN E 125 -2.88 24.96 -22.40
CA GLN E 125 -1.85 24.24 -23.17
C GLN E 125 -1.40 22.97 -22.46
N SER E 126 -1.34 23.05 -21.13
CA SER E 126 -0.74 21.99 -20.31
C SER E 126 -1.74 21.51 -19.26
N PRO E 127 -2.44 20.41 -19.54
CA PRO E 127 -3.56 19.98 -18.68
C PRO E 127 -3.22 19.82 -17.20
N TRP E 128 -2.04 19.32 -16.91
CA TRP E 128 -1.63 19.11 -15.52
C TRP E 128 -1.62 20.40 -14.70
N VAL E 129 -1.61 21.57 -15.36
CA VAL E 129 -1.62 22.85 -14.66
C VAL E 129 -2.92 22.98 -13.85
N LYS E 130 -4.03 22.40 -14.35
CA LYS E 130 -5.28 22.38 -13.56
C LYS E 130 -5.10 21.66 -12.21
N LYS E 131 -4.26 20.62 -12.20
CA LYS E 131 -3.96 19.86 -10.97
C LYS E 131 -3.14 20.67 -9.98
N GLU E 132 -2.19 21.47 -10.50
CA GLU E 132 -1.42 22.37 -9.62
C GLU E 132 -2.27 23.52 -9.06
N GLY E 134 -5.39 23.07 -8.42
CA GLY E 134 -6.06 22.24 -7.42
C GLY E 134 -5.25 22.15 -6.14
N ARG E 135 -3.99 21.74 -6.27
CA ARG E 135 -3.11 21.61 -5.12
C ARG E 135 -3.05 22.92 -4.32
N ALA E 136 -2.89 24.03 -5.03
CA ALA E 136 -2.73 25.32 -4.40
C ALA E 136 -4.02 25.73 -3.68
N ALA E 137 -5.15 25.44 -4.30
CA ALA E 137 -6.45 25.80 -3.74
C ALA E 137 -6.68 25.03 -2.44
N VAL E 138 -6.38 23.72 -2.44
CA VAL E 138 -6.52 22.91 -1.24
C VAL E 138 -5.70 23.45 -0.09
N ALA E 139 -4.46 23.82 -0.39
CA ALA E 139 -3.56 24.34 0.61
C ALA E 139 -4.12 25.65 1.17
N CYS E 140 -4.68 26.48 0.29
CA CYS E 140 -5.31 27.75 0.69
C CYS E 140 -6.53 27.48 1.58
N LYS E 142 -7.08 25.04 3.49
CA LYS E 142 -6.70 24.51 4.81
C LYS E 142 -6.16 25.62 5.67
N LYS E 143 -5.49 26.61 5.08
CA LYS E 143 -5.06 27.76 5.91
C LYS E 143 -6.22 28.60 6.49
N ARG E 144 -7.38 28.58 5.83
CA ARG E 144 -8.53 29.39 6.24
C ARG E 144 -9.55 28.65 7.12
N PHE E 145 -9.45 27.31 7.22
CA PHE E 145 -10.45 26.58 8.03
C PHE E 145 -10.47 27.06 9.47
N SER E 146 -11.69 27.21 10.03
CA SER E 146 -11.85 27.37 11.49
C SER E 146 -12.11 25.99 12.12
N GLY E 147 -12.48 25.98 13.41
CA GLY E 147 -12.67 24.72 14.11
C GLY E 147 -13.78 23.93 13.48
N LYS E 148 -14.77 24.67 12.96
CA LYS E 148 -15.93 24.07 12.29
C LYS E 148 -16.19 24.80 10.97
N ASN E 149 -16.54 24.05 9.93
CA ASN E 149 -16.56 24.60 8.58
C ASN E 149 -17.72 24.02 7.79
N ILE E 150 -18.41 24.88 7.07
CA ILE E 150 -19.41 24.42 6.07
C ILE E 150 -18.92 24.98 4.76
N VAL E 151 -18.53 24.10 3.82
CA VAL E 151 -17.86 24.52 2.60
C VAL E 151 -18.78 24.31 1.42
N ALA E 152 -19.19 25.40 0.77
CA ALA E 152 -20.06 25.31 -0.41
C ALA E 152 -19.19 25.24 -1.66
N VAL E 153 -19.52 24.36 -2.60
CA VAL E 153 -18.70 24.19 -3.81
C VAL E 153 -19.56 24.20 -5.09
N THR E 154 -18.96 24.66 -6.19
CA THR E 154 -19.56 24.56 -7.53
C THR E 154 -19.07 23.30 -8.26
N GLY E 155 -19.58 23.07 -9.47
CA GLY E 155 -19.42 21.75 -10.11
C GLY E 155 -18.57 21.62 -11.36
N GLY E 156 -17.82 22.65 -11.72
CA GLY E 156 -17.05 22.66 -12.97
C GLY E 156 -15.76 21.86 -12.92
N THR E 157 -15.08 21.72 -14.06
CA THR E 157 -13.91 20.85 -14.10
C THR E 157 -12.71 21.34 -13.31
N THR E 158 -12.64 22.64 -13.02
CA THR E 158 -11.49 23.08 -12.26
C THR E 158 -11.75 22.77 -10.78
N ILE E 159 -12.98 22.97 -10.33
CA ILE E 159 -13.29 22.55 -8.95
C ILE E 159 -13.15 21.02 -8.79
N GLU E 160 -13.43 20.26 -9.85
CA GLU E 160 -13.20 18.80 -9.80
C GLU E 160 -11.71 18.52 -9.49
N ALA E 161 -10.84 19.33 -10.08
CA ALA E 161 -9.40 19.20 -9.89
C ALA E 161 -9.04 19.52 -8.44
N VAL E 162 -9.78 20.44 -7.82
CA VAL E 162 -9.55 20.75 -6.40
C VAL E 162 -9.95 19.51 -5.56
N ALA E 163 -11.10 18.95 -5.86
CA ALA E 163 -11.56 17.73 -5.17
C ALA E 163 -10.55 16.59 -5.28
N GLU E 164 -10.01 16.38 -6.48
CA GLU E 164 -9.04 15.29 -6.71
C GLU E 164 -7.77 15.46 -5.88
N THR E 167 -6.96 16.33 0.49
CA THR E 167 -6.45 15.37 1.46
C THR E 167 -7.03 15.72 2.83
N PRO E 168 -7.09 14.74 3.75
CA PRO E 168 -7.55 15.01 5.11
C PRO E 168 -6.78 16.14 5.78
N ASP E 169 -7.48 16.85 6.66
CA ASP E 169 -6.90 18.00 7.37
C ASP E 169 -5.95 17.54 8.51
N SER E 170 -4.68 17.91 8.43
CA SER E 170 -3.73 17.59 9.51
C SER E 170 -4.23 18.04 10.89
N LYS E 171 -4.96 19.16 10.94
CA LYS E 171 -5.50 19.68 12.20
C LYS E 171 -6.84 19.04 12.61
N ASN E 172 -7.37 18.17 11.76
CA ASN E 172 -8.65 17.48 12.00
C ASN E 172 -9.79 18.43 12.40
N ARG E 173 -9.91 19.53 11.66
CA ARG E 173 -11.02 20.45 11.90
C ARG E 173 -12.29 19.84 11.33
N GLU E 174 -13.45 20.29 11.80
CA GLU E 174 -14.73 19.68 11.33
C GLU E 174 -15.11 20.26 9.98
N LEU E 175 -15.41 19.39 9.01
CA LEU E 175 -15.61 19.78 7.60
C LEU E 175 -16.93 19.19 7.05
N LEU E 176 -17.89 20.04 6.74
CA LEU E 176 -19.13 19.54 6.07
C LEU E 176 -19.17 20.24 4.73
N PHE E 177 -19.35 19.48 3.65
CA PHE E 177 -19.38 20.05 2.29
C PHE E 177 -20.81 20.04 1.76
N VAL E 178 -21.17 21.08 1.01
CA VAL E 178 -22.47 21.16 0.33
C VAL E 178 -22.29 21.76 -1.06
N PRO E 179 -23.23 21.51 -2.01
CA PRO E 179 -23.15 22.09 -3.36
C PRO E 179 -23.92 23.41 -3.50
N ALA E 180 -23.21 24.54 -3.60
CA ALA E 180 -23.91 25.83 -3.84
C ALA E 180 -24.53 25.85 -5.24
N ARG E 181 -23.70 25.59 -6.24
CA ARG E 181 -24.29 25.37 -7.57
C ARG E 181 -24.99 24.02 -7.34
N GLY E 182 -25.94 23.67 -8.13
CA GLY E 182 -26.66 22.41 -7.82
C GLY E 182 -26.22 21.47 -8.93
N GLY E 183 -25.99 21.98 -10.13
CA GLY E 183 -25.42 21.13 -11.20
C GLY E 183 -26.22 20.98 -12.48
N LEU E 184 -25.56 20.52 -13.56
CA LEU E 184 -26.20 20.28 -14.88
C LEU E 184 -25.29 19.29 -15.62
N GLY E 185 -25.81 18.47 -16.54
CA GLY E 185 -24.94 17.43 -17.14
C GLY E 185 -24.43 17.83 -18.50
N LYS E 189 -22.33 14.78 -15.42
CA LYS E 189 -21.85 14.06 -14.20
C LYS E 189 -21.04 15.03 -13.32
N ASN E 190 -20.46 16.09 -13.92
CA ASN E 190 -19.74 17.13 -13.14
C ASN E 190 -20.80 18.10 -12.63
N GLN E 191 -21.64 17.64 -11.71
CA GLN E 191 -22.67 18.49 -11.08
C GLN E 191 -22.09 18.73 -9.69
N ALA E 192 -22.40 19.86 -9.07
CA ALA E 192 -21.90 20.24 -7.75
C ALA E 192 -22.07 19.12 -6.70
N ASN E 193 -23.18 18.37 -6.80
CA ASN E 193 -23.39 17.26 -5.91
C ASN E 193 -22.25 16.24 -6.00
N THR E 194 -21.86 15.88 -7.22
CA THR E 194 -20.77 14.94 -7.45
C THR E 194 -19.47 15.42 -6.83
N ILE E 195 -19.13 16.67 -7.11
CA ILE E 195 -17.92 17.31 -6.58
C ILE E 195 -17.93 17.36 -5.06
N CYS E 196 -19.08 17.85 -4.55
CA CYS E 196 -19.26 18.00 -3.12
C CYS E 196 -18.96 16.67 -2.41
N ALA E 197 -19.57 15.59 -2.91
CA ALA E 197 -19.34 14.25 -2.30
C ALA E 197 -17.86 13.84 -2.42
N HIS E 198 -17.26 13.97 -3.61
CA HIS E 198 -15.87 13.54 -3.85
C HIS E 198 -14.92 14.28 -2.95
N ALA E 200 -15.61 15.57 -0.05
CA ALA E 200 -15.83 15.17 1.34
C ALA E 200 -15.18 13.84 1.66
N GLU E 201 -15.36 12.88 0.75
CA GLU E 201 -14.67 11.62 0.87
C GLU E 201 -13.16 11.81 0.92
N LYS E 202 -12.63 12.67 0.05
CA LYS E 202 -11.17 12.89 0.05
C LYS E 202 -10.66 13.57 1.32
N ALA E 203 -11.50 14.42 1.92
CA ALA E 203 -11.15 15.15 3.17
C ALA E 203 -11.51 14.38 4.45
N SER E 204 -12.17 13.23 4.30
CA SER E 204 -12.75 12.51 5.45
C SER E 204 -13.71 13.43 6.22
N GLY E 205 -14.46 14.24 5.47
CA GLY E 205 -15.50 15.06 6.04
C GLY E 205 -16.86 14.43 5.77
N THR E 206 -17.88 15.24 6.02
CA THR E 206 -19.26 14.80 5.73
C THR E 206 -19.79 15.74 4.65
N TYR E 207 -20.94 15.42 4.09
CA TYR E 207 -21.59 16.24 3.09
C TYR E 207 -23.10 16.09 3.11
N ARG E 208 -23.76 17.13 2.56
CA ARG E 208 -25.25 17.15 2.37
C ARG E 208 -25.47 17.44 0.89
N LEU E 209 -26.61 17.04 0.29
CA LEU E 209 -26.87 17.10 -1.20
C LEU E 209 -28.28 17.63 -1.54
N LEU E 210 -28.56 17.81 -2.85
CA LEU E 210 -29.74 18.50 -3.45
C LEU E 210 -30.07 17.86 -4.81
N PHE E 211 -30.97 18.50 -5.58
CA PHE E 211 -31.45 17.99 -6.88
C PHE E 211 -30.79 18.82 -7.99
N VAL E 212 -30.87 18.42 -9.29
CA VAL E 212 -30.19 19.34 -10.26
C VAL E 212 -31.19 20.42 -10.69
N PRO E 213 -30.94 21.71 -10.43
CA PRO E 213 -31.92 22.71 -10.79
C PRO E 213 -32.12 22.78 -12.30
N GLY E 214 -31.08 22.95 -13.13
CA GLY E 214 -31.21 23.22 -14.58
C GLY E 214 -31.90 24.55 -14.81
N GLN E 215 -32.82 24.62 -15.78
CA GLN E 215 -33.62 25.86 -15.97
C GLN E 215 -35.10 25.48 -15.83
N LEU E 216 -35.83 26.16 -14.95
CA LEU E 216 -37.25 25.80 -14.70
C LEU E 216 -38.01 27.06 -14.26
N SER E 217 -39.34 26.96 -14.15
CA SER E 217 -40.15 28.10 -13.65
C SER E 217 -39.77 28.39 -12.20
N GLN E 218 -39.76 29.67 -11.81
CA GLN E 218 -39.37 30.05 -10.43
C GLN E 218 -40.35 29.42 -9.44
N GLY E 219 -41.63 29.33 -9.81
CA GLY E 219 -42.65 28.74 -8.92
C GLY E 219 -42.34 27.29 -8.57
N ALA E 220 -41.84 26.52 -9.55
CA ALA E 220 -41.44 25.12 -9.28
C ALA E 220 -40.30 25.10 -8.25
N TYR E 221 -39.30 25.99 -8.42
CA TYR E 221 -38.21 26.08 -7.43
C TYR E 221 -38.78 26.49 -6.07
N SER E 222 -39.73 27.43 -6.05
CA SER E 222 -40.30 27.94 -4.78
C SER E 222 -40.98 26.80 -4.01
N SER E 223 -41.67 25.91 -4.71
CA SER E 223 -42.28 24.73 -4.04
C SER E 223 -41.18 23.88 -3.41
N ILE E 224 -40.06 23.65 -4.14
CA ILE E 224 -38.91 22.87 -3.58
C ILE E 224 -38.36 23.63 -2.38
N ILE E 225 -38.23 24.96 -2.49
CA ILE E 225 -37.75 25.81 -1.34
C ILE E 225 -38.72 25.71 -0.17
N GLU E 226 -40.03 25.71 -0.41
CA GLU E 226 -41.06 25.61 0.67
C GLU E 226 -40.90 24.28 1.41
N GLU E 227 -40.28 23.24 0.84
CA GLU E 227 -40.24 21.88 1.46
C GLU E 227 -39.28 21.74 2.65
N PRO E 228 -39.65 21.00 3.72
CA PRO E 228 -38.82 20.83 4.94
C PRO E 228 -37.44 20.16 4.92
N SER E 229 -37.33 18.88 4.49
CA SER E 229 -36.02 18.18 4.53
C SER E 229 -35.15 18.94 3.54
N VAL E 230 -35.80 19.56 2.55
CA VAL E 230 -35.09 20.38 1.56
C VAL E 230 -34.62 21.71 2.18
N LYS E 231 -35.53 22.32 2.94
CA LYS E 231 -35.25 23.58 3.58
C LYS E 231 -34.01 23.47 4.48
N GLU E 232 -33.84 22.32 5.14
CA GLU E 232 -32.69 22.09 6.01
C GLU E 232 -31.37 22.17 5.24
N VAL E 233 -31.33 21.57 4.05
CA VAL E 233 -30.12 21.68 3.23
C VAL E 233 -29.90 23.12 2.71
N LEU E 234 -30.97 23.78 2.28
CA LEU E 234 -30.81 25.19 1.89
C LEU E 234 -30.34 26.11 3.02
N ASN E 235 -30.81 25.86 4.23
CA ASN E 235 -30.35 26.67 5.36
C ASN E 235 -28.88 26.38 5.67
N THR E 236 -28.44 25.16 5.40
CA THR E 236 -27.05 24.81 5.61
C THR E 236 -26.17 25.57 4.63
N ILE E 237 -26.60 25.58 3.35
CA ILE E 237 -25.93 26.37 2.35
C ILE E 237 -25.87 27.85 2.74
N LYS E 238 -26.97 28.37 3.30
CA LYS E 238 -26.98 29.79 3.74
C LYS E 238 -25.97 30.04 4.86
N SER E 239 -25.64 28.98 5.61
CA SER E 239 -24.69 29.10 6.72
C SER E 239 -23.25 28.83 6.32
N ALA E 240 -23.00 28.63 5.03
CA ALA E 240 -21.63 28.37 4.55
C ALA E 240 -20.57 29.32 5.13
N SER E 241 -19.48 28.73 5.61
CA SER E 241 -18.33 29.49 6.06
C SER E 241 -17.30 29.70 4.96
N LEU E 243 -16.88 29.40 0.44
CA LEU E 243 -17.36 29.07 -0.93
C LEU E 243 -16.16 28.83 -1.83
N VAL E 244 -16.17 27.74 -2.59
CA VAL E 244 -15.09 27.44 -3.55
C VAL E 244 -15.77 27.33 -4.88
N HIS E 245 -15.44 28.23 -5.78
CA HIS E 245 -16.15 28.29 -7.06
C HIS E 245 -15.25 28.52 -8.27
N GLY E 246 -15.75 28.16 -9.46
CA GLY E 246 -15.03 28.44 -10.71
C GLY E 246 -15.52 29.73 -11.33
N ILE E 247 -14.83 30.11 -12.41
CA ILE E 247 -15.22 31.26 -13.23
C ILE E 247 -15.12 30.78 -14.66
N GLY E 248 -16.19 31.00 -15.42
CA GLY E 248 -16.24 30.55 -16.81
C GLY E 248 -16.50 31.67 -17.81
N GLU E 249 -16.18 31.40 -19.09
CA GLU E 249 -16.66 32.25 -20.20
C GLU E 249 -18.18 32.12 -20.31
N ALA E 250 -18.90 33.23 -20.49
CA ALA E 250 -20.36 33.17 -20.50
C ALA E 250 -20.93 32.33 -21.64
N LYS E 251 -20.46 32.56 -22.85
CA LYS E 251 -21.06 31.85 -24.00
C LYS E 251 -20.83 30.35 -23.88
N THR E 252 -19.64 29.97 -23.41
CA THR E 252 -19.28 28.56 -23.23
C THR E 252 -20.19 27.89 -22.22
N ALA E 254 -23.22 28.96 -21.18
CA ALA E 254 -24.64 28.97 -21.60
C ALA E 254 -24.93 27.91 -22.67
N GLN E 255 -23.98 27.67 -23.58
CA GLN E 255 -24.16 26.65 -24.64
C GLN E 255 -23.98 25.24 -24.07
N ARG E 256 -23.11 25.07 -23.07
CA ARG E 256 -22.87 23.75 -22.44
C ARG E 256 -24.14 23.24 -21.71
N ARG E 257 -24.84 24.18 -21.04
CA ARG E 257 -26.10 23.93 -20.37
C ARG E 257 -27.22 23.81 -21.43
N ASN E 258 -28.43 23.50 -20.99
CA ASN E 258 -29.57 23.48 -21.94
C ASN E 258 -30.28 24.84 -21.91
N THR E 259 -29.53 25.95 -22.09
CA THR E 259 -30.13 27.30 -22.02
C THR E 259 -31.26 27.51 -23.03
N PRO E 260 -32.45 27.94 -22.56
CA PRO E 260 -33.58 28.31 -23.42
C PRO E 260 -33.13 29.36 -24.43
N LEU E 261 -33.66 29.28 -25.65
CA LEU E 261 -33.34 30.24 -26.69
C LEU E 261 -33.64 31.69 -26.30
N GLU E 262 -34.78 31.91 -25.64
CA GLU E 262 -35.05 33.24 -25.04
C GLU E 262 -33.91 33.76 -24.11
N ASP E 263 -33.33 32.90 -23.31
CA ASP E 263 -32.28 33.34 -22.38
C ASP E 263 -30.95 33.47 -23.08
N LEU E 264 -30.71 32.65 -24.11
CA LEU E 264 -29.47 32.84 -24.89
C LEU E 264 -29.44 34.25 -25.51
N LYS E 265 -30.59 34.70 -26.01
CA LYS E 265 -30.70 36.01 -26.67
C LYS E 265 -30.49 37.10 -25.64
N LYS E 266 -31.06 36.93 -24.45
CA LYS E 266 -30.87 37.86 -23.33
C LYS E 266 -29.40 37.93 -22.99
N ILE E 267 -28.75 36.77 -22.92
CA ILE E 267 -27.32 36.71 -22.51
C ILE E 267 -26.42 37.41 -23.52
N ASP E 268 -26.69 37.17 -24.80
CA ASP E 268 -25.98 37.78 -25.91
C ASP E 268 -26.24 39.29 -26.00
N ASP E 269 -27.51 39.66 -25.90
CA ASP E 269 -27.92 41.04 -26.10
C ASP E 269 -27.42 41.95 -25.00
N ASN E 270 -27.18 41.38 -23.83
CA ASN E 270 -26.70 42.16 -22.68
C ASN E 270 -25.19 41.99 -22.47
N ASP E 271 -24.54 41.41 -23.48
CA ASP E 271 -23.08 41.37 -23.55
C ASP E 271 -22.47 40.67 -22.33
N ALA E 272 -23.04 39.51 -21.97
CA ALA E 272 -22.42 38.75 -20.87
C ALA E 272 -21.07 38.27 -21.33
N VAL E 273 -20.09 38.32 -20.44
CA VAL E 273 -18.77 37.79 -20.78
C VAL E 273 -18.26 36.73 -19.80
N THR E 274 -18.76 36.72 -18.56
CA THR E 274 -18.27 35.82 -17.54
C THR E 274 -19.44 35.15 -16.82
N GLU E 275 -19.15 34.00 -16.23
CA GLU E 275 -20.15 33.24 -15.47
C GLU E 275 -19.52 32.75 -14.15
N ALA E 276 -20.28 32.83 -13.06
CA ALA E 276 -19.87 32.23 -11.80
C ALA E 276 -21.13 31.89 -10.98
N PHE E 277 -21.12 30.68 -10.42
CA PHE E 277 -22.16 30.16 -9.53
C PHE E 277 -23.54 30.54 -9.99
N GLY E 278 -23.79 30.32 -11.28
CA GLY E 278 -25.16 30.40 -11.79
C GLY E 278 -25.58 31.79 -12.20
N TYR E 279 -24.65 32.71 -12.25
CA TYR E 279 -24.90 34.08 -12.68
C TYR E 279 -24.05 34.42 -13.89
N TYR E 280 -24.58 35.27 -14.79
CA TYR E 280 -23.78 35.75 -15.95
C TYR E 280 -23.62 37.23 -15.73
N PHE E 281 -22.40 37.70 -15.99
CA PHE E 281 -22.03 39.11 -15.75
C PHE E 281 -21.45 39.74 -16.99
N ASN E 282 -21.62 41.06 -17.11
CA ASN E 282 -21.06 41.77 -18.22
C ASN E 282 -19.63 42.18 -17.93
N ALA E 283 -19.03 42.92 -18.87
CA ALA E 283 -17.62 43.34 -18.73
C ALA E 283 -17.30 44.25 -17.52
N ASP E 284 -18.33 44.89 -17.00
CA ASP E 284 -18.21 45.67 -15.78
C ASP E 284 -18.54 44.88 -14.53
N GLY E 285 -18.73 43.56 -14.67
CA GLY E 285 -19.00 42.69 -13.52
C GLY E 285 -20.42 42.81 -12.93
N GLU E 286 -21.33 43.41 -13.71
CA GLU E 286 -22.75 43.51 -13.32
C GLU E 286 -23.56 42.28 -13.77
N VAL E 287 -24.42 41.76 -12.90
CA VAL E 287 -25.28 40.63 -13.27
C VAL E 287 -26.15 41.03 -14.46
N VAL E 288 -26.15 40.18 -15.50
CA VAL E 288 -27.10 40.39 -16.59
C VAL E 288 -28.15 39.29 -16.74
N HIS E 289 -27.89 38.12 -16.15
CA HIS E 289 -28.83 37.04 -16.16
C HIS E 289 -28.46 36.07 -15.04
N LYS E 290 -29.47 35.45 -14.44
CA LYS E 290 -29.28 34.44 -13.41
C LYS E 290 -30.02 33.13 -13.81
N VAL E 291 -29.27 32.03 -13.87
CA VAL E 291 -29.96 30.72 -14.11
C VAL E 291 -30.53 30.40 -12.74
N HIS E 292 -31.85 30.48 -12.58
CA HIS E 292 -32.48 30.26 -11.25
C HIS E 292 -32.09 28.89 -10.68
N SER E 293 -31.60 28.87 -9.43
CA SER E 293 -31.25 27.57 -8.79
C SER E 293 -31.61 27.61 -7.31
N VAL E 294 -31.91 26.46 -6.71
CA VAL E 294 -32.15 26.43 -5.25
C VAL E 294 -30.78 26.48 -4.56
N GLY E 295 -30.55 27.55 -3.80
CA GLY E 295 -29.30 27.66 -3.08
C GLY E 295 -28.79 29.09 -3.10
N GLN E 297 -27.32 32.73 -3.49
CA GLN E 297 -27.58 33.92 -4.27
C GLN E 297 -26.39 34.87 -4.16
N LEU E 298 -26.20 35.72 -5.16
CA LEU E 298 -25.09 36.67 -5.17
C LEU E 298 -25.05 37.51 -3.90
N ASP E 299 -26.21 37.93 -3.41
CA ASP E 299 -26.21 38.72 -2.17
C ASP E 299 -25.65 37.95 -0.97
N ASP E 300 -25.74 36.61 -1.00
CA ASP E 300 -25.28 35.77 0.12
C ASP E 300 -23.76 35.72 0.27
N ILE E 301 -23.01 35.99 -0.80
CA ILE E 301 -21.52 35.84 -0.72
C ILE E 301 -20.85 36.83 0.24
N ASP E 302 -21.50 37.99 0.39
CA ASP E 302 -21.05 39.03 1.30
C ASP E 302 -20.82 38.48 2.71
N ALA E 303 -21.72 37.60 3.16
CA ALA E 303 -21.68 37.06 4.52
C ALA E 303 -20.79 35.82 4.70
N ILE E 304 -20.19 35.33 3.61
CA ILE E 304 -19.29 34.17 3.70
C ILE E 304 -17.88 34.65 4.01
N PRO E 305 -17.28 34.23 5.14
CA PRO E 305 -15.96 34.72 5.49
C PRO E 305 -14.84 34.49 4.48
N ASP E 306 -14.85 33.31 3.84
CA ASP E 306 -13.78 32.90 2.92
C ASP E 306 -14.31 32.45 1.58
N ILE E 307 -13.90 33.12 0.52
CA ILE E 307 -14.33 32.72 -0.82
C ILE E 307 -13.07 32.52 -1.62
N ILE E 308 -12.97 31.40 -2.31
CA ILE E 308 -11.80 31.09 -3.11
C ILE E 308 -12.33 30.75 -4.50
N ALA E 309 -11.90 31.51 -5.49
CA ALA E 309 -12.23 31.28 -6.89
C ALA E 309 -11.03 30.58 -7.50
N VAL E 310 -11.28 29.52 -8.26
CA VAL E 310 -10.17 28.76 -8.86
C VAL E 310 -10.44 28.71 -10.36
N ALA E 311 -9.58 29.38 -11.12
CA ALA E 311 -9.86 29.56 -12.55
C ALA E 311 -8.62 30.01 -13.24
N GLY E 312 -8.33 29.43 -14.40
CA GLY E 312 -7.12 29.82 -15.12
C GLY E 312 -7.18 29.44 -16.58
N GLY E 313 -6.03 29.55 -17.24
CA GLY E 313 -5.96 29.36 -18.70
C GLY E 313 -6.08 30.69 -19.43
N SER E 314 -5.31 30.86 -20.50
CA SER E 314 -5.36 32.11 -21.27
C SER E 314 -6.76 32.45 -21.81
N SER E 315 -7.56 31.44 -22.13
CA SER E 315 -8.92 31.70 -22.65
C SER E 315 -9.87 32.33 -21.64
N LYS E 316 -9.50 32.30 -20.36
CA LYS E 316 -10.36 32.86 -19.33
C LYS E 316 -9.94 34.21 -18.84
N ALA E 317 -8.87 34.79 -19.42
CA ALA E 317 -8.37 36.05 -18.92
C ALA E 317 -9.46 37.12 -18.87
N GLU E 318 -10.19 37.28 -19.98
CA GLU E 318 -11.27 38.28 -20.07
C GLU E 318 -12.41 38.03 -19.05
N ALA E 319 -12.86 36.77 -18.92
CA ALA E 319 -13.87 36.42 -17.93
C ALA E 319 -13.42 36.72 -16.49
N ILE E 320 -12.16 36.43 -16.20
CA ILE E 320 -11.63 36.61 -14.87
C ILE E 320 -11.54 38.09 -14.57
N GLU E 321 -11.01 38.86 -15.52
CA GLU E 321 -10.97 40.31 -15.38
C GLU E 321 -12.38 40.91 -15.11
N ALA E 322 -13.36 40.47 -15.88
CA ALA E 322 -14.74 41.03 -15.76
C ALA E 322 -15.34 40.70 -14.40
N TYR E 323 -15.21 39.44 -13.98
CA TYR E 323 -15.78 39.02 -12.72
C TYR E 323 -15.27 39.89 -11.59
N PHE E 324 -13.99 40.21 -11.63
CA PHE E 324 -13.38 40.98 -10.51
C PHE E 324 -13.33 42.49 -10.75
N LYS E 325 -14.19 42.97 -11.66
CA LYS E 325 -14.40 44.42 -11.80
C LYS E 325 -15.14 45.01 -10.62
N LYS E 326 -15.80 44.17 -9.82
CA LYS E 326 -16.40 44.56 -8.55
C LYS E 326 -15.70 43.82 -7.39
N PRO E 327 -15.69 44.43 -6.18
CA PRO E 327 -15.15 43.73 -5.02
C PRO E 327 -15.94 42.47 -4.68
N ARG E 328 -15.23 41.38 -4.46
CA ARG E 328 -15.84 40.12 -4.13
C ARG E 328 -15.24 39.53 -2.86
N ASN E 329 -14.25 40.23 -2.29
CA ASN E 329 -13.53 39.78 -1.08
C ASN E 329 -13.03 38.35 -1.26
N THR E 330 -12.52 38.05 -2.45
CA THR E 330 -12.20 36.67 -2.86
C THR E 330 -10.70 36.46 -3.07
N VAL E 331 -10.20 35.27 -2.77
CA VAL E 331 -8.80 34.94 -3.07
C VAL E 331 -8.89 34.21 -4.43
N LEU E 332 -8.10 34.63 -5.40
CA LEU E 332 -8.10 33.93 -6.68
C LEU E 332 -6.89 33.00 -6.80
N VAL E 333 -7.18 31.74 -7.14
CA VAL E 333 -6.13 30.77 -7.49
C VAL E 333 -6.16 30.64 -8.99
N THR E 334 -5.07 31.03 -9.63
CA THR E 334 -5.06 31.05 -11.11
C THR E 334 -3.68 30.59 -11.61
N ASP E 335 -3.44 30.75 -12.92
CA ASP E 335 -2.16 30.32 -13.50
C ASP E 335 -1.56 31.44 -14.32
N GLU E 336 -0.31 31.27 -14.75
CA GLU E 336 0.32 32.27 -15.60
C GLU E 336 -0.41 32.51 -16.92
N GLY E 337 -0.99 31.44 -17.46
CA GLY E 337 -1.79 31.55 -18.68
C GLY E 337 -2.70 32.74 -18.58
N ALA E 338 -3.55 32.73 -17.55
CA ALA E 338 -4.52 33.80 -17.37
C ALA E 338 -3.88 35.10 -16.90
N ALA E 339 -3.02 35.01 -15.88
CA ALA E 339 -2.44 36.21 -15.25
C ALA E 339 -1.60 37.08 -16.20
N LYS E 340 -0.75 36.44 -17.00
CA LYS E 340 0.13 37.16 -17.94
C LYS E 340 -0.64 37.75 -19.10
N LYS E 341 -1.65 37.02 -19.58
CA LYS E 341 -2.50 37.53 -20.64
C LYS E 341 -3.29 38.74 -20.16
N LEU E 342 -3.74 38.71 -18.91
CA LEU E 342 -4.50 39.80 -18.33
C LEU E 342 -3.60 41.03 -18.16
N LEU E 343 -2.39 40.81 -17.63
CA LEU E 343 -1.50 41.91 -17.23
C LEU E 343 -0.60 42.42 -18.36
N ARG E 344 -0.57 41.72 -19.50
CA ARG E 344 0.27 42.14 -20.66
C ARG E 344 -0.23 41.43 -21.92
N ASN F 8 -22.93 -27.03 1.70
CA ASN F 8 -23.31 -25.83 0.98
C ASN F 8 -22.07 -24.97 0.72
N GLN F 9 -21.18 -24.87 1.70
CA GLN F 9 -19.96 -24.04 1.61
C GLN F 9 -19.03 -24.61 0.52
N LEU F 10 -18.80 -25.93 0.56
CA LEU F 10 -17.94 -26.63 -0.43
C LEU F 10 -18.46 -26.42 -1.85
N ILE F 11 -19.76 -26.60 -2.08
CA ILE F 11 -20.35 -26.51 -3.45
C ILE F 11 -20.20 -25.07 -3.94
N GLN F 12 -20.39 -24.10 -3.07
CA GLN F 12 -20.38 -22.66 -3.46
C GLN F 12 -18.95 -22.30 -3.89
N ALA F 13 -17.95 -22.80 -3.17
CA ALA F 13 -16.51 -22.65 -3.53
C ALA F 13 -16.20 -23.36 -4.86
N GLN F 14 -16.69 -24.59 -5.03
CA GLN F 14 -16.42 -25.43 -6.23
C GLN F 14 -17.01 -24.78 -7.48
N LYS F 15 -18.22 -24.25 -7.39
CA LYS F 15 -18.84 -23.51 -8.53
C LYS F 15 -18.01 -22.32 -9.01
N LYS F 16 -17.15 -21.72 -8.19
CA LYS F 16 -16.28 -20.59 -8.63
C LYS F 16 -15.28 -21.10 -9.69
N LEU F 17 -14.78 -22.32 -9.52
CA LEU F 17 -13.82 -22.94 -10.47
C LEU F 17 -14.57 -23.68 -11.57
N LEU F 18 -15.81 -24.14 -11.31
CA LEU F 18 -16.57 -25.01 -12.25
C LEU F 18 -18.04 -24.60 -12.27
N PRO F 19 -18.39 -23.50 -12.96
CA PRO F 19 -19.70 -22.90 -12.78
C PRO F 19 -20.88 -23.84 -13.05
N ASP F 20 -20.75 -24.82 -13.95
CA ASP F 20 -21.89 -25.75 -14.24
C ASP F 20 -21.58 -27.15 -13.67
N LEU F 21 -20.89 -27.21 -12.53
CA LEU F 21 -20.70 -28.46 -11.75
C LEU F 21 -22.04 -29.16 -11.47
N LEU F 22 -23.05 -28.44 -10.96
CA LEU F 22 -24.33 -29.08 -10.56
C LEU F 22 -25.03 -29.61 -11.82
N LEU F 23 -24.88 -28.91 -12.95
CA LEU F 23 -25.48 -29.32 -14.23
C LEU F 23 -24.89 -30.66 -14.66
N VAL F 24 -23.57 -30.77 -14.70
CA VAL F 24 -22.92 -32.03 -15.12
C VAL F 24 -23.34 -33.13 -14.15
N GLN F 26 -26.00 -33.50 -12.27
CA GLN F 26 -27.39 -33.87 -12.42
C GLN F 26 -27.58 -34.69 -13.71
N LYS F 27 -26.99 -34.23 -14.81
CA LYS F 27 -27.11 -34.91 -16.13
C LYS F 27 -26.56 -36.33 -15.99
N ARG F 28 -25.40 -36.51 -15.36
CA ARG F 28 -24.79 -37.86 -15.24
C ARG F 28 -25.63 -38.74 -14.30
N PHE F 29 -26.18 -38.15 -13.25
CA PHE F 29 -27.06 -38.86 -12.29
C PHE F 29 -28.28 -39.36 -13.08
N GLU F 30 -28.92 -38.52 -13.89
CA GLU F 30 -30.12 -38.88 -14.67
C GLU F 30 -29.81 -40.03 -15.63
N ILE F 31 -28.66 -40.02 -16.31
CA ILE F 31 -28.23 -41.11 -17.21
C ILE F 31 -28.19 -42.41 -16.39
N LEU F 32 -27.59 -42.40 -15.20
CA LEU F 32 -27.41 -43.64 -14.42
C LEU F 32 -28.79 -44.15 -13.94
N GLN F 33 -29.67 -43.26 -13.48
CA GLN F 33 -31.06 -43.60 -13.06
C GLN F 33 -31.80 -44.27 -14.22
N TYR F 34 -31.71 -43.68 -15.42
CA TYR F 34 -32.48 -44.16 -16.58
C TYR F 34 -31.94 -45.51 -17.04
N ILE F 35 -30.62 -45.70 -16.95
CA ILE F 35 -30.06 -47.04 -17.27
C ILE F 35 -30.56 -48.06 -16.24
N ARG F 36 -30.62 -47.70 -14.95
CA ARG F 36 -30.99 -48.70 -13.90
C ARG F 36 -32.41 -49.18 -14.19
N LEU F 37 -33.27 -48.26 -14.61
CA LEU F 37 -34.70 -48.50 -14.91
C LEU F 37 -34.87 -49.38 -16.15
N THR F 38 -34.04 -49.23 -17.20
CA THR F 38 -34.33 -49.79 -18.55
C THR F 38 -33.25 -50.74 -19.07
N GLU F 39 -32.18 -51.00 -18.33
CA GLU F 39 -31.08 -51.83 -18.88
C GLU F 39 -31.62 -53.19 -19.34
N PRO F 40 -31.03 -53.81 -20.38
CA PRO F 40 -30.06 -53.13 -21.25
C PRO F 40 -30.75 -52.15 -22.20
N ILE F 41 -30.13 -50.99 -22.43
CA ILE F 41 -30.65 -49.95 -23.37
C ILE F 41 -29.48 -49.42 -24.20
N GLY F 42 -29.74 -49.08 -25.45
CA GLY F 42 -28.71 -48.58 -26.38
C GLY F 42 -28.78 -47.07 -26.49
N ARG F 43 -27.77 -46.51 -27.15
CA ARG F 43 -27.53 -45.04 -27.23
C ARG F 43 -28.68 -44.32 -27.95
N ARG F 44 -29.35 -44.95 -28.90
CA ARG F 44 -30.42 -44.32 -29.69
C ARG F 44 -31.64 -44.16 -28.78
N SER F 45 -32.05 -45.23 -28.09
CA SER F 45 -33.22 -45.21 -27.17
C SER F 45 -32.94 -44.30 -25.99
N LEU F 46 -31.77 -44.43 -25.36
CA LEU F 46 -31.44 -43.63 -24.15
C LEU F 46 -31.39 -42.14 -24.50
N SER F 47 -30.79 -41.77 -25.62
CA SER F 47 -30.71 -40.34 -26.03
C SER F 47 -32.13 -39.78 -26.22
N ALA F 48 -32.99 -40.52 -26.93
CA ALA F 48 -34.38 -40.12 -27.22
C ALA F 48 -35.14 -39.91 -25.91
N SER F 49 -35.07 -40.89 -25.00
CA SER F 49 -35.81 -40.87 -23.71
C SER F 49 -35.41 -39.66 -22.87
N LEU F 50 -34.14 -39.26 -22.87
CA LEU F 50 -33.63 -38.12 -22.05
C LEU F 50 -33.63 -36.81 -22.86
N GLY F 51 -33.96 -36.82 -24.14
CA GLY F 51 -33.97 -35.59 -24.96
C GLY F 51 -32.58 -34.98 -25.10
N ILE F 52 -31.54 -35.82 -25.16
CA ILE F 52 -30.12 -35.45 -25.39
C ILE F 52 -29.74 -35.95 -26.78
N SER F 53 -28.88 -35.24 -27.49
CA SER F 53 -28.44 -35.63 -28.85
C SER F 53 -27.66 -36.94 -28.71
N GLU F 54 -27.80 -37.84 -29.67
CA GLU F 54 -27.13 -39.16 -29.58
C GLU F 54 -25.62 -38.98 -29.41
N ARG F 55 -25.02 -38.05 -30.13
CA ARG F 55 -23.56 -37.79 -30.12
C ARG F 55 -23.09 -37.37 -28.71
N VAL F 56 -23.81 -36.45 -28.06
CA VAL F 56 -23.49 -36.01 -26.68
C VAL F 56 -23.66 -37.19 -25.73
N LEU F 57 -24.81 -37.89 -25.79
CA LEU F 57 -25.08 -39.03 -24.88
C LEU F 57 -23.99 -40.10 -25.03
N ARG F 58 -23.55 -40.34 -26.27
CA ARG F 58 -22.56 -41.40 -26.60
C ARG F 58 -21.23 -41.10 -25.92
N GLY F 59 -20.79 -39.82 -25.98
CA GLY F 59 -19.61 -39.31 -25.27
C GLY F 59 -19.74 -39.48 -23.75
N GLU F 60 -20.87 -39.11 -23.16
CA GLU F 60 -21.08 -39.26 -21.68
C GLU F 60 -21.08 -40.74 -21.29
N VAL F 61 -21.71 -41.63 -22.06
CA VAL F 61 -21.77 -43.04 -21.59
C VAL F 61 -20.39 -43.68 -21.80
N GLN F 62 -19.62 -43.25 -22.80
CA GLN F 62 -18.26 -43.81 -23.04
C GLN F 62 -17.38 -43.38 -21.85
N PHE F 63 -17.58 -42.15 -21.34
CA PHE F 63 -16.89 -41.64 -20.12
C PHE F 63 -17.28 -42.51 -18.92
N LEU F 64 -18.57 -42.71 -18.69
CA LEU F 64 -19.07 -43.54 -17.55
C LEU F 64 -18.49 -44.96 -17.63
N LYS F 65 -18.38 -45.53 -18.83
CA LYS F 65 -17.77 -46.87 -19.05
C LYS F 65 -16.29 -46.88 -18.65
N GLU F 66 -15.53 -45.86 -19.04
CA GLU F 66 -14.12 -45.66 -18.63
C GLU F 66 -14.01 -45.54 -17.10
N GLN F 67 -14.99 -44.96 -16.41
CA GLN F 67 -15.00 -44.87 -14.92
C GLN F 67 -15.56 -46.16 -14.31
N ASN F 68 -15.83 -47.18 -15.12
CA ASN F 68 -16.26 -48.54 -14.68
C ASN F 68 -17.63 -48.44 -13.99
N LEU F 69 -18.50 -47.52 -14.44
CA LEU F 69 -19.85 -47.36 -13.86
C LEU F 69 -20.89 -48.07 -14.73
N VAL F 70 -20.64 -48.18 -16.04
CA VAL F 70 -21.59 -48.82 -16.99
C VAL F 70 -20.80 -49.82 -17.85
N ASP F 71 -21.44 -50.92 -18.22
CA ASP F 71 -20.92 -51.91 -19.18
C ASP F 71 -21.63 -51.67 -20.51
N ILE F 72 -20.86 -51.60 -21.59
CA ILE F 72 -21.36 -51.36 -22.98
C ILE F 72 -21.12 -52.65 -23.76
N LYS F 73 -22.19 -53.38 -24.02
CA LYS F 73 -22.12 -54.73 -24.62
C LYS F 73 -22.93 -54.72 -25.90
N THR F 74 -22.90 -55.82 -26.66
CA THR F 74 -23.58 -55.97 -27.97
C THR F 74 -25.03 -55.54 -27.87
N ASN F 75 -25.70 -55.91 -26.79
CA ASN F 75 -27.16 -55.65 -26.60
C ASN F 75 -27.41 -54.33 -25.86
N GLY F 76 -26.40 -53.51 -25.62
CA GLY F 76 -26.61 -52.19 -24.99
C GLY F 76 -25.94 -52.07 -23.62
N THR F 78 -25.64 -51.61 -19.38
CA THR F 78 -26.08 -51.98 -18.05
C THR F 78 -25.16 -51.30 -17.03
N LEU F 79 -25.59 -51.20 -15.77
CA LEU F 79 -24.74 -50.65 -14.67
C LEU F 79 -23.79 -51.73 -14.20
N THR F 80 -22.61 -51.35 -13.75
CA THR F 80 -21.68 -52.26 -13.04
C THR F 80 -22.08 -52.28 -11.58
N GLU F 81 -21.44 -53.16 -10.80
CA GLU F 81 -21.55 -53.19 -9.32
C GLU F 81 -21.25 -51.77 -8.81
N GLU F 82 -20.13 -51.19 -9.25
CA GLU F 82 -19.68 -49.84 -8.85
C GLU F 82 -20.79 -48.83 -9.19
N GLY F 83 -21.44 -49.00 -10.34
CA GLY F 83 -22.49 -48.07 -10.80
C GLY F 83 -23.69 -48.10 -9.90
N TYR F 84 -24.15 -49.29 -9.50
CA TYR F 84 -25.32 -49.46 -8.60
C TYR F 84 -25.03 -48.80 -7.26
N GLU F 85 -23.86 -49.10 -6.69
CA GLU F 85 -23.39 -48.51 -5.41
C GLU F 85 -23.37 -46.99 -5.55
N LEU F 86 -22.71 -46.45 -6.59
CA LEU F 86 -22.62 -44.98 -6.77
C LEU F 86 -24.03 -44.42 -6.85
N LEU F 87 -24.92 -45.07 -7.60
CA LEU F 87 -26.28 -44.49 -7.82
C LEU F 87 -27.01 -44.44 -6.47
N SER F 88 -26.77 -45.40 -5.58
CA SER F 88 -27.42 -45.48 -4.24
C SER F 88 -26.91 -44.32 -3.38
N VAL F 89 -25.59 -44.07 -3.37
CA VAL F 89 -24.96 -42.89 -2.71
C VAL F 89 -25.53 -41.57 -3.24
N LEU F 90 -25.68 -41.40 -4.56
CA LEU F 90 -26.16 -40.12 -5.18
C LEU F 90 -27.63 -39.87 -4.82
N GLU F 91 -28.44 -40.92 -4.62
CA GLU F 91 -29.87 -40.74 -4.26
C GLU F 91 -29.94 -39.92 -2.97
N ASP F 92 -29.07 -40.23 -2.00
CA ASP F 92 -28.98 -39.53 -0.70
C ASP F 92 -28.38 -38.13 -0.91
N THR F 93 -27.14 -38.06 -1.39
CA THR F 93 -26.39 -36.78 -1.59
C THR F 93 -27.13 -35.75 -2.43
N LYS F 95 -29.97 -34.94 -3.54
CA LYS F 95 -31.12 -34.11 -3.09
C LYS F 95 -30.48 -33.01 -2.24
N ASP F 96 -29.48 -33.37 -1.41
CA ASP F 96 -28.69 -32.34 -0.70
C ASP F 96 -27.77 -31.64 -1.71
N VAL F 97 -27.26 -32.34 -2.71
CA VAL F 97 -26.45 -31.62 -3.74
C VAL F 97 -27.36 -30.64 -4.45
N LEU F 98 -28.62 -31.01 -4.69
CA LEU F 98 -29.48 -30.12 -5.50
C LEU F 98 -30.66 -29.77 -4.59
N GLY F 99 -30.41 -29.30 -3.36
CA GLY F 99 -31.52 -28.82 -2.52
C GLY F 99 -31.96 -27.50 -3.09
N LEU F 100 -31.07 -26.87 -3.87
CA LEU F 100 -31.36 -25.59 -4.57
C LEU F 100 -32.29 -25.68 -5.79
N THR F 101 -31.96 -26.44 -6.86
CA THR F 101 -32.84 -26.42 -8.05
C THR F 101 -34.21 -26.81 -7.46
N LEU F 102 -34.20 -27.58 -6.37
CA LEU F 102 -35.47 -28.00 -5.71
C LEU F 102 -36.08 -26.79 -5.03
N LEU F 103 -35.27 -26.04 -4.28
CA LEU F 103 -35.76 -24.84 -3.59
C LEU F 103 -36.32 -23.77 -4.55
N GLU F 104 -35.58 -23.46 -5.61
CA GLU F 104 -36.05 -22.51 -6.64
C GLU F 104 -37.38 -22.99 -7.27
N LYS F 105 -37.52 -24.30 -7.50
CA LYS F 105 -38.77 -24.83 -8.10
C LYS F 105 -39.95 -24.54 -7.20
N THR F 106 -39.70 -24.67 -5.90
CA THR F 106 -40.76 -24.56 -4.95
C THR F 106 -41.08 -23.08 -4.75
N LEU F 107 -40.05 -22.22 -4.71
CA LEU F 107 -40.26 -20.79 -4.51
C LEU F 107 -41.11 -20.20 -5.66
N LYS F 108 -40.87 -20.71 -6.86
CA LYS F 108 -41.67 -20.34 -8.02
C LYS F 108 -43.13 -20.89 -7.99
N GLU F 109 -43.36 -22.04 -7.32
CA GLU F 109 -44.75 -22.56 -7.08
C GLU F 109 -45.53 -21.72 -6.06
N ARG F 110 -44.79 -21.07 -5.18
CA ARG F 110 -45.34 -20.37 -4.02
C ARG F 110 -45.63 -18.91 -4.38
N LEU F 111 -44.65 -18.26 -4.99
CA LEU F 111 -44.76 -16.85 -5.28
C LEU F 111 -45.17 -16.60 -6.71
N ASN F 112 -45.59 -15.37 -6.99
CA ASN F 112 -45.87 -14.98 -8.36
C ASN F 112 -44.52 -14.61 -8.95
N LEU F 113 -43.88 -15.56 -9.65
CA LEU F 113 -42.49 -15.35 -10.19
C LEU F 113 -42.31 -15.90 -11.60
N LYS F 114 -41.64 -15.14 -12.45
CA LYS F 114 -41.26 -15.65 -13.76
C LYS F 114 -40.19 -16.72 -13.60
N ASP F 115 -39.27 -16.50 -12.67
CA ASP F 115 -38.24 -17.47 -12.32
C ASP F 115 -37.64 -17.06 -10.99
N ALA F 116 -36.96 -18.00 -10.35
CA ALA F 116 -36.29 -17.74 -9.09
C ALA F 116 -34.84 -18.14 -9.24
N ILE F 117 -33.95 -17.30 -8.74
CA ILE F 117 -32.50 -17.56 -8.70
C ILE F 117 -32.10 -17.38 -7.26
N ILE F 118 -31.63 -18.45 -6.63
CA ILE F 118 -31.29 -18.40 -5.21
C ILE F 118 -29.83 -18.77 -5.05
N VAL F 119 -29.10 -17.88 -4.38
CA VAL F 119 -27.72 -18.17 -4.00
C VAL F 119 -27.65 -18.66 -2.55
N SER F 120 -26.58 -19.37 -2.22
CA SER F 120 -26.38 -19.90 -0.88
C SER F 120 -26.23 -18.81 0.17
N GLY F 121 -26.68 -19.13 1.38
CA GLY F 121 -26.40 -18.32 2.54
C GLY F 121 -27.46 -17.32 2.89
N ASP F 122 -27.23 -16.60 3.97
CA ASP F 122 -28.15 -15.59 4.47
C ASP F 122 -27.36 -14.30 4.55
N SER F 123 -27.72 -13.35 3.68
CA SER F 123 -27.00 -12.08 3.60
C SER F 123 -27.12 -11.22 4.86
N ASP F 124 -28.07 -11.55 5.74
CA ASP F 124 -28.16 -10.85 7.02
C ASP F 124 -27.04 -11.26 7.97
N GLN F 125 -26.52 -12.47 7.76
CA GLN F 125 -25.44 -13.01 8.60
C GLN F 125 -24.09 -12.87 7.92
N SER F 126 -24.07 -13.04 6.60
CA SER F 126 -22.83 -13.13 5.83
C SER F 126 -22.82 -12.09 4.72
N PRO F 127 -22.18 -10.94 4.96
CA PRO F 127 -22.26 -9.80 4.04
C PRO F 127 -21.92 -10.12 2.57
N TRP F 128 -20.92 -10.96 2.36
CA TRP F 128 -20.51 -11.31 1.02
C TRP F 128 -21.62 -11.95 0.18
N VAL F 129 -22.68 -12.45 0.85
CA VAL F 129 -23.80 -13.07 0.12
C VAL F 129 -24.47 -12.01 -0.76
N LYS F 130 -24.49 -10.75 -0.33
CA LYS F 130 -25.01 -9.66 -1.21
C LYS F 130 -24.24 -9.58 -2.54
N LYS F 131 -22.93 -9.84 -2.49
CA LYS F 131 -22.08 -9.83 -3.70
C LYS F 131 -22.38 -10.99 -4.62
N GLU F 132 -22.68 -12.16 -4.06
CA GLU F 132 -23.10 -13.31 -4.88
C GLU F 132 -24.49 -13.12 -5.50
N GLY F 134 -25.48 -10.17 -6.36
CA GLY F 134 -25.02 -9.26 -7.39
C GLY F 134 -24.52 -10.01 -8.60
N ARG F 135 -23.59 -10.94 -8.40
CA ARG F 135 -23.03 -11.74 -9.48
C ARG F 135 -24.15 -12.42 -10.29
N ALA F 136 -25.08 -13.03 -9.56
CA ALA F 136 -26.14 -13.80 -10.19
C ALA F 136 -27.07 -12.89 -11.00
N ALA F 137 -27.35 -11.71 -10.46
CA ALA F 137 -28.24 -10.75 -11.11
C ALA F 137 -27.61 -10.27 -12.41
N VAL F 138 -26.31 -9.94 -12.39
CA VAL F 138 -25.61 -9.51 -13.60
C VAL F 138 -25.68 -10.55 -14.68
N ALA F 139 -25.45 -11.81 -14.30
CA ALA F 139 -25.46 -12.90 -15.25
C ALA F 139 -26.87 -13.04 -15.86
N CYS F 140 -27.89 -12.87 -15.01
CA CYS F 140 -29.29 -12.90 -15.45
C CYS F 140 -29.57 -11.74 -16.42
N LYS F 142 -27.58 -10.26 -18.36
CA LYS F 142 -26.89 -10.43 -19.64
C LYS F 142 -27.61 -11.47 -20.47
N LYS F 143 -28.20 -12.48 -19.84
CA LYS F 143 -28.99 -13.44 -20.65
C LYS F 143 -30.25 -12.82 -21.31
N ARG F 144 -30.79 -11.74 -20.73
CA ARG F 144 -32.02 -11.11 -21.22
C ARG F 144 -31.80 -9.92 -22.17
N PHE F 145 -30.56 -9.40 -22.25
CA PHE F 145 -30.33 -8.24 -23.12
C PHE F 145 -30.71 -8.51 -24.57
N SER F 146 -31.38 -7.53 -25.20
CA SER F 146 -31.55 -7.55 -26.67
C SER F 146 -30.41 -6.72 -27.32
N GLY F 147 -30.54 -6.46 -28.62
CA GLY F 147 -29.47 -5.75 -29.33
C GLY F 147 -29.29 -4.38 -28.76
N LYS F 148 -30.42 -3.80 -28.32
CA LYS F 148 -30.44 -2.47 -27.72
C LYS F 148 -31.26 -2.49 -26.44
N ASN F 149 -30.78 -1.77 -25.41
CA ASN F 149 -31.32 -1.93 -24.07
C ASN F 149 -31.36 -0.59 -23.35
N ILE F 150 -32.47 -0.32 -22.69
CA ILE F 150 -32.55 0.82 -21.76
C ILE F 150 -32.87 0.20 -20.42
N VAL F 151 -31.95 0.32 -19.45
CA VAL F 151 -32.07 -0.39 -18.19
C VAL F 151 -32.34 0.59 -17.07
N ALA F 152 -33.52 0.49 -16.45
CA ALA F 152 -33.87 1.37 -15.34
C ALA F 152 -33.45 0.70 -14.04
N VAL F 153 -32.85 1.45 -13.12
CA VAL F 153 -32.39 0.87 -11.85
C VAL F 153 -32.82 1.69 -10.63
N THR F 154 -32.99 1.01 -9.50
CA THR F 154 -33.23 1.67 -8.19
C THR F 154 -31.91 1.85 -7.42
N GLY F 155 -31.97 2.49 -6.25
CA GLY F 155 -30.75 2.98 -5.60
C GLY F 155 -30.29 2.36 -4.29
N GLY F 156 -30.89 1.24 -3.90
CA GLY F 156 -30.58 0.62 -2.60
C GLY F 156 -29.29 -0.16 -2.55
N THR F 157 -28.89 -0.62 -1.36
CA THR F 157 -27.59 -1.27 -1.24
C THR F 157 -27.45 -2.61 -1.95
N THR F 158 -28.56 -3.28 -2.24
CA THR F 158 -28.41 -4.54 -2.93
C THR F 158 -28.19 -4.26 -4.41
N ILE F 159 -28.90 -3.29 -4.95
CA ILE F 159 -28.63 -2.89 -6.35
C ILE F 159 -27.21 -2.33 -6.49
N GLU F 160 -26.69 -1.68 -5.45
CA GLU F 160 -25.29 -1.22 -5.48
C GLU F 160 -24.35 -2.42 -5.68
N ALA F 161 -24.70 -3.54 -5.04
CA ALA F 161 -23.91 -4.77 -5.13
C ALA F 161 -23.99 -5.31 -6.56
N VAL F 162 -25.12 -5.12 -7.23
CA VAL F 162 -25.25 -5.54 -8.63
C VAL F 162 -24.30 -4.67 -9.49
N ALA F 163 -24.33 -3.36 -9.26
CA ALA F 163 -23.42 -2.46 -9.98
C ALA F 163 -21.95 -2.82 -9.79
N GLU F 164 -21.57 -3.13 -8.56
CA GLU F 164 -20.17 -3.48 -8.26
C GLU F 164 -19.71 -4.74 -9.01
N THR F 167 -19.88 -6.22 -15.30
CA THR F 167 -18.77 -6.28 -16.23
C THR F 167 -19.30 -6.01 -17.64
N PRO F 168 -18.42 -5.57 -18.56
CA PRO F 168 -18.81 -5.36 -19.95
C PRO F 168 -19.46 -6.59 -20.58
N ASP F 169 -20.36 -6.36 -21.50
CA ASP F 169 -21.10 -7.44 -22.17
C ASP F 169 -20.22 -8.13 -23.24
N SER F 170 -19.97 -9.42 -23.08
CA SER F 170 -19.23 -10.18 -24.10
C SER F 170 -19.80 -10.02 -25.51
N LYS F 171 -21.13 -9.89 -25.61
CA LYS F 171 -21.79 -9.70 -26.91
C LYS F 171 -21.82 -8.27 -27.40
N ASN F 172 -21.30 -7.34 -26.59
CA ASN F 172 -21.27 -5.91 -26.91
C ASN F 172 -22.62 -5.34 -27.39
N ARG F 173 -23.68 -5.70 -26.67
CA ARG F 173 -25.00 -5.14 -26.99
C ARG F 173 -25.05 -3.70 -26.50
N GLU F 174 -25.97 -2.90 -27.05
CA GLU F 174 -26.02 -1.48 -26.67
C GLU F 174 -26.75 -1.33 -25.35
N LEU F 175 -26.16 -0.60 -24.39
CA LEU F 175 -26.63 -0.52 -23.00
C LEU F 175 -26.73 0.95 -22.54
N LEU F 176 -27.93 1.44 -22.30
CA LEU F 176 -28.08 2.80 -21.71
C LEU F 176 -28.77 2.60 -20.38
N PHE F 177 -28.22 3.17 -19.31
CA PHE F 177 -28.78 3.00 -17.96
C PHE F 177 -29.44 4.31 -17.52
N VAL F 178 -30.56 4.20 -16.80
CA VAL F 178 -31.25 5.37 -16.22
C VAL F 178 -31.75 5.01 -14.82
N PRO F 179 -31.98 6.00 -13.93
CA PRO F 179 -32.52 5.75 -12.59
C PRO F 179 -34.05 5.84 -12.51
N ALA F 180 -34.73 4.71 -12.37
CA ALA F 180 -36.20 4.74 -12.18
C ALA F 180 -36.56 5.37 -10.82
N ARG F 181 -35.98 4.82 -9.77
CA ARG F 181 -36.09 5.51 -8.47
C ARG F 181 -35.21 6.72 -8.75
N GLY F 182 -35.36 7.79 -8.02
CA GLY F 182 -34.56 8.98 -8.37
C GLY F 182 -33.55 9.08 -7.24
N GLY F 183 -33.95 8.71 -6.01
CA GLY F 183 -32.97 8.65 -4.91
C GLY F 183 -33.25 9.50 -3.68
N LEU F 184 -32.57 9.19 -2.56
CA LEU F 184 -32.70 9.95 -1.28
C LEU F 184 -31.43 9.63 -0.49
N GLY F 185 -30.97 10.52 0.42
CA GLY F 185 -29.66 10.26 1.06
C GLY F 185 -29.84 9.70 2.46
N LYS F 189 -26.03 9.05 -0.46
CA LYS F 189 -25.12 8.89 -1.63
C LYS F 189 -25.58 7.68 -2.45
N ASN F 190 -26.32 6.71 -1.83
CA ASN F 190 -26.89 5.55 -2.56
C ASN F 190 -28.22 6.02 -3.16
N GLN F 191 -28.17 6.92 -4.14
CA GLN F 191 -29.37 7.41 -4.84
C GLN F 191 -29.27 6.70 -6.18
N ALA F 192 -30.39 6.44 -6.83
CA ALA F 192 -30.45 5.73 -8.11
C ALA F 192 -29.51 6.35 -9.17
N ASN F 193 -29.33 7.67 -9.13
CA ASN F 193 -28.42 8.31 -10.04
C ASN F 193 -26.99 7.77 -9.86
N THR F 194 -26.53 7.65 -8.61
CA THR F 194 -25.21 7.13 -8.32
C THR F 194 -25.02 5.72 -8.84
N ILE F 195 -25.99 4.86 -8.55
CA ILE F 195 -26.00 3.47 -8.99
C ILE F 195 -25.99 3.36 -10.51
N CYS F 196 -26.94 4.14 -11.10
CA CYS F 196 -27.09 4.14 -12.54
C CYS F 196 -25.76 4.45 -13.22
N ALA F 197 -25.08 5.51 -12.76
CA ALA F 197 -23.77 5.88 -13.34
C ALA F 197 -22.74 4.77 -13.12
N HIS F 198 -22.62 4.23 -11.89
CA HIS F 198 -21.61 3.22 -11.56
C HIS F 198 -21.81 1.98 -12.40
N ALA F 200 -23.16 1.84 -15.34
CA ALA F 200 -22.86 2.14 -16.76
C ALA F 200 -21.37 2.15 -17.02
N GLU F 201 -20.63 2.80 -16.12
CA GLU F 201 -19.19 2.75 -16.18
C GLU F 201 -18.67 1.32 -16.13
N LYS F 202 -19.22 0.50 -15.23
CA LYS F 202 -18.76 -0.89 -15.13
C LYS F 202 -19.09 -1.73 -16.37
N ALA F 203 -20.20 -1.41 -17.03
CA ALA F 203 -20.64 -2.11 -18.25
C ALA F 203 -20.09 -1.52 -19.55
N SER F 204 -19.36 -0.40 -19.45
CA SER F 204 -18.95 0.37 -20.62
C SER F 204 -20.17 0.77 -21.47
N GLY F 205 -21.26 1.12 -20.77
CA GLY F 205 -22.44 1.62 -21.41
C GLY F 205 -22.51 3.14 -21.23
N THR F 206 -23.70 3.65 -21.55
CA THR F 206 -23.93 5.10 -21.35
C THR F 206 -25.05 5.20 -20.31
N TYR F 207 -25.31 6.41 -19.84
CA TYR F 207 -26.37 6.67 -18.88
C TYR F 207 -26.92 8.07 -19.00
N ARG F 208 -28.17 8.22 -18.50
CA ARG F 208 -28.86 9.53 -18.42
C ARG F 208 -29.28 9.70 -16.95
N LEU F 209 -29.46 10.91 -16.43
CA LEU F 209 -29.69 11.20 -14.96
C LEU F 209 -30.81 12.23 -14.72
N LEU F 210 -31.15 12.48 -13.43
CA LEU F 210 -32.33 13.25 -12.92
C LEU F 210 -31.95 13.91 -11.58
N PHE F 211 -32.90 14.48 -10.86
CA PHE F 211 -32.71 15.22 -9.59
C PHE F 211 -33.18 14.31 -8.45
N VAL F 212 -32.98 14.61 -7.17
CA VAL F 212 -33.52 13.65 -6.16
C VAL F 212 -34.95 14.07 -5.81
N PRO F 213 -35.96 13.25 -6.06
CA PRO F 213 -37.31 13.67 -5.76
C PRO F 213 -37.53 13.91 -4.26
N GLY F 214 -37.24 12.95 -3.37
CA GLY F 214 -37.59 13.03 -1.94
C GLY F 214 -39.09 13.05 -1.76
N GLN F 215 -39.60 13.89 -0.86
CA GLN F 215 -41.07 14.05 -0.72
C GLN F 215 -41.40 15.53 -0.96
N LEU F 216 -42.29 15.79 -1.90
CA LEU F 216 -42.60 17.20 -2.25
C LEU F 216 -44.05 17.29 -2.76
N SER F 217 -44.59 18.53 -2.93
CA SER F 217 -45.96 18.69 -3.49
C SER F 217 -45.99 18.15 -4.92
N GLN F 218 -47.10 17.53 -5.31
CA GLN F 218 -47.23 16.93 -6.67
C GLN F 218 -47.08 18.04 -7.72
N GLY F 219 -47.59 19.24 -7.44
CA GLY F 219 -47.50 20.36 -8.40
C GLY F 219 -46.06 20.72 -8.70
N ALA F 220 -45.18 20.68 -7.69
CA ALA F 220 -43.75 20.95 -7.94
C ALA F 220 -43.17 19.88 -8.87
N TYR F 221 -43.52 18.61 -8.65
CA TYR F 221 -43.06 17.53 -9.56
C TYR F 221 -43.64 17.78 -10.96
N SER F 222 -44.91 18.20 -11.05
CA SER F 222 -45.57 18.40 -12.36
C SER F 222 -44.83 19.47 -13.16
N SER F 223 -44.37 20.54 -12.50
CA SER F 223 -43.59 21.58 -13.21
C SER F 223 -42.30 20.95 -13.75
N ILE F 224 -41.62 20.09 -12.95
CA ILE F 224 -40.38 19.40 -13.42
C ILE F 224 -40.76 18.50 -14.60
N ILE F 225 -41.90 17.78 -14.49
CA ILE F 225 -42.39 16.91 -15.59
C ILE F 225 -42.70 17.74 -16.84
N GLU F 226 -43.32 18.93 -16.68
CA GLU F 226 -43.65 19.81 -17.83
C GLU F 226 -42.36 20.24 -18.56
N GLU F 227 -41.18 20.20 -17.93
CA GLU F 227 -39.93 20.75 -18.54
C GLU F 227 -39.32 19.89 -19.66
N PRO F 228 -38.80 20.49 -20.76
CA PRO F 228 -38.23 19.76 -21.91
C PRO F 228 -37.00 18.85 -21.79
N SER F 229 -35.83 19.35 -21.35
CA SER F 229 -34.60 18.52 -21.31
C SER F 229 -34.92 17.46 -20.26
N VAL F 230 -35.81 17.79 -19.31
CA VAL F 230 -36.26 16.85 -18.28
C VAL F 230 -37.19 15.80 -18.88
N LYS F 231 -38.11 16.28 -19.70
CA LYS F 231 -39.09 15.41 -20.34
C LYS F 231 -38.40 14.31 -21.14
N GLU F 232 -37.28 14.65 -21.79
CA GLU F 232 -36.52 13.69 -22.57
C GLU F 232 -36.02 12.52 -21.72
N VAL F 233 -35.51 12.83 -20.52
CA VAL F 233 -35.09 11.74 -19.62
C VAL F 233 -36.28 10.93 -19.10
N LEU F 234 -37.37 11.60 -18.74
CA LEU F 234 -38.58 10.85 -18.36
C LEU F 234 -39.13 9.94 -19.44
N ASN F 235 -39.09 10.40 -20.69
CA ASN F 235 -39.55 9.56 -21.80
C ASN F 235 -38.62 8.37 -22.01
N THR F 236 -37.35 8.55 -21.69
CA THR F 236 -36.39 7.45 -21.81
C THR F 236 -36.70 6.39 -20.77
N ILE F 237 -36.95 6.84 -19.53
CA ILE F 237 -37.38 5.93 -18.49
C ILE F 237 -38.66 5.19 -18.88
N LYS F 238 -39.60 5.89 -19.52
CA LYS F 238 -40.86 5.23 -19.97
C LYS F 238 -40.58 4.15 -21.02
N SER F 239 -39.46 4.30 -21.73
CA SER F 239 -39.09 3.34 -22.79
C SER F 239 -38.21 2.21 -22.28
N ALA F 240 -37.97 2.15 -20.97
CA ALA F 240 -37.13 1.08 -20.41
C ALA F 240 -37.47 -0.33 -20.92
N SER F 241 -36.43 -1.05 -21.33
CA SER F 241 -36.58 -2.44 -21.70
C SER F 241 -36.34 -3.39 -20.53
N LEU F 243 -36.03 -3.38 -15.98
CA LEU F 243 -36.01 -2.71 -14.65
C LEU F 243 -35.28 -3.63 -13.69
N VAL F 244 -34.34 -3.07 -12.91
CA VAL F 244 -33.61 -3.84 -11.89
C VAL F 244 -33.87 -3.10 -10.61
N HIS F 245 -34.55 -3.77 -9.68
CA HIS F 245 -34.99 -3.08 -8.46
C HIS F 245 -34.81 -3.91 -7.18
N GLY F 246 -34.77 -3.24 -6.03
CA GLY F 246 -34.73 -3.93 -4.74
C GLY F 246 -36.12 -4.05 -4.15
N ILE F 247 -36.19 -4.79 -3.04
CA ILE F 247 -37.42 -4.92 -2.26
C ILE F 247 -37.00 -4.69 -0.82
N GLY F 248 -37.70 -3.80 -0.13
CA GLY F 248 -37.38 -3.47 1.25
C GLY F 248 -38.52 -3.69 2.23
N GLU F 249 -38.19 -3.77 3.52
CA GLU F 249 -39.20 -3.68 4.60
C GLU F 249 -39.78 -2.26 4.61
N ALA F 250 -41.10 -2.13 4.73
CA ALA F 250 -41.71 -0.80 4.64
C ALA F 250 -41.27 0.16 5.74
N LYS F 251 -41.30 -0.29 7.00
CA LYS F 251 -40.98 0.63 8.10
C LYS F 251 -39.53 1.10 8.00
N THR F 252 -38.64 0.19 7.62
CA THR F 252 -37.21 0.49 7.47
C THR F 252 -36.99 1.56 6.40
N ALA F 254 -39.29 3.70 5.15
CA ALA F 254 -39.95 4.98 5.48
C ALA F 254 -39.19 5.78 6.53
N GLN F 255 -38.58 5.09 7.50
CA GLN F 255 -37.78 5.78 8.56
C GLN F 255 -36.43 6.24 8.01
N ARG F 256 -35.84 5.49 7.07
CA ARG F 256 -34.54 5.84 6.45
C ARG F 256 -34.64 7.17 5.66
N ARG F 257 -35.77 7.31 4.94
CA ARG F 257 -36.10 8.50 4.19
C ARG F 257 -36.54 9.62 5.16
N ASN F 258 -36.79 10.81 4.64
CA ASN F 258 -37.33 11.88 5.51
C ASN F 258 -38.85 11.88 5.43
N THR F 259 -39.50 10.73 5.65
CA THR F 259 -40.98 10.65 5.54
C THR F 259 -41.72 11.61 6.45
N PRO F 260 -42.62 12.45 5.91
CA PRO F 260 -43.50 13.33 6.69
C PRO F 260 -44.27 12.51 7.73
N LEU F 261 -44.49 13.07 8.91
CA LEU F 261 -45.23 12.41 9.96
C LEU F 261 -46.63 12.01 9.54
N GLU F 262 -47.33 12.88 8.81
CA GLU F 262 -48.61 12.47 8.19
C GLU F 262 -48.53 11.17 7.34
N ASP F 263 -47.47 11.01 6.58
CA ASP F 263 -47.35 9.82 5.72
C ASP F 263 -46.88 8.62 6.50
N LEU F 264 -46.08 8.84 7.55
CA LEU F 264 -45.71 7.70 8.41
C LEU F 264 -46.98 7.06 9.02
N LYS F 265 -47.92 7.91 9.45
CA LYS F 265 -49.15 7.45 10.09
C LYS F 265 -49.99 6.69 9.07
N LYS F 266 -50.06 7.22 7.85
CA LYS F 266 -50.76 6.56 6.74
C LYS F 266 -50.14 5.20 6.49
N ILE F 267 -48.82 5.15 6.47
CA ILE F 267 -48.10 3.89 6.16
C ILE F 267 -48.34 2.82 7.23
N ASP F 268 -48.30 3.25 8.48
CA ASP F 268 -48.56 2.38 9.63
C ASP F 268 -50.03 1.95 9.70
N ASP F 269 -50.94 2.90 9.52
CA ASP F 269 -52.35 2.64 9.69
C ASP F 269 -52.90 1.73 8.61
N ASN F 270 -52.24 1.70 7.46
CA ASN F 270 -52.67 0.85 6.34
C ASN F 270 -51.83 -0.42 6.24
N ASP F 271 -51.05 -0.67 7.28
CA ASP F 271 -50.34 -1.95 7.46
C ASP F 271 -49.40 -2.23 6.29
N ALA F 272 -48.62 -1.23 5.89
CA ALA F 272 -47.63 -1.49 4.85
C ALA F 272 -46.61 -2.45 5.40
N VAL F 273 -46.16 -3.39 4.57
CA VAL F 273 -45.12 -4.31 5.01
C VAL F 273 -43.90 -4.33 4.07
N THR F 274 -44.07 -3.94 2.80
CA THR F 274 -43.01 -4.03 1.82
C THR F 274 -42.92 -2.72 1.02
N GLU F 275 -41.75 -2.49 0.46
CA GLU F 275 -41.50 -1.31 -0.36
C GLU F 275 -40.73 -1.72 -1.64
N ALA F 276 -41.11 -1.14 -2.77
CA ALA F 276 -40.34 -1.30 -4.00
C ALA F 276 -40.59 -0.09 -4.90
N PHE F 277 -39.49 0.44 -5.45
CA PHE F 277 -39.46 1.54 -6.40
C PHE F 277 -40.44 2.63 -6.04
N GLY F 278 -40.41 3.02 -4.77
CA GLY F 278 -41.12 4.23 -4.36
C GLY F 278 -42.55 4.00 -3.98
N TYR F 279 -42.96 2.74 -3.87
CA TYR F 279 -44.31 2.37 -3.47
C TYR F 279 -44.26 1.53 -2.22
N TYR F 280 -45.30 1.66 -1.35
CA TYR F 280 -45.40 0.80 -0.14
C TYR F 280 -46.63 -0.03 -0.36
N PHE F 281 -46.51 -1.31 -0.02
CA PHE F 281 -47.58 -2.29 -0.24
C PHE F 281 -47.93 -3.02 1.03
N ASN F 282 -49.18 -3.47 1.13
CA ASN F 282 -49.60 -4.22 2.28
C ASN F 282 -49.31 -5.71 2.07
N ALA F 283 -49.73 -6.52 3.05
CA ALA F 283 -49.45 -7.98 3.01
C ALA F 283 -50.07 -8.74 1.82
N ASP F 284 -51.09 -8.15 1.22
CA ASP F 284 -51.69 -8.68 0.01
C ASP F 284 -51.09 -8.11 -1.26
N GLY F 285 -50.01 -7.33 -1.13
CA GLY F 285 -49.32 -6.74 -2.28
C GLY F 285 -50.04 -5.58 -2.96
N GLU F 286 -51.03 -5.00 -2.25
CA GLU F 286 -51.75 -3.80 -2.74
C GLU F 286 -51.03 -2.50 -2.33
N VAL F 287 -50.93 -1.56 -3.27
CA VAL F 287 -50.33 -0.25 -2.94
C VAL F 287 -51.12 0.41 -1.81
N VAL F 288 -50.41 0.87 -0.77
CA VAL F 288 -51.07 1.67 0.25
C VAL F 288 -50.57 3.11 0.33
N HIS F 289 -49.39 3.38 -0.23
CA HIS F 289 -48.85 4.71 -0.29
C HIS F 289 -47.78 4.75 -1.36
N LYS F 290 -47.67 5.90 -2.02
CA LYS F 290 -46.65 6.14 -3.04
C LYS F 290 -45.83 7.41 -2.68
N VAL F 291 -44.51 7.26 -2.56
CA VAL F 291 -43.68 8.47 -2.37
C VAL F 291 -43.60 9.06 -3.76
N HIS F 292 -44.26 10.19 -4.01
CA HIS F 292 -44.31 10.77 -5.39
C HIS F 292 -42.89 11.00 -5.91
N SER F 293 -42.60 10.51 -7.13
CA SER F 293 -41.27 10.76 -7.74
C SER F 293 -41.42 10.97 -9.25
N VAL F 294 -40.50 11.73 -9.84
CA VAL F 294 -40.54 11.87 -11.33
C VAL F 294 -39.94 10.59 -11.92
N GLY F 295 -40.74 9.86 -12.68
CA GLY F 295 -40.26 8.66 -13.31
C GLY F 295 -41.30 7.55 -13.27
N GLN F 297 -43.89 4.61 -12.80
CA GLN F 297 -45.09 4.34 -12.04
C GLN F 297 -45.39 2.84 -12.08
N LEU F 298 -46.10 2.35 -11.07
CA LEU F 298 -46.43 0.92 -10.99
C LEU F 298 -47.12 0.44 -12.26
N ASP F 299 -48.00 1.26 -12.83
CA ASP F 299 -48.66 0.81 -14.07
C ASP F 299 -47.67 0.60 -15.22
N ASP F 300 -46.53 1.29 -15.19
CA ASP F 300 -45.53 1.20 -16.27
C ASP F 300 -44.80 -0.14 -16.32
N ILE F 301 -44.73 -0.87 -15.20
CA ILE F 301 -43.92 -2.13 -15.18
C ILE F 301 -44.46 -3.22 -16.11
N ASP F 302 -45.77 -3.19 -16.31
CA ASP F 302 -46.47 -4.11 -17.20
C ASP F 302 -45.82 -4.14 -18.58
N ALA F 303 -45.44 -2.97 -19.08
CA ALA F 303 -44.88 -2.85 -20.43
C ALA F 303 -43.37 -3.07 -20.54
N ILE F 304 -42.70 -3.32 -19.42
CA ILE F 304 -41.26 -3.60 -19.44
C ILE F 304 -41.04 -5.09 -19.64
N PRO F 305 -40.35 -5.48 -20.73
CA PRO F 305 -40.17 -6.90 -20.99
C PRO F 305 -39.49 -7.73 -19.91
N ASP F 306 -38.47 -7.15 -19.27
CA ASP F 306 -37.65 -7.86 -18.27
C ASP F 306 -37.54 -7.10 -16.98
N ILE F 307 -37.98 -7.71 -15.90
CA ILE F 307 -37.88 -7.08 -14.58
C ILE F 307 -37.15 -8.07 -13.70
N ILE F 308 -36.14 -7.59 -13.00
CA ILE F 308 -35.34 -8.44 -12.12
C ILE F 308 -35.34 -7.75 -10.77
N ALA F 309 -35.86 -8.42 -9.75
CA ALA F 309 -35.85 -7.94 -8.37
C ALA F 309 -34.70 -8.65 -7.69
N VAL F 310 -33.90 -7.90 -6.94
CA VAL F 310 -32.75 -8.50 -6.26
C VAL F 310 -32.87 -8.16 -4.79
N ALA F 311 -33.10 -9.17 -3.97
CA ALA F 311 -33.43 -8.93 -2.56
C ALA F 311 -33.30 -10.20 -1.80
N GLY F 312 -32.69 -10.13 -0.62
CA GLY F 312 -32.51 -11.35 0.19
C GLY F 312 -32.25 -11.03 1.64
N GLY F 313 -31.86 -12.06 2.38
CA GLY F 313 -31.70 -11.96 3.84
C GLY F 313 -32.97 -12.40 4.56
N SER F 314 -32.82 -13.11 5.66
CA SER F 314 -33.98 -13.60 6.43
C SER F 314 -34.93 -12.48 6.87
N SER F 315 -34.41 -11.28 7.13
CA SER F 315 -35.27 -10.17 7.56
C SER F 315 -36.23 -9.66 6.49
N LYS F 316 -35.99 -10.05 5.23
CA LYS F 316 -36.84 -9.60 4.15
C LYS F 316 -37.83 -10.63 3.69
N ALA F 317 -37.90 -11.80 4.33
CA ALA F 317 -38.77 -12.86 3.86
C ALA F 317 -40.21 -12.37 3.73
N GLU F 318 -40.72 -11.73 4.79
CA GLU F 318 -42.11 -11.23 4.80
C GLU F 318 -42.37 -10.15 3.71
N ALA F 319 -41.45 -9.20 3.55
CA ALA F 319 -41.57 -8.19 2.50
C ALA F 319 -41.58 -8.81 1.09
N ILE F 320 -40.73 -9.82 0.89
CA ILE F 320 -40.60 -10.45 -0.41
C ILE F 320 -41.87 -11.21 -0.71
N GLU F 321 -42.35 -11.98 0.27
CA GLU F 321 -43.62 -12.70 0.12
C GLU F 321 -44.78 -11.73 -0.24
N ALA F 322 -44.86 -10.60 0.46
CA ALA F 322 -45.97 -9.65 0.25
C ALA F 322 -45.92 -9.03 -1.14
N TYR F 323 -44.72 -8.61 -1.54
CA TYR F 323 -44.55 -7.97 -2.84
C TYR F 323 -45.05 -8.89 -3.93
N PHE F 324 -44.76 -10.18 -3.81
CA PHE F 324 -45.13 -11.13 -4.89
C PHE F 324 -46.46 -11.85 -4.67
N LYS F 325 -47.31 -11.26 -3.82
CA LYS F 325 -48.70 -11.72 -3.70
C LYS F 325 -49.53 -11.41 -4.93
N LYS F 326 -49.04 -10.49 -5.76
CA LYS F 326 -49.62 -10.21 -7.08
C LYS F 326 -48.61 -10.55 -8.18
N PRO F 327 -49.10 -10.92 -9.40
CA PRO F 327 -48.19 -11.13 -10.51
C PRO F 327 -47.42 -9.88 -10.89
N ARG F 328 -46.12 -10.02 -11.06
CA ARG F 328 -45.26 -8.91 -11.42
C ARG F 328 -44.41 -9.26 -12.64
N ASN F 329 -44.57 -10.49 -13.16
CA ASN F 329 -43.80 -10.99 -14.31
C ASN F 329 -42.31 -10.77 -14.09
N THR F 330 -41.85 -11.02 -12.87
CA THR F 330 -40.49 -10.66 -12.43
C THR F 330 -39.62 -11.88 -12.11
N VAL F 331 -38.32 -11.79 -12.38
CA VAL F 331 -37.41 -12.86 -11.98
C VAL F 331 -36.85 -12.37 -10.63
N LEU F 332 -36.90 -13.22 -9.61
CA LEU F 332 -36.32 -12.82 -8.33
C LEU F 332 -34.95 -13.46 -8.11
N VAL F 333 -33.98 -12.62 -7.79
CA VAL F 333 -32.64 -13.09 -7.36
C VAL F 333 -32.59 -12.91 -5.87
N THR F 334 -32.45 -14.02 -5.16
CA THR F 334 -32.54 -13.96 -3.69
C THR F 334 -31.52 -14.94 -3.09
N ASP F 335 -31.59 -15.16 -1.77
CA ASP F 335 -30.66 -16.06 -1.10
C ASP F 335 -31.40 -17.06 -0.24
N GLU F 336 -30.70 -18.07 0.27
CA GLU F 336 -31.33 -19.05 1.15
C GLU F 336 -31.92 -18.42 2.41
N GLY F 337 -31.25 -17.38 2.92
CA GLY F 337 -31.75 -16.66 4.09
C GLY F 337 -33.23 -16.40 3.92
N ALA F 338 -33.57 -15.70 2.84
CA ALA F 338 -34.95 -15.33 2.59
C ALA F 338 -35.80 -16.53 2.14
N ALA F 339 -35.30 -17.30 1.19
CA ALA F 339 -36.08 -18.40 0.59
C ALA F 339 -36.50 -19.50 1.59
N LYS F 340 -35.58 -19.91 2.46
CA LYS F 340 -35.86 -20.96 3.44
C LYS F 340 -36.76 -20.48 4.55
N LYS F 341 -36.60 -19.22 4.96
CA LYS F 341 -37.47 -18.64 5.96
C LYS F 341 -38.89 -18.51 5.42
N LEU F 342 -39.02 -18.17 4.14
CA LEU F 342 -40.32 -18.03 3.51
C LEU F 342 -40.99 -19.41 3.39
N LEU F 343 -40.24 -20.41 2.95
CA LEU F 343 -40.79 -21.72 2.60
C LEU F 343 -40.87 -22.69 3.79
N ARG F 344 -40.28 -22.33 4.93
CA ARG F 344 -40.32 -23.20 6.14
C ARG F 344 -39.97 -22.36 7.37
#